data_7S26
#
_entry.id   7S26
#
_cell.length_a   57.141
_cell.length_b   101.596
_cell.length_c   182.663
_cell.angle_alpha   90.000
_cell.angle_beta   91.980
_cell.angle_gamma   90.000
#
_symmetry.space_group_name_H-M   'P 1 21 1'
#
loop_
_entity.id
_entity.type
_entity.pdbx_description
1 polymer 'Rho-associated protein kinase 1'
2 non-polymer '4-(2-HYDROXYETHYL)-1-PIPERAZINE ETHANESULFONIC ACID'
3 non-polymer 2-[methyl(phenyl)amino]-1-[4-(1H-pyrrolo[2,3-b]pyridin-3-yl)-3,6-dihydropyridin-1(2H)-yl]ethan-1-one
4 water water
#
_entity_poly.entity_id   1
_entity_poly.type   'polypeptide(L)'
_entity_poly.pdbx_seq_one_letter_code
;ASFETRFEKMDNLLRDPKSEVNSDCLLDGLDALVYDLDFPALRKNKNIDNFLSRYKDTINKIRDLRMKAEDYEVVKVIGR
GAFGEVQLVRHKSTRKVYAMKLLSKFEMIKRSDSAFFWEERDIMAFANSPWVVQLFYAFQDDRYLYMVMEYMPGGDLVNL
MSNYDVPEKWARFYTAEVVLALDAIHSMGFIHRDVKPDNMLLDKSGHLKLADFGTCMKMNKEGMVRCDTAVGTPDYISPE
VLKSQGGDGYYGRECDWWSVGVFLYEMLVGDTPFYADSLVGTYSKIMNHKNSLTFPDDNDISKEAKNLICAFLTDREVRL
GRNGVEEIKRHLFFKNDQWAWETLRDTVAPVVPDLSSDIDTSNFDDLEEDKGEEETFPIPKAFVGNQLPFVGFTYYSN
;
_entity_poly.pdbx_strand_id   A,B,C,D
#
# COMPACT_ATOMS: atom_id res chain seq x y z
N ALA A 1 7.38 9.50 -9.25
CA ALA A 1 8.44 8.65 -8.72
C ALA A 1 7.96 7.24 -8.47
N SER A 2 8.53 6.27 -9.21
CA SER A 2 8.34 4.81 -9.17
C SER A 2 6.93 4.29 -9.55
N PHE A 3 5.87 5.13 -9.57
CA PHE A 3 4.47 4.74 -9.87
C PHE A 3 3.86 3.93 -8.71
N GLU A 4 4.43 2.75 -8.40
CA GLU A 4 3.97 1.95 -7.25
C GLU A 4 4.25 2.72 -5.93
N THR A 5 5.26 3.61 -5.92
CA THR A 5 5.62 4.49 -4.81
C THR A 5 4.50 5.53 -4.66
N ARG A 6 4.01 6.09 -5.78
CA ARG A 6 2.90 7.05 -5.81
C ARG A 6 1.62 6.41 -5.30
N PHE A 7 1.32 5.19 -5.75
CA PHE A 7 0.09 4.52 -5.32
C PHE A 7 0.21 3.90 -3.92
N GLU A 8 1.43 3.84 -3.35
CA GLU A 8 1.60 3.38 -1.98
C GLU A 8 1.51 4.58 -1.03
N LYS A 9 2.08 5.74 -1.43
CA LYS A 9 1.97 7.01 -0.69
C LYS A 9 0.49 7.41 -0.56
N MET A 10 -0.32 7.13 -1.59
CA MET A 10 -1.72 7.42 -1.64
C MET A 10 -2.43 6.59 -0.59
N ASP A 11 -2.20 5.28 -0.56
CA ASP A 11 -2.84 4.42 0.44
C ASP A 11 -2.45 4.84 1.87
N ASN A 12 -1.28 5.47 2.06
CA ASN A 12 -0.89 5.98 3.37
C ASN A 12 -1.82 7.17 3.73
N LEU A 13 -1.96 8.14 2.82
CA LEU A 13 -2.84 9.29 3.03
C LEU A 13 -4.30 8.87 3.30
N LEU A 14 -4.71 7.74 2.72
CA LEU A 14 -6.06 7.19 2.87
C LEU A 14 -6.28 6.39 4.16
N ARG A 15 -5.20 5.96 4.83
CA ARG A 15 -5.32 5.16 6.03
C ARG A 15 -4.93 5.89 7.31
N ASP A 16 -3.95 6.80 7.21
CA ASP A 16 -3.41 7.56 8.33
C ASP A 16 -4.50 8.32 9.08
N PRO A 17 -4.74 8.01 10.37
CA PRO A 17 -5.80 8.72 11.12
C PRO A 17 -5.57 10.21 11.26
N LYS A 18 -4.31 10.67 11.22
CA LYS A 18 -3.99 12.09 11.32
C LYS A 18 -3.99 12.79 9.95
N SER A 19 -4.46 12.11 8.88
CA SER A 19 -4.49 12.69 7.54
C SER A 19 -5.82 13.43 7.30
N GLU A 20 -5.73 14.58 6.62
CA GLU A 20 -6.89 15.39 6.24
C GLU A 20 -7.83 14.62 5.31
N VAL A 21 -7.26 13.72 4.48
CA VAL A 21 -7.98 12.98 3.46
C VAL A 21 -8.01 11.46 3.64
N ASN A 22 -8.11 10.96 4.87
CA ASN A 22 -8.30 9.51 5.04
C ASN A 22 -9.75 9.15 4.59
N SER A 23 -10.14 7.87 4.57
CA SER A 23 -11.48 7.49 4.09
C SER A 23 -12.66 8.06 4.93
N ASP A 24 -12.42 8.41 6.21
CA ASP A 24 -13.47 9.00 7.06
C ASP A 24 -13.68 10.45 6.69
N CYS A 25 -12.62 11.20 6.46
CA CYS A 25 -12.73 12.60 6.04
C CYS A 25 -13.30 12.69 4.62
N LEU A 26 -12.94 11.75 3.75
CA LEU A 26 -13.49 11.71 2.40
C LEU A 26 -15.03 11.41 2.47
N LEU A 27 -15.51 10.45 3.29
CA LEU A 27 -16.94 10.20 3.42
C LEU A 27 -17.65 11.44 4.04
N ASP A 28 -16.95 12.21 4.89
CA ASP A 28 -17.47 13.43 5.48
C ASP A 28 -17.77 14.44 4.39
N GLY A 29 -16.90 14.55 3.38
CA GLY A 29 -17.06 15.46 2.26
C GLY A 29 -18.27 15.12 1.41
N LEU A 30 -18.48 13.85 1.17
CA LEU A 30 -19.60 13.36 0.39
C LEU A 30 -20.89 13.55 1.17
N ASP A 31 -20.88 13.27 2.47
CA ASP A 31 -22.06 13.44 3.32
C ASP A 31 -22.42 14.93 3.44
N ALA A 32 -21.42 15.80 3.51
CA ALA A 32 -21.60 17.25 3.59
C ALA A 32 -22.16 17.79 2.30
N LEU A 33 -21.74 17.26 1.16
CA LEU A 33 -22.21 17.67 -0.14
C LEU A 33 -23.68 17.25 -0.35
N VAL A 34 -24.10 16.06 0.12
CA VAL A 34 -25.49 15.65 0.01
C VAL A 34 -26.40 16.51 0.91
N TYR A 35 -25.91 17.00 2.05
CA TYR A 35 -26.73 17.83 2.93
C TYR A 35 -26.87 19.21 2.32
N ASP A 36 -25.74 19.81 1.93
CA ASP A 36 -25.68 21.13 1.37
C ASP A 36 -26.27 21.31 -0.04
N LEU A 37 -26.57 20.21 -0.75
CA LEU A 37 -27.12 20.34 -2.09
C LEU A 37 -28.60 19.97 -2.17
N ASP A 38 -29.10 19.15 -1.24
CA ASP A 38 -30.48 18.64 -1.29
C ASP A 38 -31.53 19.64 -0.88
N PHE A 39 -31.70 20.68 -1.69
CA PHE A 39 -32.69 21.75 -1.53
C PHE A 39 -33.35 21.97 -2.87
N PRO A 40 -34.66 22.24 -2.89
CA PRO A 40 -35.38 22.34 -4.19
C PRO A 40 -34.86 23.39 -5.15
N ALA A 41 -34.39 24.53 -4.64
CA ALA A 41 -33.83 25.59 -5.47
C ALA A 41 -32.52 25.13 -6.11
N LEU A 42 -31.69 24.41 -5.38
CA LEU A 42 -30.43 23.90 -5.90
C LEU A 42 -30.64 22.70 -6.86
N ARG A 43 -31.64 21.88 -6.59
CA ARG A 43 -32.00 20.74 -7.43
C ARG A 43 -32.45 21.17 -8.86
N LYS A 44 -32.68 22.47 -9.11
CA LYS A 44 -33.02 22.98 -10.45
C LYS A 44 -31.80 22.92 -11.39
N ASN A 45 -30.58 22.98 -10.84
CA ASN A 45 -29.31 22.83 -11.56
C ASN A 45 -29.24 21.35 -11.89
N LYS A 46 -29.13 21.00 -13.18
CA LYS A 46 -29.11 19.59 -13.60
C LYS A 46 -27.95 18.82 -13.00
N ASN A 47 -26.77 19.47 -12.89
CA ASN A 47 -25.59 18.84 -12.31
C ASN A 47 -25.83 18.41 -10.86
N ILE A 48 -26.53 19.27 -10.09
CA ILE A 48 -26.84 19.00 -8.71
C ILE A 48 -27.91 17.95 -8.58
N ASP A 49 -29.04 18.09 -9.31
CA ASP A 49 -30.16 17.12 -9.24
C ASP A 49 -29.76 15.73 -9.68
N ASN A 50 -28.91 15.64 -10.71
CA ASN A 50 -28.47 14.34 -11.20
C ASN A 50 -27.50 13.69 -10.23
N PHE A 51 -26.56 14.48 -9.66
CA PHE A 51 -25.57 14.00 -8.66
C PHE A 51 -26.27 13.43 -7.42
N LEU A 52 -27.30 14.14 -6.94
CA LEU A 52 -28.07 13.73 -5.77
C LEU A 52 -28.86 12.46 -6.01
N SER A 53 -29.35 12.25 -7.22
CA SER A 53 -30.09 11.02 -7.57
C SER A 53 -29.13 9.82 -7.56
N ARG A 54 -27.92 10.02 -8.09
CA ARG A 54 -26.86 9.04 -8.19
C ARG A 54 -26.26 8.65 -6.83
N TYR A 55 -26.26 9.56 -5.84
CA TYR A 55 -25.66 9.31 -4.53
C TYR A 55 -26.57 9.33 -3.34
N LYS A 56 -27.83 9.71 -3.49
CA LYS A 56 -28.77 9.82 -2.37
C LYS A 56 -28.97 8.50 -1.67
N ASP A 57 -29.01 7.41 -2.46
CA ASP A 57 -29.24 6.07 -2.03
C ASP A 57 -28.06 5.63 -1.15
N THR A 58 -26.83 5.66 -1.71
CA THR A 58 -25.66 5.21 -0.99
C THR A 58 -25.34 6.08 0.20
N ILE A 59 -25.59 7.39 0.12
CA ILE A 59 -25.33 8.28 1.26
C ILE A 59 -26.23 7.99 2.44
N ASN A 60 -27.47 7.59 2.18
CA ASN A 60 -28.39 7.24 3.25
C ASN A 60 -28.06 5.85 3.83
N LYS A 61 -27.56 4.94 2.98
CA LYS A 61 -27.10 3.62 3.38
C LYS A 61 -25.89 3.80 4.30
N ILE A 62 -24.91 4.65 3.89
CA ILE A 62 -23.71 4.95 4.66
C ILE A 62 -24.04 5.65 5.98
N ARG A 63 -25.01 6.58 6.00
CA ARG A 63 -25.44 7.25 7.24
C ARG A 63 -25.91 6.23 8.28
N ASP A 64 -26.53 5.12 7.83
CA ASP A 64 -27.02 4.10 8.74
C ASP A 64 -25.88 3.23 9.25
N LEU A 65 -24.94 2.83 8.36
CA LEU A 65 -23.81 1.99 8.70
C LEU A 65 -22.84 2.68 9.64
N ARG A 66 -22.54 3.95 9.36
CA ARG A 66 -21.63 4.74 10.19
C ARG A 66 -22.22 5.02 11.57
N MET A 67 -21.37 5.41 12.52
CA MET A 67 -21.81 5.71 13.86
C MET A 67 -22.74 6.92 13.86
N LYS A 68 -23.79 6.85 14.68
CA LYS A 68 -24.79 7.91 14.77
C LYS A 68 -25.31 8.06 16.20
N ALA A 69 -25.95 9.19 16.52
CA ALA A 69 -26.44 9.44 17.88
C ALA A 69 -27.39 8.36 18.37
N GLU A 70 -28.22 7.81 17.46
CA GLU A 70 -29.20 6.75 17.79
C GLU A 70 -28.55 5.48 18.30
N ASP A 71 -27.22 5.28 18.08
CA ASP A 71 -26.52 4.11 18.62
C ASP A 71 -26.32 4.25 20.14
N TYR A 72 -26.56 5.43 20.71
CA TYR A 72 -26.36 5.69 22.12
C TYR A 72 -27.68 6.01 22.83
N GLU A 73 -27.78 5.51 24.04
CA GLU A 73 -28.90 5.73 24.92
C GLU A 73 -28.46 6.79 25.94
N VAL A 74 -29.09 7.97 25.93
CA VAL A 74 -28.77 9.03 26.88
C VAL A 74 -29.21 8.64 28.30
N VAL A 75 -28.33 8.81 29.29
CA VAL A 75 -28.59 8.44 30.67
C VAL A 75 -28.78 9.66 31.60
N LYS A 76 -28.07 10.77 31.36
CA LYS A 76 -28.15 12.01 32.16
C LYS A 76 -27.42 13.06 31.35
N VAL A 77 -27.51 14.31 31.78
CA VAL A 77 -26.72 15.38 31.22
C VAL A 77 -25.79 15.77 32.37
N ILE A 78 -24.48 15.49 32.25
CA ILE A 78 -23.54 15.76 33.35
C ILE A 78 -22.73 17.06 33.18
N GLY A 79 -23.07 17.87 32.18
CA GLY A 79 -22.36 19.10 31.92
C GLY A 79 -22.97 19.90 30.81
N ARG A 80 -22.68 21.21 30.78
CA ARG A 80 -23.25 22.09 29.77
C ARG A 80 -22.32 23.25 29.45
N GLY A 81 -22.45 23.75 28.24
CA GLY A 81 -21.66 24.86 27.73
C GLY A 81 -22.47 25.76 26.83
N ALA A 82 -21.86 26.82 26.31
CA ALA A 82 -22.57 27.76 25.44
C ALA A 82 -23.09 27.11 24.14
N PHE A 83 -22.25 26.24 23.52
CA PHE A 83 -22.55 25.59 22.24
C PHE A 83 -23.03 24.17 22.33
N GLY A 84 -23.30 23.65 23.53
CA GLY A 84 -23.75 22.29 23.67
C GLY A 84 -23.78 21.73 25.07
N GLU A 85 -23.77 20.41 25.18
CA GLU A 85 -23.81 19.74 26.47
C GLU A 85 -22.97 18.43 26.52
N VAL A 86 -22.79 17.84 27.71
CA VAL A 86 -22.06 16.61 27.89
C VAL A 86 -23.06 15.66 28.50
N GLN A 87 -23.27 14.52 27.86
CA GLN A 87 -24.22 13.55 28.35
C GLN A 87 -23.54 12.27 28.72
N LEU A 88 -23.98 11.66 29.81
CA LEU A 88 -23.52 10.33 30.18
C LEU A 88 -24.38 9.42 29.28
N VAL A 89 -23.76 8.67 28.37
CA VAL A 89 -24.46 7.82 27.43
C VAL A 89 -24.04 6.36 27.53
N ARG A 90 -24.85 5.43 27.01
CA ARG A 90 -24.54 4.03 27.01
C ARG A 90 -24.73 3.53 25.60
N HIS A 91 -23.72 2.89 24.99
CA HIS A 91 -23.87 2.35 23.64
C HIS A 91 -24.92 1.23 23.67
N LYS A 92 -25.89 1.27 22.76
CA LYS A 92 -26.97 0.31 22.73
C LYS A 92 -26.48 -1.13 22.58
N SER A 93 -25.65 -1.37 21.56
CA SER A 93 -25.08 -2.68 21.26
C SER A 93 -24.07 -3.18 22.31
N THR A 94 -22.99 -2.39 22.59
CA THR A 94 -21.92 -2.81 23.51
C THR A 94 -22.24 -2.62 24.99
N ARG A 95 -23.25 -1.81 25.34
CA ARG A 95 -23.67 -1.56 26.72
C ARG A 95 -22.63 -0.79 27.57
N LYS A 96 -21.51 -0.35 26.95
CA LYS A 96 -20.44 0.38 27.61
C LYS A 96 -20.86 1.83 27.80
N VAL A 97 -20.57 2.42 28.97
CA VAL A 97 -20.92 3.82 29.20
C VAL A 97 -19.74 4.76 28.83
N TYR A 98 -20.07 5.95 28.30
CA TYR A 98 -19.13 6.97 27.88
C TYR A 98 -19.66 8.35 28.23
N ALA A 99 -18.87 9.40 27.96
CA ALA A 99 -19.31 10.77 28.12
C ALA A 99 -19.31 11.30 26.70
N MET A 100 -20.46 11.79 26.23
CA MET A 100 -20.55 12.30 24.89
C MET A 100 -20.70 13.81 24.91
N LYS A 101 -19.83 14.54 24.21
CA LYS A 101 -19.92 15.99 24.14
C LYS A 101 -20.60 16.35 22.82
N LEU A 102 -21.63 17.19 22.85
CA LEU A 102 -22.35 17.59 21.65
C LEU A 102 -22.09 19.05 21.37
N LEU A 103 -21.85 19.43 20.12
CA LEU A 103 -21.64 20.82 19.74
C LEU A 103 -22.64 21.15 18.62
N SER A 104 -23.50 22.13 18.85
CA SER A 104 -24.51 22.58 17.91
C SER A 104 -23.93 23.29 16.69
N LYS A 105 -24.11 22.72 15.50
CA LYS A 105 -23.68 23.33 14.25
C LYS A 105 -24.42 24.64 13.98
N PHE A 106 -25.74 24.77 14.39
CA PHE A 106 -26.39 26.07 14.17
C PHE A 106 -25.81 27.12 15.04
N GLU A 107 -25.67 26.85 16.35
CA GLU A 107 -25.05 27.85 17.25
C GLU A 107 -23.70 28.25 16.82
N MET A 108 -22.93 27.32 16.29
CA MET A 108 -21.58 27.55 15.80
C MET A 108 -21.57 28.43 14.55
N ILE A 109 -22.42 28.10 13.54
CA ILE A 109 -22.46 28.88 12.29
C ILE A 109 -23.03 30.28 12.57
N LYS A 110 -24.15 30.33 13.33
CA LYS A 110 -24.85 31.56 13.74
C LYS A 110 -23.90 32.55 14.39
N ARG A 111 -23.09 32.10 15.34
CA ARG A 111 -22.13 32.95 16.05
C ARG A 111 -20.79 33.09 15.34
N SER A 112 -20.65 32.57 14.09
CA SER A 112 -19.44 32.58 13.27
C SER A 112 -18.21 32.04 14.02
N ASP A 113 -18.43 30.96 14.76
CA ASP A 113 -17.39 30.31 15.55
C ASP A 113 -17.48 28.81 15.26
N SER A 114 -16.77 28.35 14.21
CA SER A 114 -16.83 26.93 13.85
C SER A 114 -15.46 26.33 13.53
N ALA A 115 -14.45 26.63 14.36
CA ALA A 115 -13.12 26.07 14.16
C ALA A 115 -12.32 25.85 15.47
N PHE A 116 -12.95 26.03 16.63
CA PHE A 116 -12.31 25.90 17.93
C PHE A 116 -12.08 24.49 18.39
N PHE A 117 -12.92 23.56 17.91
CA PHE A 117 -12.96 22.15 18.30
C PHE A 117 -11.88 21.28 17.67
N TRP A 118 -11.14 21.77 16.67
CA TRP A 118 -10.14 20.97 15.99
C TRP A 118 -9.00 20.57 16.89
N GLU A 119 -8.60 21.45 17.81
CA GLU A 119 -7.50 21.19 18.72
C GLU A 119 -7.96 20.18 19.77
N GLU A 120 -9.15 20.37 20.34
CA GLU A 120 -9.70 19.43 21.31
C GLU A 120 -9.82 18.03 20.72
N ARG A 121 -10.33 17.92 19.50
CA ARG A 121 -10.47 16.65 18.80
C ARG A 121 -9.12 15.95 18.64
N ASP A 122 -8.09 16.67 18.17
CA ASP A 122 -6.74 16.11 17.96
C ASP A 122 -5.99 15.73 19.26
N ILE A 123 -6.10 16.58 20.30
CA ILE A 123 -5.49 16.29 21.58
C ILE A 123 -6.09 15.00 22.17
N MET A 124 -7.41 14.91 22.32
CA MET A 124 -8.04 13.74 22.88
C MET A 124 -7.91 12.51 22.05
N ALA A 125 -7.84 12.65 20.73
CA ALA A 125 -7.71 11.48 19.84
C ALA A 125 -6.31 10.94 19.74
N PHE A 126 -5.30 11.82 19.76
CA PHE A 126 -3.93 11.39 19.51
C PHE A 126 -2.94 11.50 20.68
N ALA A 127 -3.34 12.10 21.81
CA ALA A 127 -2.42 12.23 22.96
C ALA A 127 -1.83 10.95 23.45
N ASN A 128 -2.61 9.84 23.43
CA ASN A 128 -2.18 8.51 23.87
C ASN A 128 -1.47 8.54 25.21
N SER A 129 -2.07 9.20 26.18
CA SER A 129 -1.46 9.40 27.46
C SER A 129 -2.36 8.94 28.57
N PRO A 130 -1.86 8.25 29.60
CA PRO A 130 -2.73 7.93 30.76
C PRO A 130 -3.31 9.17 31.47
N TRP A 131 -2.85 10.38 31.08
CA TRP A 131 -3.16 11.67 31.72
C TRP A 131 -4.06 12.59 30.91
N VAL A 132 -4.49 12.17 29.71
CA VAL A 132 -5.36 12.99 28.88
C VAL A 132 -6.61 12.18 28.60
N VAL A 133 -7.81 12.79 28.74
CA VAL A 133 -9.08 12.11 28.47
C VAL A 133 -9.11 11.65 27.05
N GLN A 134 -9.38 10.35 26.82
CA GLN A 134 -9.38 9.83 25.46
C GLN A 134 -10.71 10.04 24.71
N LEU A 135 -10.60 10.28 23.40
CA LEU A 135 -11.69 10.40 22.46
C LEU A 135 -11.64 9.09 21.71
N PHE A 136 -12.67 8.25 21.88
CA PHE A 136 -12.76 6.97 21.22
C PHE A 136 -13.32 7.15 19.83
N TYR A 137 -14.42 7.90 19.71
CA TYR A 137 -15.07 8.14 18.43
C TYR A 137 -15.54 9.57 18.32
N ALA A 138 -15.61 10.09 17.12
CA ALA A 138 -16.12 11.42 16.89
C ALA A 138 -16.93 11.27 15.60
N PHE A 139 -18.16 11.73 15.62
CA PHE A 139 -19.04 11.66 14.47
C PHE A 139 -19.90 12.94 14.36
N GLN A 140 -20.79 12.97 13.38
CA GLN A 140 -21.63 14.13 13.15
C GLN A 140 -22.85 13.79 12.32
N ASP A 141 -23.85 14.64 12.44
CA ASP A 141 -25.02 14.65 11.58
C ASP A 141 -25.17 16.09 11.01
N ASP A 142 -26.34 16.47 10.56
CA ASP A 142 -26.56 17.82 9.99
C ASP A 142 -26.63 18.90 11.09
N ARG A 143 -26.98 18.50 12.34
CA ARG A 143 -27.15 19.43 13.44
C ARG A 143 -26.03 19.47 14.47
N TYR A 144 -25.42 18.32 14.81
CA TYR A 144 -24.39 18.27 15.85
C TYR A 144 -23.08 17.58 15.48
N LEU A 145 -22.01 17.94 16.22
CA LEU A 145 -20.71 17.29 16.26
C LEU A 145 -20.78 16.48 17.56
N TYR A 146 -20.40 15.21 17.55
CA TYR A 146 -20.41 14.38 18.74
C TYR A 146 -19.01 13.89 19.05
N MET A 147 -18.65 13.88 20.35
CA MET A 147 -17.35 13.42 20.82
C MET A 147 -17.56 12.37 21.89
N VAL A 148 -17.25 11.11 21.58
CA VAL A 148 -17.39 10.01 22.54
C VAL A 148 -16.06 9.85 23.27
N MET A 149 -16.08 10.16 24.55
CA MET A 149 -14.92 10.15 25.39
C MET A 149 -15.09 9.23 26.59
N GLU A 150 -14.00 8.95 27.33
CA GLU A 150 -14.13 8.16 28.54
C GLU A 150 -14.89 8.93 29.60
N TYR A 151 -15.76 8.21 30.31
CA TYR A 151 -16.53 8.83 31.38
C TYR A 151 -15.62 8.90 32.62
N MET A 152 -15.54 10.09 33.26
CA MET A 152 -14.73 10.28 34.45
C MET A 152 -15.64 10.34 35.67
N PRO A 153 -15.95 9.19 36.28
CA PRO A 153 -16.91 9.20 37.39
C PRO A 153 -16.52 9.93 38.67
N GLY A 154 -15.23 10.12 38.95
CA GLY A 154 -14.78 10.75 40.17
C GLY A 154 -15.03 12.24 40.29
N GLY A 155 -15.52 12.87 39.24
CA GLY A 155 -15.80 14.30 39.26
C GLY A 155 -14.60 15.15 38.89
N ASP A 156 -14.59 16.44 39.25
CA ASP A 156 -13.45 17.31 38.95
C ASP A 156 -12.69 17.74 40.23
N LEU A 157 -11.58 18.49 40.07
CA LEU A 157 -10.79 18.89 41.23
C LEU A 157 -11.37 20.09 41.98
N VAL A 158 -12.31 20.84 41.37
CA VAL A 158 -13.03 21.92 42.10
C VAL A 158 -13.85 21.26 43.22
N ASN A 159 -14.56 20.18 42.87
CA ASN A 159 -15.36 19.42 43.79
C ASN A 159 -14.46 18.78 44.85
N LEU A 160 -13.36 18.13 44.46
CA LEU A 160 -12.44 17.52 45.42
C LEU A 160 -11.92 18.53 46.44
N MET A 161 -11.53 19.72 45.96
CA MET A 161 -10.98 20.76 46.83
C MET A 161 -12.00 21.33 47.78
N SER A 162 -13.30 21.33 47.39
CA SER A 162 -14.38 21.78 48.27
C SER A 162 -14.60 20.77 49.39
N ASN A 163 -14.65 19.48 49.08
CA ASN A 163 -14.97 18.46 50.06
C ASN A 163 -13.83 18.06 50.96
N TYR A 164 -12.59 18.52 50.70
CA TYR A 164 -11.44 18.07 51.52
C TYR A 164 -10.45 19.16 51.84
N ASP A 165 -9.74 18.98 52.97
CA ASP A 165 -8.60 19.84 53.32
C ASP A 165 -7.44 19.04 52.76
N VAL A 166 -6.89 19.51 51.66
CA VAL A 166 -5.88 18.75 50.95
C VAL A 166 -4.52 18.78 51.64
N PRO A 167 -4.06 17.65 52.18
CA PRO A 167 -2.69 17.61 52.73
C PRO A 167 -1.63 17.66 51.61
N GLU A 168 -0.35 17.89 51.98
CA GLU A 168 0.71 17.96 50.98
C GLU A 168 0.90 16.68 50.20
N LYS A 169 0.68 15.55 50.86
CA LYS A 169 0.83 14.22 50.30
C LYS A 169 -0.11 14.06 49.08
N TRP A 170 -1.35 14.59 49.22
CA TRP A 170 -2.36 14.55 48.17
C TRP A 170 -2.05 15.55 47.08
N ALA A 171 -1.71 16.81 47.45
CA ALA A 171 -1.38 17.88 46.53
C ALA A 171 -0.24 17.51 45.62
N ARG A 172 0.75 16.75 46.14
CA ARG A 172 1.89 16.31 45.36
C ARG A 172 1.43 15.32 44.29
N PHE A 173 0.49 14.44 44.62
CA PHE A 173 -0.02 13.44 43.69
C PHE A 173 -0.79 14.12 42.58
N TYR A 174 -1.72 15.02 42.91
CA TYR A 174 -2.49 15.71 41.89
C TYR A 174 -1.64 16.62 41.05
N THR A 175 -0.68 17.34 41.65
CA THR A 175 0.21 18.21 40.89
C THR A 175 1.06 17.38 39.95
N ALA A 176 1.59 16.27 40.43
CA ALA A 176 2.40 15.38 39.64
C ALA A 176 1.66 14.85 38.41
N GLU A 177 0.37 14.48 38.55
CA GLU A 177 -0.45 13.96 37.43
C GLU A 177 -0.77 15.07 36.43
N VAL A 178 -0.93 16.34 36.91
CA VAL A 178 -1.17 17.50 36.06
C VAL A 178 0.09 17.82 35.27
N VAL A 179 1.26 17.67 35.87
CA VAL A 179 2.54 17.88 35.21
C VAL A 179 2.68 16.87 34.06
N LEU A 180 2.38 15.57 34.30
CA LEU A 180 2.44 14.58 33.20
C LEU A 180 1.40 14.82 32.13
N ALA A 181 0.21 15.28 32.51
CA ALA A 181 -0.86 15.60 31.56
C ALA A 181 -0.47 16.82 30.68
N LEU A 182 0.04 17.92 31.29
CA LEU A 182 0.45 19.09 30.51
C LEU A 182 1.63 18.83 29.61
N ASP A 183 2.54 17.96 30.03
CA ASP A 183 3.69 17.60 29.23
C ASP A 183 3.24 16.79 27.99
N ALA A 184 2.20 15.91 28.12
CA ALA A 184 1.70 15.16 26.96
C ALA A 184 1.13 16.12 25.92
N ILE A 185 0.45 17.18 26.38
CA ILE A 185 -0.16 18.17 25.50
C ILE A 185 0.90 19.03 24.88
N HIS A 186 1.90 19.46 25.67
CA HIS A 186 3.01 20.26 25.17
C HIS A 186 3.85 19.49 24.16
N SER A 187 4.02 18.20 24.38
CA SER A 187 4.77 17.34 23.46
C SER A 187 4.13 17.24 22.10
N MET A 188 2.79 17.33 22.04
CA MET A 188 2.06 17.28 20.78
C MET A 188 2.16 18.59 19.99
N GLY A 189 2.57 19.67 20.63
CA GLY A 189 2.70 20.97 20.00
C GLY A 189 1.62 21.94 20.41
N PHE A 190 0.88 21.66 21.50
CA PHE A 190 -0.21 22.52 21.92
C PHE A 190 0.03 23.18 23.26
N ILE A 191 -0.70 24.26 23.53
CA ILE A 191 -0.71 25.02 24.78
C ILE A 191 -2.18 25.09 25.21
N HIS A 192 -2.49 24.61 26.44
CA HIS A 192 -3.85 24.55 26.96
C HIS A 192 -4.54 25.91 27.07
N ARG A 193 -3.78 26.95 27.44
CA ARG A 193 -4.21 28.34 27.60
C ARG A 193 -5.27 28.57 28.68
N ASP A 194 -5.83 27.52 29.28
CA ASP A 194 -6.83 27.68 30.33
C ASP A 194 -6.81 26.52 31.33
N VAL A 195 -5.69 26.33 32.04
CA VAL A 195 -5.57 25.23 32.99
C VAL A 195 -6.16 25.66 34.33
N LYS A 196 -7.23 25.00 34.72
CA LYS A 196 -7.86 25.25 36.02
C LYS A 196 -8.46 23.94 36.55
N PRO A 197 -8.81 23.85 37.84
CA PRO A 197 -9.33 22.59 38.39
C PRO A 197 -10.56 21.99 37.68
N ASP A 198 -11.30 22.85 36.95
CA ASP A 198 -12.49 22.53 36.14
C ASP A 198 -12.14 21.54 34.99
N ASN A 199 -10.91 21.65 34.44
CA ASN A 199 -10.36 20.78 33.39
C ASN A 199 -9.77 19.49 33.87
N MET A 200 -9.59 19.34 35.19
CA MET A 200 -8.96 18.18 35.76
C MET A 200 -10.02 17.25 36.30
N LEU A 201 -10.18 16.10 35.68
CA LEU A 201 -11.17 15.08 36.01
C LEU A 201 -10.59 13.83 36.62
N LEU A 202 -11.34 13.18 37.49
CA LEU A 202 -10.87 11.97 38.16
C LEU A 202 -11.56 10.72 37.62
N ASP A 203 -10.81 9.67 37.33
CA ASP A 203 -11.36 8.45 36.78
C ASP A 203 -11.91 7.51 37.86
N LYS A 204 -12.29 6.27 37.50
CA LYS A 204 -12.89 5.34 38.46
C LYS A 204 -11.95 4.92 39.56
N SER A 205 -10.62 5.02 39.35
CA SER A 205 -9.66 4.68 40.40
C SER A 205 -9.09 5.93 41.15
N GLY A 206 -9.57 7.12 40.83
CA GLY A 206 -9.13 8.36 41.48
C GLY A 206 -7.97 9.07 40.79
N HIS A 207 -7.51 8.52 39.68
CA HIS A 207 -6.41 9.11 38.94
C HIS A 207 -6.91 10.21 38.06
N LEU A 208 -6.14 11.31 38.05
CA LEU A 208 -6.43 12.57 37.36
C LEU A 208 -6.09 12.50 35.88
N LYS A 209 -6.90 13.15 35.03
CA LYS A 209 -6.72 13.28 33.58
C LYS A 209 -7.18 14.69 33.16
N LEU A 210 -6.55 15.30 32.15
CA LEU A 210 -6.98 16.61 31.66
C LEU A 210 -8.03 16.44 30.60
N ALA A 211 -8.93 17.39 30.56
CA ALA A 211 -10.02 17.43 29.59
C ALA A 211 -10.35 18.89 29.30
N ASP A 212 -11.19 19.17 28.27
CA ASP A 212 -11.65 20.52 28.00
C ASP A 212 -10.57 21.37 27.29
N PHE A 213 -10.35 21.02 26.04
CA PHE A 213 -9.36 21.66 25.20
C PHE A 213 -9.94 22.62 24.15
N GLY A 214 -11.11 23.22 24.43
CA GLY A 214 -11.72 24.18 23.53
C GLY A 214 -10.86 25.42 23.32
N THR A 215 -10.03 25.75 24.33
CA THR A 215 -9.10 26.87 24.42
C THR A 215 -7.68 26.57 23.85
N CYS A 216 -7.46 25.35 23.31
CA CYS A 216 -6.14 24.94 22.82
C CYS A 216 -5.72 25.55 21.50
N MET A 217 -4.43 25.94 21.41
CA MET A 217 -3.82 26.57 20.26
C MET A 217 -2.51 25.85 19.91
N LYS A 218 -2.23 25.64 18.61
CA LYS A 218 -1.00 24.96 18.18
C LYS A 218 0.19 25.94 18.08
N MET A 219 1.31 25.59 18.75
CA MET A 219 2.56 26.35 18.76
C MET A 219 3.20 26.42 17.36
N ASN A 220 4.08 27.41 17.15
CA ASN A 220 4.84 27.51 15.89
C ASN A 220 6.24 26.81 16.07
N LYS A 221 7.19 26.98 15.12
CA LYS A 221 8.51 26.35 15.24
C LYS A 221 9.36 26.92 16.41
N GLU A 222 8.87 27.98 17.09
CA GLU A 222 9.52 28.60 18.25
C GLU A 222 8.69 28.45 19.55
N GLY A 223 7.61 27.69 19.52
CA GLY A 223 6.75 27.43 20.68
C GLY A 223 5.90 28.59 21.18
N MET A 224 5.36 29.40 20.26
CA MET A 224 4.52 30.54 20.66
C MET A 224 3.05 30.36 20.29
N VAL A 225 2.15 31.02 21.03
CA VAL A 225 0.71 30.90 20.82
C VAL A 225 0.03 32.28 20.87
N ARG A 226 -0.99 32.50 20.02
CA ARG A 226 -1.75 33.75 19.96
C ARG A 226 -3.03 33.61 20.78
N THR A 233 -11.07 31.34 34.20
CA THR A 233 -11.30 32.28 35.32
C THR A 233 -10.10 33.23 35.50
N PRO A 234 -10.34 34.49 35.92
CA PRO A 234 -9.24 35.45 36.11
C PRO A 234 -8.18 35.06 37.14
N ASP A 235 -8.56 34.26 38.15
CA ASP A 235 -7.64 33.86 39.22
C ASP A 235 -6.45 33.04 38.73
N TYR A 236 -6.67 32.25 37.68
CA TYR A 236 -5.67 31.33 37.12
C TYR A 236 -4.86 31.92 35.97
N ILE A 237 -5.19 33.13 35.51
CA ILE A 237 -4.50 33.74 34.37
C ILE A 237 -3.14 34.34 34.74
N SER A 238 -2.14 34.11 33.87
CA SER A 238 -0.77 34.57 34.04
C SER A 238 -0.66 36.09 33.76
N PRO A 239 0.39 36.75 34.27
CA PRO A 239 0.56 38.20 34.01
C PRO A 239 0.77 38.57 32.56
N GLU A 240 1.49 37.74 31.79
CA GLU A 240 1.72 38.00 30.38
C GLU A 240 0.41 38.18 29.60
N VAL A 241 -0.65 37.44 29.96
CA VAL A 241 -1.93 37.59 29.29
C VAL A 241 -2.65 38.88 29.71
N LEU A 242 -2.62 39.18 31.01
CA LEU A 242 -3.19 40.42 31.54
C LEU A 242 -2.53 41.68 30.97
N LYS A 243 -1.29 41.57 30.47
CA LYS A 243 -0.61 42.71 29.86
C LYS A 243 -1.24 43.04 28.49
N SER A 244 -1.64 41.98 27.74
CA SER A 244 -2.29 42.06 26.43
C SER A 244 -3.77 42.47 26.57
N GLN A 245 -4.51 41.77 27.47
CA GLN A 245 -5.93 41.96 27.81
C GLN A 245 -6.27 43.39 28.27
N GLY A 249 -1.30 37.90 21.87
CA GLY A 249 0.14 38.16 21.77
C GLY A 249 0.96 36.90 21.59
N TYR A 250 2.15 36.84 22.22
CA TYR A 250 3.01 35.66 22.13
C TYR A 250 3.19 34.99 23.50
N TYR A 251 2.65 33.76 23.66
CA TYR A 251 2.72 33.02 24.92
C TYR A 251 3.37 31.67 24.71
N GLY A 252 4.33 31.30 25.55
CA GLY A 252 4.93 29.98 25.48
C GLY A 252 4.22 28.97 26.37
N ARG A 253 4.83 27.75 26.50
CA ARG A 253 4.35 26.64 27.35
C ARG A 253 4.14 27.13 28.77
N GLU A 254 5.03 28.03 29.24
CA GLU A 254 5.11 28.51 30.61
C GLU A 254 3.87 29.28 31.09
N CYS A 255 2.96 29.67 30.20
CA CYS A 255 1.71 30.27 30.64
C CYS A 255 0.79 29.20 31.31
N ASP A 256 0.95 27.88 30.88
CA ASP A 256 0.25 26.75 31.52
C ASP A 256 0.88 26.42 32.88
N TRP A 257 2.21 26.57 33.00
CA TRP A 257 2.89 26.31 34.26
C TRP A 257 2.57 27.32 35.30
N TRP A 258 2.23 28.57 34.94
CA TRP A 258 1.75 29.56 35.91
C TRP A 258 0.48 29.02 36.62
N SER A 259 -0.47 28.47 35.86
CA SER A 259 -1.74 27.91 36.38
C SER A 259 -1.52 26.71 37.29
N VAL A 260 -0.47 25.92 37.03
CA VAL A 260 -0.12 24.80 37.91
C VAL A 260 0.26 25.34 39.29
N GLY A 261 0.97 26.47 39.32
CA GLY A 261 1.38 27.11 40.57
C GLY A 261 0.17 27.63 41.32
N VAL A 262 -0.80 28.21 40.60
CA VAL A 262 -2.03 28.71 41.20
C VAL A 262 -2.80 27.56 41.80
N PHE A 263 -2.90 26.45 41.04
CA PHE A 263 -3.57 25.21 41.44
C PHE A 263 -2.95 24.61 42.71
N LEU A 264 -1.60 24.51 42.76
CA LEU A 264 -0.90 23.98 43.93
C LEU A 264 -1.12 24.87 45.16
N TYR A 265 -1.07 26.21 44.99
CA TYR A 265 -1.34 27.14 46.08
C TYR A 265 -2.79 26.95 46.58
N GLU A 266 -3.80 26.99 45.67
CA GLU A 266 -5.19 26.80 46.07
C GLU A 266 -5.39 25.51 46.84
N MET A 267 -4.74 24.43 46.40
CA MET A 267 -4.86 23.15 47.07
C MET A 267 -4.32 23.17 48.48
N LEU A 268 -3.11 23.66 48.70
CA LEU A 268 -2.51 23.65 50.04
C LEU A 268 -3.02 24.75 50.96
N VAL A 269 -3.53 25.85 50.42
CA VAL A 269 -3.94 26.98 51.24
C VAL A 269 -5.45 27.10 51.44
N GLY A 270 -6.22 26.74 50.42
CA GLY A 270 -7.67 26.82 50.48
C GLY A 270 -8.21 27.97 49.67
N ASP A 271 -7.36 28.94 49.33
CA ASP A 271 -7.75 30.11 48.56
C ASP A 271 -6.78 30.33 47.41
N THR A 272 -7.20 31.04 46.38
CA THR A 272 -6.33 31.39 45.27
C THR A 272 -5.32 32.42 45.75
N PRO A 273 -4.07 32.38 45.24
CA PRO A 273 -3.05 33.30 45.76
C PRO A 273 -3.30 34.79 45.51
N PHE A 274 -4.13 35.12 44.52
CA PHE A 274 -4.40 36.49 44.17
C PHE A 274 -5.88 36.83 44.24
N TYR A 275 -6.58 36.24 45.24
CA TYR A 275 -8.01 36.47 45.44
C TYR A 275 -8.29 37.94 45.80
N ALA A 276 -9.39 38.47 45.26
CA ALA A 276 -9.90 39.81 45.57
C ALA A 276 -11.41 39.89 45.28
N ASP A 277 -12.10 40.84 45.93
CA ASP A 277 -13.55 41.03 45.72
C ASP A 277 -13.86 41.45 44.29
N SER A 278 -12.98 42.29 43.70
CA SER A 278 -13.15 42.79 42.35
C SER A 278 -12.23 42.11 41.34
N LEU A 279 -12.61 42.09 40.05
CA LEU A 279 -11.74 41.53 39.02
C LEU A 279 -10.49 42.38 38.91
N VAL A 280 -10.65 43.71 38.98
CA VAL A 280 -9.54 44.67 38.92
C VAL A 280 -8.53 44.44 40.06
N GLY A 281 -9.04 44.10 41.24
CA GLY A 281 -8.19 43.80 42.40
C GLY A 281 -7.36 42.54 42.20
N THR A 282 -7.94 41.55 41.51
CA THR A 282 -7.27 40.30 41.20
C THR A 282 -6.20 40.59 40.14
N TYR A 283 -6.56 41.29 39.04
CA TYR A 283 -5.60 41.63 37.97
C TYR A 283 -4.42 42.41 38.52
N SER A 284 -4.68 43.32 39.46
CA SER A 284 -3.65 44.13 40.10
C SER A 284 -2.72 43.24 40.94
N LYS A 285 -3.29 42.32 41.72
CA LYS A 285 -2.55 41.37 42.55
C LYS A 285 -1.68 40.44 41.70
N ILE A 286 -2.18 40.04 40.52
CA ILE A 286 -1.43 39.17 39.62
C ILE A 286 -0.22 39.91 39.09
N MET A 287 -0.40 41.16 38.65
CA MET A 287 0.73 41.96 38.16
C MET A 287 1.75 42.22 39.25
N ASN A 288 1.26 42.47 40.46
CA ASN A 288 2.12 42.72 41.61
C ASN A 288 2.46 41.39 42.32
N HIS A 289 2.63 40.29 41.56
CA HIS A 289 2.86 38.98 42.14
C HIS A 289 4.08 38.95 43.08
N LYS A 290 5.13 39.78 42.80
CA LYS A 290 6.33 39.86 43.66
C LYS A 290 6.05 40.34 45.07
N ASN A 291 4.91 41.01 45.28
CA ASN A 291 4.58 41.56 46.59
C ASN A 291 3.30 41.00 47.16
N SER A 292 2.33 40.67 46.30
CA SER A 292 1.04 40.12 46.72
C SER A 292 1.10 38.64 47.08
N LEU A 293 2.02 37.86 46.48
CA LEU A 293 2.11 36.43 46.78
C LEU A 293 2.63 36.20 48.17
N THR A 294 1.75 35.82 49.08
CA THR A 294 2.13 35.55 50.47
C THR A 294 1.51 34.24 50.94
N PHE A 295 2.20 33.52 51.83
CA PHE A 295 1.69 32.29 52.41
C PHE A 295 1.27 32.57 53.82
N PRO A 296 0.04 32.18 54.21
CA PRO A 296 -0.44 32.45 55.59
C PRO A 296 0.52 31.98 56.68
N ASP A 297 0.67 32.79 57.75
CA ASP A 297 1.58 32.57 58.87
C ASP A 297 1.40 31.18 59.50
N ASP A 298 0.15 30.80 59.72
CA ASP A 298 -0.18 29.48 60.27
C ASP A 298 -0.35 28.51 59.10
N ASN A 299 0.74 27.77 58.79
CA ASN A 299 0.70 26.85 57.66
C ASN A 299 1.39 25.54 57.90
N ASP A 300 0.91 24.51 57.19
CA ASP A 300 1.58 23.22 57.15
C ASP A 300 2.15 23.05 55.71
N ILE A 301 2.78 24.13 55.19
CA ILE A 301 3.36 24.13 53.87
C ILE A 301 4.85 24.03 53.99
N SER A 302 5.42 23.03 53.34
CA SER A 302 6.84 22.81 53.42
C SER A 302 7.63 23.88 52.63
N LYS A 303 8.93 23.97 52.87
CA LYS A 303 9.77 24.91 52.13
C LYS A 303 9.84 24.48 50.65
N GLU A 304 9.80 23.16 50.38
CA GLU A 304 9.80 22.67 49.01
C GLU A 304 8.49 22.97 48.25
N ALA A 305 7.32 22.96 48.92
CA ALA A 305 6.06 23.32 48.27
C ALA A 305 6.09 24.82 47.93
N LYS A 306 6.50 25.66 48.92
CA LYS A 306 6.64 27.11 48.74
C LYS A 306 7.61 27.41 47.63
N ASN A 307 8.73 26.68 47.56
CA ASN A 307 9.71 26.84 46.47
C ASN A 307 9.07 26.57 45.13
N LEU A 308 8.30 25.45 44.99
CA LEU A 308 7.64 25.08 43.73
C LEU A 308 6.61 26.10 43.32
N ILE A 309 5.73 26.52 44.25
CA ILE A 309 4.74 27.54 43.96
C ILE A 309 5.44 28.84 43.48
N CYS A 310 6.46 29.33 44.21
CA CYS A 310 7.17 30.54 43.82
C CYS A 310 7.87 30.37 42.50
N ALA A 311 8.37 29.16 42.19
CA ALA A 311 9.06 28.87 40.92
C ALA A 311 8.11 28.97 39.73
N PHE A 312 6.80 28.72 39.95
CA PHE A 312 5.81 28.80 38.89
C PHE A 312 5.19 30.22 38.86
N LEU A 313 4.86 30.77 40.04
CA LEU A 313 4.27 32.09 40.16
C LEU A 313 5.34 33.19 40.16
N THR A 314 5.97 33.38 39.01
CA THR A 314 7.04 34.33 38.77
C THR A 314 6.98 34.80 37.32
N ASP A 315 7.84 35.72 36.91
CA ASP A 315 7.86 36.26 35.55
C ASP A 315 8.17 35.17 34.54
N ARG A 316 7.48 35.20 33.42
CA ARG A 316 7.67 34.19 32.37
C ARG A 316 9.10 34.04 31.90
N GLU A 317 9.93 35.06 32.10
CA GLU A 317 11.33 35.05 31.68
C GLU A 317 12.18 34.11 32.52
N VAL A 318 11.77 33.86 33.78
CA VAL A 318 12.49 32.96 34.69
C VAL A 318 11.59 31.83 35.24
N ARG A 319 10.39 31.63 34.71
CA ARG A 319 9.46 30.63 35.24
C ARG A 319 9.88 29.16 35.01
N LEU A 320 9.63 28.29 36.02
CA LEU A 320 9.92 26.86 35.95
C LEU A 320 9.00 26.27 34.87
N GLY A 321 9.58 25.50 33.94
CA GLY A 321 8.83 24.93 32.86
C GLY A 321 9.19 25.51 31.51
N ARG A 322 9.68 26.78 31.46
CA ARG A 322 10.00 27.39 30.16
C ARG A 322 11.04 26.59 29.36
N ASN A 323 11.69 25.57 29.97
CA ASN A 323 12.62 24.73 29.23
C ASN A 323 12.34 23.25 29.51
N GLY A 324 11.07 22.91 29.52
CA GLY A 324 10.63 21.54 29.68
C GLY A 324 10.17 21.07 31.03
N VAL A 325 9.67 19.85 31.03
CA VAL A 325 9.14 19.20 32.21
C VAL A 325 10.22 18.56 33.08
N GLU A 326 11.40 18.22 32.52
CA GLU A 326 12.48 17.59 33.29
C GLU A 326 12.89 18.36 34.52
N GLU A 327 13.03 19.71 34.41
CA GLU A 327 13.39 20.49 35.58
C GLU A 327 12.31 20.48 36.63
N ILE A 328 11.01 20.35 36.22
CA ILE A 328 9.84 20.29 37.12
C ILE A 328 9.87 18.94 37.82
N LYS A 329 10.08 17.85 37.07
CA LYS A 329 10.11 16.50 37.65
C LYS A 329 11.21 16.32 38.67
N ARG A 330 12.36 17.03 38.48
CA ARG A 330 13.49 16.98 39.43
C ARG A 330 13.27 17.79 40.71
N HIS A 331 12.17 18.56 40.81
CA HIS A 331 11.93 19.37 41.98
C HIS A 331 11.79 18.55 43.24
N LEU A 332 12.42 19.02 44.32
CA LEU A 332 12.40 18.33 45.58
C LEU A 332 11.00 18.13 46.16
N PHE A 333 10.02 18.96 45.75
CA PHE A 333 8.65 18.79 46.24
C PHE A 333 8.10 17.41 45.81
N PHE A 334 8.55 16.88 44.66
CA PHE A 334 8.05 15.60 44.17
C PHE A 334 8.72 14.39 44.85
N LYS A 335 9.82 14.58 45.60
CA LYS A 335 10.52 13.51 46.31
C LYS A 335 9.61 13.01 47.42
N ASN A 336 9.29 11.73 47.36
CA ASN A 336 8.42 11.04 48.33
C ASN A 336 8.75 9.54 48.34
N ASP A 337 8.18 8.79 49.26
CA ASP A 337 8.48 7.36 49.35
C ASP A 337 7.36 6.43 48.87
N GLN A 338 6.20 6.99 48.46
CA GLN A 338 5.10 6.17 47.97
C GLN A 338 5.23 5.85 46.48
N TRP A 339 5.61 6.82 45.66
CA TRP A 339 5.65 6.62 44.21
C TRP A 339 6.88 7.26 43.53
N ALA A 340 7.10 6.98 42.25
CA ALA A 340 8.11 7.61 41.42
C ALA A 340 7.39 8.02 40.07
N TRP A 341 8.03 8.83 39.23
CA TRP A 341 7.40 9.26 37.97
C TRP A 341 6.96 8.06 37.09
N GLU A 342 7.73 6.97 37.08
CA GLU A 342 7.37 5.76 36.34
C GLU A 342 6.40 4.82 37.09
N THR A 343 6.09 5.11 38.33
CA THR A 343 5.23 4.28 39.18
C THR A 343 4.00 5.09 39.78
N LEU A 344 3.76 6.32 39.24
CA LEU A 344 2.74 7.21 39.74
C LEU A 344 1.35 6.71 39.49
N ARG A 345 1.02 6.29 38.27
CA ARG A 345 -0.31 5.79 37.98
C ARG A 345 -0.60 4.43 38.61
N ASP A 346 0.42 3.72 39.10
CA ASP A 346 0.25 2.47 39.79
C ASP A 346 -0.15 2.63 41.26
N THR A 347 0.03 3.81 41.81
CA THR A 347 -0.22 4.09 43.21
C THR A 347 -1.69 4.21 43.47
N VAL A 348 -2.13 3.97 44.70
CA VAL A 348 -3.52 4.16 45.05
C VAL A 348 -3.68 5.63 45.26
N ALA A 349 -4.66 6.23 44.53
CA ALA A 349 -4.97 7.65 44.58
C ALA A 349 -5.54 8.01 45.94
N PRO A 350 -5.35 9.26 46.37
CA PRO A 350 -5.82 9.65 47.70
C PRO A 350 -7.31 9.46 47.95
N VAL A 351 -8.15 9.80 46.97
CA VAL A 351 -9.59 9.67 47.06
C VAL A 351 -10.03 8.69 45.96
N VAL A 352 -10.35 7.44 46.31
CA VAL A 352 -10.80 6.45 45.34
C VAL A 352 -12.35 6.48 45.39
N PRO A 353 -13.04 6.89 44.31
CA PRO A 353 -14.50 7.05 44.40
C PRO A 353 -15.29 5.75 44.65
N ASP A 354 -16.31 5.83 45.52
CA ASP A 354 -17.19 4.69 45.87
C ASP A 354 -18.39 4.73 44.90
N LEU A 355 -18.36 3.87 43.88
CA LEU A 355 -19.41 3.91 42.86
C LEU A 355 -20.34 2.70 42.90
N SER A 356 -21.65 3.00 43.06
CA SER A 356 -22.76 2.05 43.12
C SER A 356 -22.94 1.32 41.79
N SER A 357 -22.81 2.03 40.66
CA SER A 357 -22.96 1.45 39.32
C SER A 357 -22.11 2.16 38.26
N ASP A 358 -21.98 1.57 37.06
CA ASP A 358 -21.31 2.22 35.93
C ASP A 358 -21.98 3.54 35.48
N ILE A 359 -23.13 3.84 36.06
CA ILE A 359 -23.97 4.97 35.77
C ILE A 359 -24.04 5.98 36.93
N ASP A 360 -23.34 5.69 38.04
CA ASP A 360 -23.26 6.56 39.21
C ASP A 360 -22.75 7.98 38.80
N THR A 361 -23.54 9.02 39.14
CA THR A 361 -23.26 10.45 38.88
C THR A 361 -23.19 11.26 40.20
N SER A 362 -22.89 10.60 41.33
CA SER A 362 -22.87 11.25 42.62
C SER A 362 -21.90 12.42 42.71
N ASN A 363 -20.74 12.28 42.03
CA ASN A 363 -19.70 13.30 42.05
C ASN A 363 -19.97 14.45 41.09
N PHE A 364 -21.15 14.51 40.43
CA PHE A 364 -21.56 15.59 39.52
C PHE A 364 -22.90 16.18 39.93
N ASP A 365 -23.12 17.44 39.61
CA ASP A 365 -24.42 18.05 39.83
C ASP A 365 -25.24 17.58 38.63
N ASP A 366 -26.24 16.71 38.87
CA ASP A 366 -27.08 16.17 37.79
C ASP A 366 -27.87 17.35 37.20
N LEU A 367 -27.86 17.48 35.88
CA LEU A 367 -28.51 18.62 35.23
C LEU A 367 -29.79 18.24 34.52
N GLU A 368 -30.67 19.23 34.38
CA GLU A 368 -31.93 19.03 33.71
C GLU A 368 -31.69 19.16 32.23
N GLU A 369 -32.12 18.17 31.44
CA GLU A 369 -32.01 18.20 29.98
C GLU A 369 -32.90 19.33 29.42
N ASP A 370 -32.63 19.79 28.17
CA ASP A 370 -33.50 20.85 27.61
C ASP A 370 -34.39 20.34 26.49
N LYS A 371 -33.81 19.60 25.50
CA LYS A 371 -34.51 19.03 24.33
C LYS A 371 -35.61 19.97 23.72
N GLY A 372 -35.23 21.22 23.40
CA GLY A 372 -36.19 22.20 22.88
C GLY A 372 -35.79 23.09 21.72
N GLU A 373 -34.52 23.50 21.63
CA GLU A 373 -34.07 24.40 20.55
C GLU A 373 -33.44 23.70 19.32
N GLU A 374 -34.28 23.25 18.37
CA GLU A 374 -33.76 22.67 17.13
C GLU A 374 -33.83 23.75 16.00
N GLU A 375 -33.56 25.04 16.35
CA GLU A 375 -33.62 26.22 15.47
C GLU A 375 -33.20 25.97 14.03
N THR A 376 -33.76 26.76 13.10
CA THR A 376 -33.43 26.59 11.70
C THR A 376 -32.68 27.70 11.05
N PHE A 377 -31.64 27.27 10.35
CA PHE A 377 -30.86 27.98 9.36
C PHE A 377 -31.89 28.11 8.17
N PRO A 378 -31.92 29.22 7.44
CA PRO A 378 -32.89 29.33 6.34
C PRO A 378 -32.54 28.35 5.22
N ILE A 379 -33.56 27.81 4.53
CA ILE A 379 -33.39 26.91 3.41
C ILE A 379 -32.65 27.65 2.32
N PRO A 380 -31.47 27.12 1.93
CA PRO A 380 -30.66 27.80 0.93
C PRO A 380 -31.33 27.97 -0.43
N LYS A 381 -31.22 29.19 -0.95
CA LYS A 381 -31.73 29.48 -2.28
C LYS A 381 -30.58 29.45 -3.33
N ALA A 382 -29.32 29.46 -2.85
CA ALA A 382 -28.03 29.27 -3.52
C ALA A 382 -27.15 28.34 -2.59
N PHE A 383 -26.03 27.82 -3.08
CA PHE A 383 -25.17 26.95 -2.28
C PHE A 383 -24.54 27.78 -1.17
N VAL A 384 -24.78 27.39 0.08
CA VAL A 384 -24.23 28.12 1.23
C VAL A 384 -23.01 27.35 1.77
N GLY A 385 -23.12 26.02 1.86
CA GLY A 385 -22.05 25.17 2.32
C GLY A 385 -21.84 25.17 3.82
N ASN A 386 -22.94 25.20 4.60
CA ASN A 386 -22.85 25.22 6.07
C ASN A 386 -22.22 23.99 6.69
N GLN A 387 -22.21 22.87 5.96
CA GLN A 387 -21.60 21.62 6.43
C GLN A 387 -20.08 21.54 6.11
N LEU A 388 -19.56 22.45 5.28
CA LEU A 388 -18.15 22.48 4.88
C LEU A 388 -17.16 22.68 6.04
N PRO A 389 -17.41 23.57 7.04
CA PRO A 389 -16.43 23.73 8.12
C PRO A 389 -16.31 22.51 9.04
N PHE A 390 -17.12 21.45 8.82
CA PHE A 390 -17.10 20.25 9.65
C PHE A 390 -16.59 19.00 8.93
N VAL A 391 -16.15 19.13 7.68
CA VAL A 391 -15.65 18.01 6.91
C VAL A 391 -14.31 17.60 7.50
N GLY A 392 -14.19 16.32 7.87
CA GLY A 392 -12.99 15.76 8.46
C GLY A 392 -13.03 15.60 9.97
N PHE A 393 -14.17 15.87 10.59
CA PHE A 393 -14.34 15.74 12.03
C PHE A 393 -14.47 14.28 12.46
N THR A 394 -14.98 13.40 11.60
CA THR A 394 -15.19 12.01 11.95
C THR A 394 -13.89 11.31 12.30
N TYR A 395 -13.91 10.54 13.39
CA TYR A 395 -12.77 9.80 13.87
C TYR A 395 -13.23 8.48 14.45
N TYR A 396 -12.59 7.39 14.07
CA TYR A 396 -12.87 6.06 14.63
C TYR A 396 -11.55 5.44 15.19
N SER A 397 -11.53 5.02 16.46
CA SER A 397 -10.31 4.39 17.04
C SER A 397 -10.44 2.85 17.07
N SER B 2 -24.91 -5.24 15.91
CA SER B 2 -23.48 -5.54 15.94
C SER B 2 -22.63 -4.38 15.41
N PHE B 3 -21.71 -3.86 16.25
CA PHE B 3 -20.84 -2.75 15.89
C PHE B 3 -19.75 -3.15 14.89
N GLU B 4 -19.06 -4.28 15.12
CA GLU B 4 -17.97 -4.68 14.23
C GLU B 4 -18.47 -5.22 12.88
N THR B 5 -19.74 -5.66 12.80
CA THR B 5 -20.32 -6.12 11.53
C THR B 5 -20.63 -4.89 10.67
N ARG B 6 -21.19 -3.83 11.28
CA ARG B 6 -21.46 -2.55 10.60
C ARG B 6 -20.12 -1.91 10.18
N PHE B 7 -19.10 -1.97 11.04
CA PHE B 7 -17.77 -1.43 10.73
C PHE B 7 -17.11 -2.23 9.60
N GLU B 8 -17.36 -3.56 9.54
CA GLU B 8 -16.78 -4.40 8.50
C GLU B 8 -17.45 -4.13 7.16
N LYS B 9 -18.80 -4.04 7.16
CA LYS B 9 -19.58 -3.72 5.96
C LYS B 9 -19.15 -2.37 5.35
N MET B 10 -18.74 -1.43 6.21
CA MET B 10 -18.27 -0.12 5.79
C MET B 10 -16.92 -0.23 5.08
N ASP B 11 -16.02 -1.08 5.59
CA ASP B 11 -14.74 -1.28 4.95
C ASP B 11 -14.90 -2.02 3.59
N ASN B 12 -15.93 -2.87 3.46
CA ASN B 12 -16.20 -3.58 2.20
C ASN B 12 -16.51 -2.56 1.10
N LEU B 13 -17.42 -1.59 1.38
CA LEU B 13 -17.82 -0.51 0.49
C LEU B 13 -16.64 0.39 0.14
N LEU B 14 -15.75 0.62 1.10
CA LEU B 14 -14.59 1.47 0.91
C LEU B 14 -13.48 0.83 0.09
N ARG B 15 -13.48 -0.51 -0.05
CA ARG B 15 -12.40 -1.19 -0.77
C ARG B 15 -12.85 -1.95 -2.04
N ASP B 16 -14.16 -2.16 -2.22
CA ASP B 16 -14.77 -2.82 -3.37
C ASP B 16 -14.67 -1.93 -4.63
N PRO B 17 -14.03 -2.42 -5.72
CA PRO B 17 -13.93 -1.59 -6.94
C PRO B 17 -15.28 -1.25 -7.58
N LYS B 18 -16.29 -2.09 -7.39
CA LYS B 18 -17.63 -1.84 -7.93
C LYS B 18 -18.49 -0.97 -7.01
N SER B 19 -17.90 -0.34 -5.99
CA SER B 19 -18.65 0.54 -5.12
C SER B 19 -18.50 1.99 -5.59
N GLU B 20 -19.61 2.70 -5.50
CA GLU B 20 -19.65 4.12 -5.83
C GLU B 20 -18.97 4.95 -4.71
N VAL B 21 -18.88 4.39 -3.48
CA VAL B 21 -18.20 5.07 -2.40
C VAL B 21 -16.83 4.46 -2.09
N ASN B 22 -16.18 3.81 -3.08
CA ASN B 22 -14.83 3.29 -2.87
C ASN B 22 -13.83 4.44 -2.62
N SER B 23 -12.59 4.12 -2.18
CA SER B 23 -11.61 5.16 -1.83
C SER B 23 -11.23 6.11 -2.96
N ASP B 24 -11.13 5.61 -4.18
CA ASP B 24 -10.79 6.47 -5.32
C ASP B 24 -11.98 7.30 -5.78
N CYS B 25 -13.21 6.85 -5.49
CA CYS B 25 -14.43 7.54 -5.81
C CYS B 25 -14.67 8.65 -4.84
N LEU B 26 -14.47 8.39 -3.52
CA LEU B 26 -14.61 9.42 -2.49
C LEU B 26 -13.62 10.56 -2.72
N LEU B 27 -12.42 10.24 -3.23
CA LEU B 27 -11.42 11.27 -3.54
C LEU B 27 -11.87 12.17 -4.69
N ASP B 28 -12.70 11.65 -5.60
CA ASP B 28 -13.23 12.42 -6.71
C ASP B 28 -14.13 13.52 -6.21
N GLY B 29 -14.93 13.24 -5.18
CA GLY B 29 -15.85 14.20 -4.58
C GLY B 29 -15.14 15.41 -4.01
N LEU B 30 -14.04 15.16 -3.30
CA LEU B 30 -13.24 16.23 -2.73
C LEU B 30 -12.54 17.03 -3.80
N ASP B 31 -12.06 16.33 -4.86
CA ASP B 31 -11.37 16.94 -5.98
C ASP B 31 -12.32 17.87 -6.76
N ALA B 32 -13.55 17.38 -7.06
CA ALA B 32 -14.60 18.12 -7.75
C ALA B 32 -14.98 19.35 -6.94
N LEU B 33 -15.12 19.19 -5.62
CA LEU B 33 -15.48 20.28 -4.73
C LEU B 33 -14.46 21.40 -4.79
N VAL B 34 -13.16 21.08 -4.80
CA VAL B 34 -12.13 22.12 -4.91
C VAL B 34 -12.13 22.82 -6.29
N TYR B 35 -12.39 22.06 -7.39
CA TYR B 35 -12.41 22.66 -8.72
C TYR B 35 -13.58 23.63 -8.81
N ASP B 36 -14.77 23.19 -8.38
CA ASP B 36 -16.01 23.97 -8.46
C ASP B 36 -16.17 25.13 -7.47
N LEU B 37 -15.47 25.11 -6.34
CA LEU B 37 -15.60 26.19 -5.36
C LEU B 37 -14.58 27.33 -5.50
N ASP B 38 -13.37 27.05 -6.01
CA ASP B 38 -12.26 27.99 -6.05
C ASP B 38 -12.38 29.11 -7.09
N PHE B 39 -13.32 30.03 -6.89
CA PHE B 39 -13.56 31.20 -7.73
C PHE B 39 -13.76 32.42 -6.82
N PRO B 40 -13.28 33.60 -7.24
CA PRO B 40 -13.34 34.78 -6.35
C PRO B 40 -14.73 35.17 -5.84
N ALA B 41 -15.76 35.04 -6.69
CA ALA B 41 -17.12 35.36 -6.30
C ALA B 41 -17.62 34.40 -5.21
N LEU B 42 -17.26 33.12 -5.34
CA LEU B 42 -17.65 32.05 -4.45
C LEU B 42 -16.88 32.14 -3.14
N ARG B 43 -15.59 32.45 -3.21
CA ARG B 43 -14.76 32.55 -2.01
C ARG B 43 -15.11 33.74 -1.10
N LYS B 44 -16.09 34.58 -1.48
CA LYS B 44 -16.60 35.62 -0.59
C LYS B 44 -17.38 34.97 0.61
N ASN B 45 -18.00 33.77 0.37
CA ASN B 45 -18.70 32.96 1.34
C ASN B 45 -17.63 32.41 2.27
N LYS B 46 -17.75 32.68 3.58
CA LYS B 46 -16.76 32.24 4.57
C LYS B 46 -16.61 30.75 4.61
N ASN B 47 -17.72 30.00 4.50
CA ASN B 47 -17.70 28.53 4.50
C ASN B 47 -16.85 27.99 3.37
N ILE B 48 -16.97 28.60 2.19
CA ILE B 48 -16.23 28.19 1.02
C ILE B 48 -14.78 28.57 1.11
N ASP B 49 -14.47 29.84 1.44
CA ASP B 49 -13.09 30.34 1.55
C ASP B 49 -12.29 29.62 2.63
N ASN B 50 -12.93 29.29 3.76
CA ASN B 50 -12.25 28.61 4.85
C ASN B 50 -11.98 27.16 4.49
N PHE B 51 -12.96 26.49 3.85
CA PHE B 51 -12.82 25.09 3.42
C PHE B 51 -11.68 24.92 2.42
N LEU B 52 -11.58 25.84 1.46
CA LEU B 52 -10.53 25.76 0.44
C LEU B 52 -9.17 25.97 1.08
N SER B 53 -9.04 26.91 2.02
CA SER B 53 -7.76 27.14 2.70
C SER B 53 -7.27 25.86 3.39
N ARG B 54 -8.22 25.17 4.03
CA ARG B 54 -7.98 23.95 4.77
C ARG B 54 -7.63 22.75 3.88
N TYR B 55 -8.15 22.72 2.63
CA TYR B 55 -7.92 21.55 1.77
C TYR B 55 -7.19 21.77 0.47
N LYS B 56 -6.87 23.01 0.07
CA LYS B 56 -6.21 23.21 -1.23
C LYS B 56 -4.77 22.70 -1.21
N ASP B 57 -4.09 22.70 -0.04
CA ASP B 57 -2.72 22.17 0.02
C ASP B 57 -2.73 20.68 -0.26
N THR B 58 -3.59 19.92 0.46
CA THR B 58 -3.63 18.48 0.31
C THR B 58 -4.27 18.06 -1.01
N ILE B 59 -5.23 18.83 -1.54
CA ILE B 59 -5.85 18.44 -2.81
C ILE B 59 -4.84 18.58 -3.93
N ASN B 60 -4.05 19.67 -3.94
CA ASN B 60 -3.00 19.85 -4.95
C ASN B 60 -1.94 18.74 -4.88
N LYS B 61 -1.65 18.26 -3.65
CA LYS B 61 -0.73 17.19 -3.37
C LYS B 61 -1.27 15.87 -3.94
N ILE B 62 -2.55 15.58 -3.67
CA ILE B 62 -3.26 14.40 -4.16
C ILE B 62 -3.36 14.39 -5.67
N ARG B 63 -3.59 15.56 -6.28
CA ARG B 63 -3.67 15.66 -7.73
C ARG B 63 -2.36 15.19 -8.40
N ASP B 64 -1.23 15.48 -7.75
CA ASP B 64 0.07 15.07 -8.25
C ASP B 64 0.32 13.57 -8.05
N LEU B 65 -0.03 13.03 -6.88
CA LEU B 65 0.14 11.61 -6.57
C LEU B 65 -0.74 10.72 -7.42
N ARG B 66 -1.98 11.14 -7.65
CA ARG B 66 -2.93 10.37 -8.47
C ARG B 66 -2.53 10.37 -9.95
N MET B 67 -3.07 9.40 -10.72
CA MET B 67 -2.80 9.29 -12.14
C MET B 67 -3.29 10.53 -12.86
N LYS B 68 -2.50 11.02 -13.80
CA LYS B 68 -2.82 12.24 -14.55
C LYS B 68 -2.37 12.12 -16.00
N ALA B 69 -2.90 12.98 -16.88
CA ALA B 69 -2.56 12.94 -18.30
C ALA B 69 -1.06 13.04 -18.55
N GLU B 70 -0.35 13.85 -17.75
CA GLU B 70 1.09 14.06 -17.85
C GLU B 70 1.90 12.78 -17.63
N ASP B 71 1.31 11.73 -17.04
CA ASP B 71 1.99 10.44 -16.90
C ASP B 71 2.10 9.71 -18.25
N TYR B 72 1.35 10.16 -19.27
CA TYR B 72 1.33 9.53 -20.58
C TYR B 72 1.93 10.42 -21.65
N GLU B 73 2.64 9.78 -22.57
CA GLU B 73 3.26 10.43 -23.71
C GLU B 73 2.37 10.10 -24.91
N VAL B 74 1.75 11.12 -25.51
CA VAL B 74 0.88 10.90 -26.67
C VAL B 74 1.75 10.56 -27.86
N VAL B 75 1.43 9.45 -28.52
CA VAL B 75 2.17 9.00 -29.67
C VAL B 75 1.47 9.55 -30.93
N LYS B 76 0.16 9.26 -31.08
CA LYS B 76 -0.63 9.64 -32.25
C LYS B 76 -2.12 9.63 -31.88
N VAL B 77 -2.98 10.25 -32.71
CA VAL B 77 -4.41 10.22 -32.48
C VAL B 77 -4.96 9.19 -33.45
N ILE B 78 -5.43 8.06 -32.93
CA ILE B 78 -5.92 6.96 -33.78
C ILE B 78 -7.46 6.89 -33.95
N GLY B 79 -8.16 7.90 -33.48
CA GLY B 79 -9.61 7.93 -33.57
C GLY B 79 -10.19 9.23 -33.07
N ARG B 80 -11.40 9.56 -33.51
CA ARG B 80 -12.05 10.80 -33.09
C ARG B 80 -13.56 10.62 -33.04
N GLY B 81 -14.17 11.34 -32.12
CA GLY B 81 -15.60 11.32 -31.90
C GLY B 81 -16.16 12.70 -31.66
N ALA B 82 -17.46 12.74 -31.38
CA ALA B 82 -18.17 14.00 -31.13
C ALA B 82 -17.67 14.67 -29.85
N PHE B 83 -17.43 13.87 -28.79
CA PHE B 83 -17.03 14.39 -27.50
C PHE B 83 -15.55 14.26 -27.17
N GLY B 84 -14.72 13.88 -28.11
CA GLY B 84 -13.30 13.72 -27.86
C GLY B 84 -12.52 12.94 -28.89
N GLU B 85 -11.44 12.29 -28.45
CA GLU B 85 -10.58 11.52 -29.34
C GLU B 85 -9.94 10.28 -28.65
N VAL B 86 -9.33 9.40 -29.44
CA VAL B 86 -8.65 8.20 -28.94
C VAL B 86 -7.22 8.38 -29.33
N GLN B 87 -6.31 8.32 -28.35
CA GLN B 87 -4.89 8.51 -28.62
C GLN B 87 -4.12 7.26 -28.28
N LEU B 88 -3.15 6.92 -29.13
CA LEU B 88 -2.23 5.84 -28.84
C LEU B 88 -1.22 6.50 -27.90
N VAL B 89 -1.14 6.04 -26.66
CA VAL B 89 -0.26 6.67 -25.66
C VAL B 89 0.72 5.67 -25.08
N ARG B 90 1.80 6.17 -24.45
CA ARG B 90 2.78 5.32 -23.81
C ARG B 90 2.99 5.86 -22.41
N HIS B 91 2.84 5.01 -21.37
CA HIS B 91 3.06 5.46 -20.00
C HIS B 91 4.54 5.83 -19.83
N LYS B 92 4.82 7.01 -19.30
CA LYS B 92 6.20 7.48 -19.16
C LYS B 92 7.06 6.54 -18.31
N SER B 93 6.57 6.19 -17.12
CA SER B 93 7.27 5.30 -16.19
C SER B 93 7.37 3.84 -16.68
N THR B 94 6.22 3.19 -16.98
CA THR B 94 6.20 1.78 -17.35
C THR B 94 6.54 1.50 -18.81
N ARG B 95 6.51 2.52 -19.69
CA ARG B 95 6.81 2.42 -21.12
C ARG B 95 5.83 1.55 -21.93
N LYS B 96 4.74 1.07 -21.27
CA LYS B 96 3.71 0.23 -21.89
C LYS B 96 2.80 1.09 -22.73
N VAL B 97 2.43 0.63 -23.95
CA VAL B 97 1.53 1.41 -24.80
C VAL B 97 0.06 0.97 -24.56
N TYR B 98 -0.86 1.95 -24.64
CA TYR B 98 -2.29 1.77 -24.44
C TYR B 98 -3.08 2.63 -25.43
N ALA B 99 -4.40 2.50 -25.41
CA ALA B 99 -5.28 3.37 -26.19
C ALA B 99 -6.02 4.17 -25.14
N MET B 100 -5.90 5.49 -25.18
CA MET B 100 -6.57 6.34 -24.22
C MET B 100 -7.72 7.11 -24.86
N LYS B 101 -8.94 6.95 -24.33
CA LYS B 101 -10.09 7.68 -24.85
C LYS B 101 -10.31 8.91 -23.98
N LEU B 102 -10.43 10.09 -24.60
CA LEU B 102 -10.63 11.34 -23.88
C LEU B 102 -12.04 11.85 -24.15
N LEU B 103 -12.73 12.31 -23.12
CA LEU B 103 -14.07 12.85 -23.24
C LEU B 103 -14.07 14.25 -22.64
N SER B 104 -14.38 15.26 -23.46
CA SER B 104 -14.42 16.66 -23.08
C SER B 104 -15.58 16.96 -22.15
N LYS B 105 -15.27 17.37 -20.90
CA LYS B 105 -16.26 17.77 -19.92
C LYS B 105 -17.02 19.01 -20.42
N PHE B 106 -16.31 19.94 -21.11
CA PHE B 106 -16.94 21.12 -21.67
C PHE B 106 -18.01 20.73 -22.69
N GLU B 107 -17.69 19.86 -23.65
CA GLU B 107 -18.68 19.46 -24.66
C GLU B 107 -19.83 18.71 -24.04
N MET B 108 -19.52 17.81 -23.12
CA MET B 108 -20.53 17.03 -22.42
C MET B 108 -21.53 17.93 -21.66
N ILE B 109 -21.03 18.92 -20.93
CA ILE B 109 -21.91 19.82 -20.18
C ILE B 109 -22.69 20.74 -21.13
N LYS B 110 -22.00 21.30 -22.14
CA LYS B 110 -22.57 22.17 -23.17
C LYS B 110 -23.76 21.49 -23.87
N ARG B 111 -23.60 20.23 -24.27
CA ARG B 111 -24.68 19.50 -24.93
C ARG B 111 -25.66 18.79 -23.98
N SER B 112 -25.53 19.03 -22.65
CA SER B 112 -26.31 18.42 -21.57
C SER B 112 -26.35 16.88 -21.66
N ASP B 113 -25.20 16.29 -21.99
CA ASP B 113 -25.05 14.86 -22.14
C ASP B 113 -23.83 14.44 -21.34
N SER B 114 -24.01 14.11 -20.04
CA SER B 114 -22.87 13.74 -19.20
C SER B 114 -23.13 12.51 -18.31
N ALA B 115 -23.73 11.46 -18.87
CA ALA B 115 -23.99 10.23 -18.14
C ALA B 115 -23.96 8.96 -19.01
N PHE B 116 -23.53 9.11 -20.28
CA PHE B 116 -23.48 8.04 -21.28
C PHE B 116 -22.33 7.03 -21.12
N PHE B 117 -21.25 7.46 -20.43
CA PHE B 117 -19.99 6.76 -20.22
C PHE B 117 -19.96 5.79 -19.05
N TRP B 118 -20.96 5.80 -18.18
CA TRP B 118 -20.97 4.92 -17.00
C TRP B 118 -21.03 3.42 -17.32
N GLU B 119 -21.82 3.01 -18.31
CA GLU B 119 -21.90 1.58 -18.64
C GLU B 119 -20.70 1.12 -19.43
N GLU B 120 -20.10 2.01 -20.24
CA GLU B 120 -18.88 1.70 -20.97
C GLU B 120 -17.76 1.46 -19.97
N ARG B 121 -17.63 2.35 -18.96
CA ARG B 121 -16.63 2.26 -17.90
C ARG B 121 -16.76 0.93 -17.16
N ASP B 122 -17.97 0.54 -16.75
CA ASP B 122 -18.22 -0.69 -16.00
C ASP B 122 -18.01 -1.98 -16.81
N ILE B 123 -18.46 -2.01 -18.06
CA ILE B 123 -18.28 -3.18 -18.91
C ILE B 123 -16.79 -3.44 -19.14
N MET B 124 -16.05 -2.42 -19.59
CA MET B 124 -14.63 -2.57 -19.83
C MET B 124 -13.81 -2.82 -18.57
N ALA B 125 -14.22 -2.28 -17.43
CA ALA B 125 -13.47 -2.48 -16.20
C ALA B 125 -13.74 -3.82 -15.54
N PHE B 126 -14.96 -4.36 -15.64
CA PHE B 126 -15.32 -5.56 -14.89
C PHE B 126 -15.64 -6.80 -15.71
N ALA B 127 -15.71 -6.70 -17.05
CA ALA B 127 -16.03 -7.86 -17.87
C ALA B 127 -15.11 -9.05 -17.67
N ASN B 128 -13.77 -8.81 -17.59
CA ASN B 128 -12.77 -9.86 -17.44
C ASN B 128 -12.98 -10.99 -18.49
N SER B 129 -13.19 -10.58 -19.75
CA SER B 129 -13.48 -11.51 -20.83
C SER B 129 -12.52 -11.29 -22.00
N PRO B 130 -12.11 -12.38 -22.68
CA PRO B 130 -11.25 -12.21 -23.87
C PRO B 130 -11.95 -11.51 -25.02
N TRP B 131 -13.29 -11.39 -24.97
CA TRP B 131 -14.13 -10.77 -25.99
C TRP B 131 -14.45 -9.30 -25.75
N VAL B 132 -13.99 -8.72 -24.63
CA VAL B 132 -14.29 -7.34 -24.29
C VAL B 132 -12.97 -6.61 -24.02
N VAL B 133 -12.77 -5.43 -24.66
CA VAL B 133 -11.58 -4.59 -24.50
C VAL B 133 -11.49 -4.18 -23.02
N GLN B 134 -10.33 -4.38 -22.39
CA GLN B 134 -10.18 -4.05 -20.98
C GLN B 134 -9.81 -2.58 -20.71
N LEU B 135 -10.34 -2.03 -19.62
CA LEU B 135 -10.06 -0.71 -19.11
C LEU B 135 -9.15 -0.95 -17.91
N PHE B 136 -7.90 -0.50 -18.00
CA PHE B 136 -6.95 -0.68 -16.93
C PHE B 136 -7.09 0.45 -15.92
N TYR B 137 -7.17 1.68 -16.39
CA TYR B 137 -7.31 2.84 -15.51
C TYR B 137 -8.28 3.84 -16.06
N ALA B 138 -8.94 4.56 -15.17
CA ALA B 138 -9.85 5.62 -15.55
C ALA B 138 -9.56 6.78 -14.60
N PHE B 139 -9.28 7.95 -15.15
CA PHE B 139 -8.99 9.12 -14.33
C PHE B 139 -9.61 10.40 -14.94
N GLN B 140 -9.37 11.56 -14.32
CA GLN B 140 -9.93 12.81 -14.81
C GLN B 140 -9.21 14.01 -14.26
N ASP B 141 -9.39 15.13 -14.96
CA ASP B 141 -8.94 16.42 -14.50
C ASP B 141 -10.16 17.38 -14.60
N ASP B 142 -9.96 18.70 -14.64
CA ASP B 142 -11.05 19.66 -14.75
C ASP B 142 -11.67 19.70 -16.15
N ARG B 143 -10.90 19.31 -17.19
CA ARG B 143 -11.34 19.38 -18.58
C ARG B 143 -11.75 18.08 -19.23
N TYR B 144 -11.08 16.95 -18.89
CA TYR B 144 -11.37 15.66 -19.54
C TYR B 144 -11.55 14.47 -18.61
N LEU B 145 -12.23 13.44 -19.13
CA LEU B 145 -12.34 12.10 -18.55
C LEU B 145 -11.37 11.28 -19.40
N TYR B 146 -10.63 10.37 -18.75
CA TYR B 146 -9.65 9.55 -19.45
C TYR B 146 -9.90 8.09 -19.27
N MET B 147 -9.82 7.31 -20.35
CA MET B 147 -10.02 5.88 -20.27
C MET B 147 -8.82 5.16 -20.85
N VAL B 148 -8.00 4.53 -20.00
CA VAL B 148 -6.81 3.81 -20.45
C VAL B 148 -7.19 2.37 -20.70
N MET B 149 -7.20 1.97 -21.96
CA MET B 149 -7.61 0.64 -22.40
C MET B 149 -6.49 -0.09 -23.15
N GLU B 150 -6.68 -1.41 -23.42
CA GLU B 150 -5.69 -2.13 -24.20
C GLU B 150 -5.70 -1.63 -25.64
N TYR B 151 -4.52 -1.51 -26.24
CA TYR B 151 -4.40 -1.06 -27.62
C TYR B 151 -4.71 -2.27 -28.53
N MET B 152 -5.61 -2.08 -29.50
CA MET B 152 -6.01 -3.12 -30.44
C MET B 152 -5.36 -2.79 -31.76
N PRO B 153 -4.12 -3.30 -32.00
CA PRO B 153 -3.40 -2.93 -33.22
C PRO B 153 -3.98 -3.41 -34.54
N GLY B 154 -4.77 -4.49 -34.49
CA GLY B 154 -5.43 -5.08 -35.64
C GLY B 154 -6.51 -4.21 -36.27
N GLY B 155 -6.74 -3.02 -35.73
CA GLY B 155 -7.73 -2.08 -36.24
C GLY B 155 -9.16 -2.52 -36.00
N ASP B 156 -10.10 -1.97 -36.75
CA ASP B 156 -11.51 -2.32 -36.59
C ASP B 156 -12.03 -3.10 -37.81
N LEU B 157 -13.28 -3.58 -37.76
CA LEU B 157 -13.83 -4.33 -38.88
C LEU B 157 -14.30 -3.47 -40.04
N VAL B 158 -14.45 -2.14 -39.84
CA VAL B 158 -14.76 -1.25 -40.96
C VAL B 158 -13.55 -1.24 -41.90
N ASN B 159 -12.35 -1.10 -41.31
CA ASN B 159 -11.08 -1.11 -42.01
C ASN B 159 -10.88 -2.46 -42.68
N LEU B 160 -11.08 -3.58 -41.95
CA LEU B 160 -10.93 -4.91 -42.54
C LEU B 160 -11.83 -5.10 -43.76
N MET B 161 -13.09 -4.68 -43.67
CA MET B 161 -14.05 -4.83 -44.76
C MET B 161 -13.68 -3.98 -45.97
N SER B 162 -13.01 -2.84 -45.76
CA SER B 162 -12.60 -1.99 -46.87
C SER B 162 -11.42 -2.63 -47.62
N ASN B 163 -10.40 -3.12 -46.88
CA ASN B 163 -9.20 -3.70 -47.47
C ASN B 163 -9.34 -5.10 -48.03
N TYR B 164 -10.47 -5.79 -47.77
CA TYR B 164 -10.60 -7.18 -48.21
C TYR B 164 -11.96 -7.54 -48.78
N ASP B 165 -11.96 -8.55 -49.66
CA ASP B 165 -13.18 -9.13 -50.19
C ASP B 165 -13.39 -10.27 -49.20
N VAL B 166 -14.37 -10.11 -48.31
CA VAL B 166 -14.59 -11.09 -47.24
C VAL B 166 -15.26 -12.35 -47.74
N PRO B 167 -14.53 -13.48 -47.77
CA PRO B 167 -15.18 -14.75 -48.13
C PRO B 167 -16.05 -15.27 -46.99
N GLU B 168 -16.90 -16.26 -47.25
CA GLU B 168 -17.79 -16.81 -46.23
C GLU B 168 -17.04 -17.43 -45.06
N LYS B 169 -15.88 -18.02 -45.34
CA LYS B 169 -15.03 -18.66 -44.34
C LYS B 169 -14.62 -17.65 -43.26
N TRP B 170 -14.29 -16.40 -43.69
CA TRP B 170 -13.90 -15.30 -42.82
C TRP B 170 -15.11 -14.74 -42.09
N ALA B 171 -16.22 -14.47 -42.83
CA ALA B 171 -17.46 -13.94 -42.30
C ALA B 171 -17.99 -14.81 -41.18
N ARG B 172 -17.87 -16.13 -41.32
CA ARG B 172 -18.31 -17.06 -40.30
C ARG B 172 -17.49 -16.91 -39.03
N PHE B 173 -16.17 -16.71 -39.16
CA PHE B 173 -15.27 -16.54 -38.03
C PHE B 173 -15.60 -15.27 -37.27
N TYR B 174 -15.70 -14.13 -38.00
CA TYR B 174 -16.02 -12.86 -37.36
C TYR B 174 -17.40 -12.87 -36.76
N THR B 175 -18.40 -13.45 -37.45
CA THR B 175 -19.75 -13.51 -36.90
C THR B 175 -19.79 -14.34 -35.62
N ALA B 176 -19.09 -15.48 -35.60
CA ALA B 176 -19.05 -16.34 -34.42
C ALA B 176 -18.38 -15.65 -33.25
N GLU B 177 -17.32 -14.88 -33.49
CA GLU B 177 -16.65 -14.16 -32.41
C GLU B 177 -17.51 -13.05 -31.85
N VAL B 178 -18.33 -12.41 -32.70
CA VAL B 178 -19.28 -11.40 -32.27
C VAL B 178 -20.38 -12.07 -31.44
N VAL B 179 -20.83 -13.27 -31.82
CA VAL B 179 -21.83 -14.01 -31.07
C VAL B 179 -21.30 -14.33 -29.66
N LEU B 180 -20.05 -14.80 -29.55
CA LEU B 180 -19.45 -15.08 -28.24
C LEU B 180 -19.21 -13.80 -27.42
N ALA B 181 -18.83 -12.70 -28.09
CA ALA B 181 -18.60 -11.43 -27.43
C ALA B 181 -19.92 -10.86 -26.87
N LEU B 182 -21.02 -10.90 -27.67
CA LEU B 182 -22.32 -10.43 -27.22
C LEU B 182 -22.89 -11.25 -26.11
N ASP B 183 -22.64 -12.56 -26.12
CA ASP B 183 -23.12 -13.45 -25.07
C ASP B 183 -22.41 -13.15 -23.74
N ALA B 184 -21.11 -12.78 -23.79
CA ALA B 184 -20.37 -12.42 -22.58
C ALA B 184 -20.95 -11.14 -21.97
N ILE B 185 -21.35 -10.16 -22.81
CA ILE B 185 -21.93 -8.91 -22.39
C ILE B 185 -23.34 -9.14 -21.85
N HIS B 186 -24.12 -9.99 -22.53
CA HIS B 186 -25.46 -10.32 -22.08
C HIS B 186 -25.43 -11.05 -20.73
N SER B 187 -24.42 -11.90 -20.52
CA SER B 187 -24.24 -12.65 -19.28
C SER B 187 -23.95 -11.72 -18.09
N MET B 188 -23.28 -10.58 -18.34
CA MET B 188 -23.01 -9.58 -17.31
C MET B 188 -24.26 -8.77 -16.90
N GLY B 189 -25.31 -8.82 -17.71
CA GLY B 189 -26.54 -8.08 -17.47
C GLY B 189 -26.69 -6.84 -18.33
N PHE B 190 -25.91 -6.75 -19.42
CA PHE B 190 -25.96 -5.59 -20.29
C PHE B 190 -26.46 -5.90 -21.70
N ILE B 191 -26.91 -4.85 -22.41
CA ILE B 191 -27.34 -4.88 -23.80
C ILE B 191 -26.55 -3.76 -24.49
N HIS B 192 -25.84 -4.10 -25.57
CA HIS B 192 -25.03 -3.13 -26.30
C HIS B 192 -25.83 -2.01 -27.01
N ARG B 193 -27.00 -2.36 -27.59
CA ARG B 193 -27.90 -1.45 -28.33
C ARG B 193 -27.43 -1.18 -29.79
N ASP B 194 -26.24 -0.56 -29.99
CA ASP B 194 -25.74 -0.30 -31.34
C ASP B 194 -24.41 -1.04 -31.64
N VAL B 195 -24.52 -2.34 -31.93
CA VAL B 195 -23.39 -3.19 -32.32
C VAL B 195 -23.06 -2.90 -33.76
N LYS B 196 -21.87 -2.39 -34.05
CA LYS B 196 -21.48 -2.08 -35.43
C LYS B 196 -20.00 -2.37 -35.65
N PRO B 197 -19.51 -2.45 -36.90
CA PRO B 197 -18.11 -2.82 -37.13
C PRO B 197 -17.07 -1.92 -36.48
N ASP B 198 -17.42 -0.67 -36.20
CA ASP B 198 -16.54 0.26 -35.49
C ASP B 198 -16.26 -0.24 -34.06
N ASN B 199 -17.26 -0.91 -33.45
CA ASN B 199 -17.16 -1.49 -32.10
C ASN B 199 -16.42 -2.80 -32.05
N MET B 200 -16.04 -3.37 -33.19
CA MET B 200 -15.35 -4.64 -33.25
C MET B 200 -13.93 -4.36 -33.60
N LEU B 201 -13.05 -4.58 -32.62
CA LEU B 201 -11.62 -4.33 -32.74
C LEU B 201 -10.85 -5.64 -32.74
N LEU B 202 -9.73 -5.68 -33.47
CA LEU B 202 -8.89 -6.87 -33.61
C LEU B 202 -7.57 -6.72 -32.83
N ASP B 203 -7.30 -7.67 -31.94
CA ASP B 203 -6.10 -7.64 -31.10
C ASP B 203 -4.80 -7.97 -31.89
N LYS B 204 -3.67 -8.23 -31.19
CA LYS B 204 -2.38 -8.56 -31.79
C LYS B 204 -2.45 -9.84 -32.65
N SER B 205 -3.31 -10.81 -32.27
CA SER B 205 -3.44 -12.07 -32.99
C SER B 205 -4.57 -12.10 -34.05
N GLY B 206 -5.27 -10.98 -34.24
CA GLY B 206 -6.35 -10.89 -35.22
C GLY B 206 -7.72 -11.31 -34.73
N HIS B 207 -7.86 -11.57 -33.42
CA HIS B 207 -9.15 -11.95 -32.84
C HIS B 207 -9.92 -10.72 -32.39
N LEU B 208 -11.24 -10.82 -32.46
CA LEU B 208 -12.20 -9.77 -32.16
C LEU B 208 -12.48 -9.60 -30.67
N LYS B 209 -12.66 -8.35 -30.26
CA LYS B 209 -13.10 -7.87 -28.95
C LYS B 209 -14.08 -6.70 -29.20
N LEU B 210 -15.13 -6.59 -28.38
CA LEU B 210 -16.08 -5.48 -28.47
C LEU B 210 -15.61 -4.31 -27.62
N ALA B 211 -15.82 -3.10 -28.12
CA ALA B 211 -15.45 -1.85 -27.49
C ALA B 211 -16.57 -0.78 -27.78
N ASP B 212 -16.53 0.42 -27.12
CA ASP B 212 -17.48 1.52 -27.31
C ASP B 212 -18.90 1.12 -26.93
N PHE B 213 -19.22 1.23 -25.65
CA PHE B 213 -20.53 0.86 -25.12
C PHE B 213 -21.47 2.10 -24.91
N GLY B 214 -20.84 3.26 -24.72
CA GLY B 214 -21.52 4.55 -24.57
C GLY B 214 -20.66 5.69 -25.09
N PRO B 234 -27.41 4.62 -37.32
CA PRO B 234 -28.80 4.25 -37.66
C PRO B 234 -28.97 2.96 -38.46
N ASP B 235 -27.98 2.62 -39.33
CA ASP B 235 -28.03 1.44 -40.20
C ASP B 235 -28.12 0.13 -39.44
N TYR B 236 -27.51 0.08 -38.28
CA TYR B 236 -27.44 -1.13 -37.48
C TYR B 236 -28.49 -1.28 -36.41
N ILE B 237 -29.35 -0.28 -36.23
CA ILE B 237 -30.35 -0.30 -35.18
C ILE B 237 -31.57 -1.12 -35.55
N SER B 238 -32.06 -1.90 -34.59
CA SER B 238 -33.21 -2.78 -34.75
C SER B 238 -34.53 -1.99 -34.75
N PRO B 239 -35.63 -2.58 -35.28
CA PRO B 239 -36.91 -1.88 -35.28
C PRO B 239 -37.41 -1.53 -33.87
N GLU B 240 -37.23 -2.40 -32.85
CA GLU B 240 -37.68 -2.12 -31.47
C GLU B 240 -36.89 -1.02 -30.80
N VAL B 241 -35.57 -0.92 -31.06
CA VAL B 241 -34.77 0.16 -30.49
C VAL B 241 -35.20 1.50 -31.10
N LEU B 242 -35.64 1.51 -32.39
CA LEU B 242 -36.15 2.71 -33.03
C LEU B 242 -37.50 3.07 -32.40
N LYS B 243 -38.47 2.12 -32.36
CA LYS B 243 -39.79 2.33 -31.74
C LYS B 243 -39.67 2.83 -30.29
N SER B 244 -38.90 2.13 -29.44
CA SER B 244 -38.73 2.47 -28.04
C SER B 244 -38.11 3.84 -27.80
N GLN B 245 -37.47 4.44 -28.82
CA GLN B 245 -36.93 5.80 -28.65
C GLN B 245 -38.02 6.90 -28.67
N GLY B 246 -39.26 6.52 -28.95
CA GLY B 246 -40.42 7.40 -28.90
C GLY B 246 -41.19 7.27 -27.60
N GLY B 247 -40.44 6.98 -26.53
CA GLY B 247 -40.88 6.86 -25.13
C GLY B 247 -42.08 6.04 -24.75
N ASP B 248 -42.22 4.81 -25.28
CA ASP B 248 -43.35 3.95 -24.90
C ASP B 248 -42.99 2.47 -25.00
N GLY B 249 -42.20 2.11 -26.01
CA GLY B 249 -41.77 0.73 -26.21
C GLY B 249 -40.67 0.30 -25.26
N TYR B 250 -40.21 -0.96 -25.42
CA TYR B 250 -39.13 -1.57 -24.63
C TYR B 250 -38.41 -2.67 -25.46
N TYR B 251 -37.14 -2.99 -25.13
CA TYR B 251 -36.42 -4.03 -25.90
C TYR B 251 -35.51 -4.95 -25.07
N GLY B 252 -35.26 -6.15 -25.61
CA GLY B 252 -34.42 -7.16 -24.97
C GLY B 252 -33.07 -7.38 -25.63
N ARG B 253 -32.39 -8.49 -25.29
CA ARG B 253 -31.08 -8.84 -25.85
C ARG B 253 -31.14 -9.06 -27.36
N GLU B 254 -32.30 -9.51 -27.89
CA GLU B 254 -32.48 -9.78 -29.32
C GLU B 254 -32.30 -8.53 -30.21
N CYS B 255 -32.21 -7.33 -29.59
CA CYS B 255 -31.92 -6.13 -30.37
C CYS B 255 -30.44 -6.16 -30.83
N ASP B 256 -29.54 -6.81 -30.05
CA ASP B 256 -28.15 -6.97 -30.44
C ASP B 256 -28.02 -8.03 -31.53
N TRP B 257 -28.89 -9.06 -31.52
CA TRP B 257 -28.86 -10.07 -32.57
C TRP B 257 -29.28 -9.55 -33.91
N TRP B 258 -30.15 -8.53 -33.94
CA TRP B 258 -30.52 -7.87 -35.19
C TRP B 258 -29.25 -7.27 -35.84
N SER B 259 -28.45 -6.56 -35.02
CA SER B 259 -27.21 -5.92 -35.44
C SER B 259 -26.22 -6.91 -36.04
N VAL B 260 -26.17 -8.13 -35.50
CA VAL B 260 -25.31 -9.20 -36.01
C VAL B 260 -25.69 -9.57 -37.45
N GLY B 261 -27.00 -9.62 -37.72
CA GLY B 261 -27.54 -9.88 -39.04
C GLY B 261 -27.16 -8.79 -40.03
N VAL B 262 -27.19 -7.53 -39.58
CA VAL B 262 -26.81 -6.40 -40.42
C VAL B 262 -25.33 -6.50 -40.76
N PHE B 263 -24.50 -6.83 -39.76
CA PHE B 263 -23.06 -7.01 -39.90
C PHE B 263 -22.72 -8.15 -40.89
N LEU B 264 -23.41 -9.30 -40.78
CA LEU B 264 -23.18 -10.43 -41.68
C LEU B 264 -23.56 -10.07 -43.12
N TYR B 265 -24.68 -9.34 -43.30
CA TYR B 265 -25.12 -8.86 -44.62
C TYR B 265 -24.07 -7.90 -45.19
N GLU B 266 -23.66 -6.86 -44.43
CA GLU B 266 -22.64 -5.93 -44.91
C GLU B 266 -21.34 -6.63 -45.33
N MET B 267 -20.92 -7.64 -44.55
CA MET B 267 -19.71 -8.38 -44.85
C MET B 267 -19.76 -9.12 -46.18
N LEU B 268 -20.83 -9.89 -46.40
CA LEU B 268 -20.97 -10.68 -47.62
C LEU B 268 -21.45 -9.88 -48.84
N VAL B 269 -22.11 -8.74 -48.65
CA VAL B 269 -22.69 -7.99 -49.75
C VAL B 269 -21.90 -6.73 -50.12
N GLY B 270 -21.35 -6.07 -49.13
CA GLY B 270 -20.59 -4.83 -49.35
C GLY B 270 -21.35 -3.58 -48.95
N ASP B 271 -22.68 -3.70 -48.76
CA ASP B 271 -23.53 -2.59 -48.34
C ASP B 271 -24.42 -3.02 -47.18
N THR B 272 -24.89 -2.04 -46.38
CA THR B 272 -25.84 -2.32 -45.29
C THR B 272 -27.19 -2.68 -45.92
N PRO B 273 -27.95 -3.60 -45.32
CA PRO B 273 -29.22 -4.02 -45.95
C PRO B 273 -30.29 -2.95 -46.06
N PHE B 274 -30.21 -1.89 -45.25
CA PHE B 274 -31.21 -0.84 -45.26
C PHE B 274 -30.60 0.53 -45.55
N TYR B 275 -29.59 0.56 -46.42
CA TYR B 275 -28.92 1.80 -46.82
C TYR B 275 -29.87 2.72 -47.57
N ALA B 276 -29.75 4.03 -47.32
CA ALA B 276 -30.51 5.08 -48.00
C ALA B 276 -29.77 6.41 -47.93
N ASP B 277 -30.04 7.31 -48.88
CA ASP B 277 -29.41 8.63 -48.92
C ASP B 277 -29.78 9.47 -47.69
N SER B 278 -31.02 9.31 -47.21
CA SER B 278 -31.53 10.05 -46.07
C SER B 278 -31.60 9.19 -44.80
N LEU B 279 -31.54 9.84 -43.64
CA LEU B 279 -31.69 9.16 -42.36
C LEU B 279 -33.13 8.62 -42.25
N VAL B 280 -34.11 9.37 -42.77
CA VAL B 280 -35.54 8.99 -42.78
C VAL B 280 -35.74 7.74 -43.60
N GLY B 281 -35.07 7.67 -44.75
CA GLY B 281 -35.16 6.56 -45.68
C GLY B 281 -34.64 5.27 -45.07
N THR B 282 -33.58 5.36 -44.27
CA THR B 282 -33.01 4.21 -43.59
C THR B 282 -33.97 3.74 -42.52
N TYR B 283 -34.44 4.69 -41.66
CA TYR B 283 -35.38 4.45 -40.58
C TYR B 283 -36.63 3.71 -41.11
N SER B 284 -37.13 4.17 -42.24
CA SER B 284 -38.31 3.64 -42.89
C SER B 284 -38.05 2.23 -43.44
N LYS B 285 -36.89 2.03 -44.08
CA LYS B 285 -36.47 0.74 -44.62
C LYS B 285 -36.33 -0.30 -43.51
N ILE B 286 -35.87 0.11 -42.33
CA ILE B 286 -35.74 -0.80 -41.19
C ILE B 286 -37.11 -1.26 -40.71
N MET B 287 -38.07 -0.33 -40.57
CA MET B 287 -39.43 -0.70 -40.16
C MET B 287 -40.10 -1.58 -41.21
N ASN B 288 -39.84 -1.30 -42.49
CA ASN B 288 -40.38 -2.09 -43.60
C ASN B 288 -39.42 -3.24 -43.97
N HIS B 289 -38.74 -3.83 -42.97
CA HIS B 289 -37.76 -4.88 -43.23
C HIS B 289 -38.32 -6.06 -44.05
N LYS B 290 -39.61 -6.41 -43.88
CA LYS B 290 -40.23 -7.50 -44.65
C LYS B 290 -40.27 -7.27 -46.14
N ASN B 291 -40.11 -6.02 -46.60
CA ASN B 291 -40.16 -5.70 -48.01
C ASN B 291 -38.87 -5.09 -48.53
N SER B 292 -38.16 -4.34 -47.68
CA SER B 292 -36.91 -3.70 -48.07
C SER B 292 -35.71 -4.65 -48.07
N LEU B 293 -35.72 -5.69 -47.23
CA LEU B 293 -34.58 -6.63 -47.19
C LEU B 293 -34.50 -7.47 -48.46
N THR B 294 -33.51 -7.15 -49.32
CA THR B 294 -33.31 -7.85 -50.58
C THR B 294 -31.83 -8.20 -50.78
N PHE B 295 -31.53 -9.33 -51.44
CA PHE B 295 -30.16 -9.72 -51.77
C PHE B 295 -29.93 -9.42 -53.25
N PRO B 296 -28.85 -8.71 -53.58
CA PRO B 296 -28.62 -8.35 -54.99
C PRO B 296 -28.61 -9.53 -55.95
N ASP B 297 -29.06 -9.29 -57.19
CA ASP B 297 -29.15 -10.28 -58.27
C ASP B 297 -27.88 -11.14 -58.40
N ASP B 298 -26.71 -10.48 -58.34
CA ASP B 298 -25.40 -11.09 -58.45
C ASP B 298 -24.85 -11.53 -57.09
N ASN B 299 -25.61 -12.39 -56.37
CA ASN B 299 -25.17 -12.86 -55.07
C ASN B 299 -24.66 -14.31 -55.09
N ASP B 300 -23.38 -14.47 -54.80
CA ASP B 300 -22.76 -15.79 -54.66
C ASP B 300 -23.08 -16.44 -53.27
N ILE B 301 -23.71 -15.67 -52.36
CA ILE B 301 -24.08 -16.00 -50.99
C ILE B 301 -24.79 -17.32 -50.88
N SER B 302 -24.34 -18.16 -49.95
CA SER B 302 -24.91 -19.48 -49.72
C SER B 302 -26.32 -19.38 -49.14
N LYS B 303 -27.08 -20.48 -49.25
CA LYS B 303 -28.43 -20.52 -48.70
C LYS B 303 -28.38 -20.45 -47.17
N GLU B 304 -27.33 -21.01 -46.53
CA GLU B 304 -27.21 -20.97 -45.07
C GLU B 304 -26.88 -19.57 -44.56
N ALA B 305 -26.09 -18.80 -45.34
CA ALA B 305 -25.74 -17.43 -44.98
C ALA B 305 -26.98 -16.53 -45.09
N LYS B 306 -27.77 -16.70 -46.16
CA LYS B 306 -29.01 -15.95 -46.36
C LYS B 306 -30.02 -16.32 -45.29
N ASN B 307 -30.12 -17.63 -44.94
CA ASN B 307 -31.02 -18.12 -43.89
C ASN B 307 -30.73 -17.41 -42.56
N LEU B 308 -29.43 -17.34 -42.17
CA LEU B 308 -29.00 -16.71 -40.92
C LEU B 308 -29.29 -15.22 -40.92
N ILE B 309 -29.01 -14.52 -42.04
CA ILE B 309 -29.30 -13.08 -42.14
C ILE B 309 -30.79 -12.82 -41.98
N CYS B 310 -31.62 -13.61 -42.65
CA CYS B 310 -33.08 -13.45 -42.55
C CYS B 310 -33.62 -13.84 -41.17
N ALA B 311 -32.98 -14.82 -40.50
CA ALA B 311 -33.37 -15.24 -39.16
C ALA B 311 -33.10 -14.16 -38.12
N PHE B 312 -32.11 -13.28 -38.37
CA PHE B 312 -31.77 -12.19 -37.46
C PHE B 312 -32.56 -10.93 -37.87
N LEU B 313 -32.63 -10.63 -39.17
CA LEU B 313 -33.35 -9.47 -39.69
C LEU B 313 -34.84 -9.73 -39.88
N THR B 314 -35.53 -9.88 -38.75
CA THR B 314 -36.96 -10.14 -38.66
C THR B 314 -37.51 -9.54 -37.34
N ASP B 315 -38.85 -9.58 -37.10
CA ASP B 315 -39.38 -9.00 -35.86
C ASP B 315 -38.87 -9.74 -34.61
N ARG B 316 -38.76 -9.02 -33.47
CA ARG B 316 -38.24 -9.59 -32.24
C ARG B 316 -39.00 -10.82 -31.71
N GLU B 317 -40.32 -10.94 -32.00
CA GLU B 317 -41.12 -12.09 -31.54
C GLU B 317 -40.71 -13.41 -32.18
N VAL B 318 -40.12 -13.35 -33.39
CA VAL B 318 -39.66 -14.54 -34.12
C VAL B 318 -38.16 -14.51 -34.43
N ARG B 319 -37.41 -13.55 -33.87
CA ARG B 319 -35.98 -13.42 -34.14
C ARG B 319 -35.11 -14.50 -33.50
N LEU B 320 -34.07 -14.92 -34.22
CA LEU B 320 -33.09 -15.88 -33.73
C LEU B 320 -32.29 -15.20 -32.60
N GLY B 321 -32.21 -15.86 -31.46
CA GLY B 321 -31.56 -15.28 -30.28
C GLY B 321 -32.53 -15.03 -29.14
N ARG B 322 -33.84 -15.10 -29.45
CA ARG B 322 -34.97 -14.93 -28.55
C ARG B 322 -34.86 -15.97 -27.43
N ASN B 323 -34.57 -17.23 -27.80
CA ASN B 323 -34.41 -18.32 -26.84
C ASN B 323 -32.92 -18.64 -26.68
N GLY B 324 -32.14 -17.63 -26.29
CA GLY B 324 -30.71 -17.76 -25.99
C GLY B 324 -29.74 -17.87 -27.16
N VAL B 325 -28.44 -17.92 -26.84
CA VAL B 325 -27.36 -18.03 -27.81
C VAL B 325 -27.24 -19.45 -28.41
N GLU B 326 -27.70 -20.50 -27.70
CA GLU B 326 -27.61 -21.87 -28.17
C GLU B 326 -28.24 -22.09 -29.55
N GLU B 327 -29.43 -21.52 -29.80
CA GLU B 327 -30.04 -21.70 -31.12
C GLU B 327 -29.25 -21.01 -32.23
N ILE B 328 -28.50 -19.93 -31.89
CA ILE B 328 -27.64 -19.23 -32.84
C ILE B 328 -26.44 -20.12 -33.13
N LYS B 329 -25.80 -20.65 -32.08
CA LYS B 329 -24.65 -21.52 -32.23
C LYS B 329 -24.94 -22.78 -33.04
N ARG B 330 -26.20 -23.28 -32.99
CA ARG B 330 -26.57 -24.48 -33.75
C ARG B 330 -26.89 -24.22 -35.22
N HIS B 331 -26.89 -22.96 -35.67
CA HIS B 331 -27.22 -22.66 -37.06
C HIS B 331 -26.23 -23.31 -38.02
N LEU B 332 -26.76 -23.86 -39.12
CA LEU B 332 -25.95 -24.53 -40.14
C LEU B 332 -24.87 -23.67 -40.75
N PHE B 333 -25.03 -22.33 -40.73
CA PHE B 333 -24.01 -21.44 -41.26
C PHE B 333 -22.70 -21.59 -40.46
N PHE B 334 -22.78 -21.91 -39.15
CA PHE B 334 -21.58 -22.05 -38.34
C PHE B 334 -20.89 -23.42 -38.45
N LYS B 335 -21.53 -24.41 -39.13
CA LYS B 335 -20.96 -25.73 -39.35
C LYS B 335 -19.76 -25.60 -40.26
N ASN B 336 -18.59 -25.98 -39.72
CA ASN B 336 -17.31 -25.92 -40.39
C ASN B 336 -16.34 -26.96 -39.77
N ASP B 337 -15.21 -27.20 -40.45
CA ASP B 337 -14.21 -28.15 -39.96
C ASP B 337 -12.94 -27.52 -39.41
N GLN B 338 -12.83 -26.18 -39.42
CA GLN B 338 -11.64 -25.51 -38.89
C GLN B 338 -11.71 -25.24 -37.39
N TRP B 339 -12.89 -24.89 -36.88
CA TRP B 339 -13.02 -24.55 -35.46
C TRP B 339 -14.31 -25.06 -34.80
N ALA B 340 -14.34 -24.95 -33.46
CA ALA B 340 -15.43 -25.30 -32.55
C ALA B 340 -15.74 -24.11 -31.65
N TRP B 341 -16.99 -23.99 -31.19
CA TRP B 341 -17.41 -22.89 -30.35
C TRP B 341 -16.57 -22.71 -29.09
N GLU B 342 -16.23 -23.82 -28.43
CA GLU B 342 -15.47 -23.75 -27.18
C GLU B 342 -13.98 -23.46 -27.35
N THR B 343 -13.43 -23.57 -28.57
CA THR B 343 -12.00 -23.33 -28.79
C THR B 343 -11.71 -22.29 -29.89
N LEU B 344 -12.74 -21.59 -30.39
CA LEU B 344 -12.65 -20.64 -31.48
C LEU B 344 -11.57 -19.60 -31.26
N ARG B 345 -11.36 -19.14 -30.02
CA ARG B 345 -10.32 -18.15 -29.77
C ARG B 345 -8.88 -18.71 -29.81
N ASP B 346 -8.72 -20.03 -29.83
CA ASP B 346 -7.39 -20.62 -29.97
C ASP B 346 -6.98 -20.83 -31.44
N THR B 347 -7.94 -20.68 -32.39
CA THR B 347 -7.70 -20.86 -33.81
C THR B 347 -6.98 -19.65 -34.41
N VAL B 348 -6.35 -19.83 -35.56
CA VAL B 348 -5.65 -18.74 -36.22
C VAL B 348 -6.71 -17.93 -36.94
N ALA B 349 -6.73 -16.63 -36.67
CA ALA B 349 -7.66 -15.70 -37.29
C ALA B 349 -7.32 -15.51 -38.78
N PRO B 350 -8.32 -15.13 -39.61
CA PRO B 350 -8.09 -14.94 -41.05
C PRO B 350 -7.03 -13.90 -41.38
N VAL B 351 -7.03 -12.79 -40.66
CA VAL B 351 -6.06 -11.73 -40.88
C VAL B 351 -5.25 -11.54 -39.60
N VAL B 352 -4.00 -12.04 -39.56
CA VAL B 352 -3.12 -11.87 -38.40
C VAL B 352 -2.25 -10.64 -38.68
N PRO B 353 -2.37 -9.55 -37.89
CA PRO B 353 -1.65 -8.32 -38.24
C PRO B 353 -0.12 -8.36 -38.20
N ASP B 354 0.49 -7.43 -38.98
CA ASP B 354 1.93 -7.24 -39.07
C ASP B 354 2.47 -6.61 -37.79
N LEU B 355 3.01 -7.45 -36.91
CA LEU B 355 3.53 -7.07 -35.61
C LEU B 355 4.92 -6.37 -35.69
N SER B 356 5.03 -5.22 -36.42
CA SER B 356 6.32 -4.57 -36.58
C SER B 356 6.85 -3.92 -35.31
N SER B 357 6.01 -3.15 -34.61
CA SER B 357 6.40 -2.49 -33.37
C SER B 357 5.22 -2.29 -32.42
N ASP B 358 5.48 -1.93 -31.16
CA ASP B 358 4.41 -1.65 -30.21
C ASP B 358 3.64 -0.35 -30.55
N ILE B 359 4.20 0.48 -31.44
CA ILE B 359 3.71 1.78 -31.91
C ILE B 359 3.10 1.69 -33.35
N ASP B 360 2.83 0.48 -33.85
CA ASP B 360 2.28 0.24 -35.20
C ASP B 360 0.85 0.76 -35.41
N THR B 361 0.72 1.82 -36.20
CA THR B 361 -0.58 2.42 -36.53
C THR B 361 -0.95 2.23 -38.02
N SER B 362 -0.46 1.14 -38.62
CA SER B 362 -0.71 0.82 -40.02
C SER B 362 -2.19 0.57 -40.27
N ASN B 363 -2.86 -0.13 -39.35
CA ASN B 363 -4.29 -0.44 -39.47
C ASN B 363 -5.22 0.71 -39.10
N PHE B 364 -4.69 1.93 -38.97
CA PHE B 364 -5.49 3.09 -38.65
C PHE B 364 -5.20 4.24 -39.57
N ASP B 365 -6.26 4.96 -39.92
CA ASP B 365 -6.18 6.15 -40.75
C ASP B 365 -5.79 7.29 -39.84
N ASP B 366 -4.91 8.15 -40.34
CA ASP B 366 -4.45 9.30 -39.58
C ASP B 366 -5.27 10.58 -39.93
N LEU B 367 -5.43 11.52 -38.97
CA LEU B 367 -6.15 12.77 -39.22
C LEU B 367 -5.68 13.90 -38.28
N GLU B 374 -10.22 23.64 -28.23
CA GLU B 374 -10.26 23.64 -26.76
C GLU B 374 -11.11 24.80 -26.26
N GLU B 375 -11.96 24.55 -25.26
CA GLU B 375 -12.85 25.59 -24.69
C GLU B 375 -12.87 25.51 -23.18
N THR B 376 -12.59 26.64 -22.53
CA THR B 376 -12.60 26.73 -21.06
C THR B 376 -14.04 27.08 -20.59
N PHE B 377 -14.44 26.57 -19.42
CA PHE B 377 -15.75 26.89 -18.85
C PHE B 377 -15.76 28.36 -18.40
N PRO B 378 -16.93 29.04 -18.46
CA PRO B 378 -16.99 30.42 -17.96
C PRO B 378 -16.77 30.48 -16.45
N ILE B 379 -16.14 31.56 -15.94
CA ILE B 379 -15.92 31.68 -14.49
C ILE B 379 -17.26 31.82 -13.77
N PRO B 380 -17.58 30.88 -12.88
CA PRO B 380 -18.87 30.93 -12.18
C PRO B 380 -19.03 32.13 -11.26
N LYS B 381 -20.22 32.71 -11.29
CA LYS B 381 -20.54 33.80 -10.37
C LYS B 381 -21.33 33.27 -9.11
N ALA B 382 -21.82 32.03 -9.19
CA ALA B 382 -22.52 31.21 -8.19
C ALA B 382 -22.03 29.74 -8.36
N PHE B 383 -22.30 28.84 -7.39
CA PHE B 383 -21.87 27.46 -7.52
C PHE B 383 -22.60 26.77 -8.65
N VAL B 384 -21.87 26.29 -9.65
CA VAL B 384 -22.48 25.64 -10.81
C VAL B 384 -22.44 24.12 -10.66
N GLY B 385 -21.30 23.60 -10.18
CA GLY B 385 -21.13 22.17 -9.95
C GLY B 385 -20.88 21.36 -11.20
N ASN B 386 -20.15 21.91 -12.17
CA ASN B 386 -19.86 21.21 -13.43
C ASN B 386 -19.06 19.93 -13.27
N GLN B 387 -18.32 19.79 -12.18
CA GLN B 387 -17.54 18.58 -11.93
C GLN B 387 -18.35 17.45 -11.24
N LEU B 388 -19.54 17.77 -10.71
CA LEU B 388 -20.39 16.83 -9.99
C LEU B 388 -20.83 15.61 -10.82
N PRO B 389 -21.21 15.75 -12.10
CA PRO B 389 -21.64 14.54 -12.84
C PRO B 389 -20.52 13.54 -13.15
N PHE B 390 -19.27 13.86 -12.78
CA PHE B 390 -18.11 13.01 -13.03
C PHE B 390 -17.50 12.39 -11.75
N VAL B 391 -18.10 12.64 -10.60
CA VAL B 391 -17.62 12.08 -9.34
C VAL B 391 -17.85 10.58 -9.36
N GLY B 392 -16.79 9.81 -9.14
CA GLY B 392 -16.85 8.35 -9.11
C GLY B 392 -16.36 7.67 -10.36
N PHE B 393 -15.84 8.45 -11.32
CA PHE B 393 -15.34 7.91 -12.58
C PHE B 393 -13.98 7.25 -12.40
N THR B 394 -13.16 7.71 -11.44
CA THR B 394 -11.82 7.18 -11.24
C THR B 394 -11.84 5.69 -10.91
N TYR B 395 -10.97 4.94 -11.60
CA TYR B 395 -10.83 3.50 -11.48
C TYR B 395 -9.36 3.13 -11.62
N TYR B 396 -8.85 2.32 -10.69
CA TYR B 396 -7.48 1.81 -10.74
C TYR B 396 -7.54 0.26 -10.65
N SER B 397 -7.08 -0.44 -11.70
CA SER B 397 -7.08 -1.92 -11.65
C SER B 397 -5.78 -2.35 -10.97
N ASN B 398 -5.90 -2.94 -9.76
CA ASN B 398 -4.74 -3.34 -8.94
C ASN B 398 -5.12 -4.55 -8.06
N GLU C 4 2.78 -15.49 -20.11
CA GLU C 4 1.88 -14.69 -19.27
C GLU C 4 1.65 -15.39 -17.94
N THR C 5 1.25 -16.67 -17.96
CA THR C 5 1.04 -17.47 -16.76
C THR C 5 2.37 -17.74 -16.03
N ARG C 6 3.48 -17.83 -16.78
CA ARG C 6 4.82 -18.01 -16.22
C ARG C 6 5.30 -16.69 -15.61
N PHE C 7 5.06 -15.57 -16.32
CA PHE C 7 5.38 -14.21 -15.89
C PHE C 7 4.60 -13.83 -14.61
N GLU C 8 3.39 -14.39 -14.44
CA GLU C 8 2.54 -14.17 -13.27
C GLU C 8 3.20 -14.75 -12.02
N LYS C 9 3.64 -16.02 -12.09
CA LYS C 9 4.29 -16.65 -10.93
C LYS C 9 5.72 -16.11 -10.68
N MET C 10 6.36 -15.56 -11.73
CA MET C 10 7.68 -14.98 -11.61
C MET C 10 7.61 -13.67 -10.82
N ASP C 11 6.59 -12.83 -11.11
CA ASP C 11 6.39 -11.56 -10.41
C ASP C 11 6.18 -11.81 -8.91
N ASN C 12 5.40 -12.86 -8.57
CA ASN C 12 5.10 -13.24 -7.19
C ASN C 12 6.38 -13.51 -6.39
N LEU C 13 7.25 -14.40 -6.87
CA LEU C 13 8.50 -14.73 -6.18
C LEU C 13 9.49 -13.57 -6.19
N LEU C 14 9.45 -12.71 -7.21
CA LEU C 14 10.34 -11.55 -7.31
C LEU C 14 9.94 -10.40 -6.38
N ARG C 15 8.68 -10.35 -5.94
CA ARG C 15 8.22 -9.24 -5.10
C ARG C 15 7.91 -9.64 -3.66
N ASP C 16 7.45 -10.88 -3.46
CA ASP C 16 7.07 -11.43 -2.14
C ASP C 16 8.21 -11.31 -1.13
N PRO C 17 8.03 -10.56 -0.03
CA PRO C 17 9.11 -10.42 0.97
C PRO C 17 9.50 -11.73 1.65
N LYS C 18 8.58 -12.70 1.71
CA LYS C 18 8.88 -14.01 2.31
C LYS C 18 9.44 -15.02 1.28
N SER C 19 9.60 -14.63 0.01
CA SER C 19 10.12 -15.55 -1.01
C SER C 19 11.65 -15.57 -0.94
N GLU C 20 12.25 -16.73 -1.24
CA GLU C 20 13.70 -16.86 -1.16
C GLU C 20 14.44 -16.35 -2.42
N VAL C 21 13.73 -15.75 -3.41
CA VAL C 21 14.38 -15.21 -4.61
C VAL C 21 13.84 -13.82 -4.96
N ASN C 22 13.43 -13.04 -3.96
CA ASN C 22 12.92 -11.68 -4.19
C ASN C 22 14.06 -10.74 -4.65
N SER C 23 13.72 -9.54 -5.12
CA SER C 23 14.69 -8.60 -5.64
C SER C 23 15.87 -8.28 -4.72
N ASP C 24 15.64 -8.11 -3.40
CA ASP C 24 16.74 -7.83 -2.46
C ASP C 24 17.52 -9.10 -2.05
N CYS C 25 16.93 -10.27 -2.28
CA CYS C 25 17.53 -11.56 -2.02
C CYS C 25 18.49 -11.87 -3.19
N LEU C 26 18.06 -11.63 -4.45
CA LEU C 26 18.87 -11.83 -5.65
C LEU C 26 20.08 -10.88 -5.69
N LEU C 27 19.91 -9.66 -5.16
CA LEU C 27 20.99 -8.68 -5.06
C LEU C 27 22.06 -9.08 -4.03
N ASP C 28 21.71 -9.95 -3.08
CA ASP C 28 22.63 -10.46 -2.10
C ASP C 28 23.60 -11.45 -2.74
N GLY C 29 23.10 -12.28 -3.66
CA GLY C 29 23.89 -13.28 -4.37
C GLY C 29 25.00 -12.65 -5.20
N LEU C 30 24.68 -11.57 -5.91
CA LEU C 30 25.66 -10.86 -6.71
C LEU C 30 26.69 -10.17 -5.80
N ASP C 31 26.24 -9.63 -4.66
CA ASP C 31 27.09 -8.95 -3.67
C ASP C 31 28.06 -9.95 -3.05
N ALA C 32 27.57 -11.15 -2.74
CA ALA C 32 28.38 -12.21 -2.13
C ALA C 32 29.41 -12.72 -3.13
N LEU C 33 29.02 -12.83 -4.40
CA LEU C 33 29.88 -13.29 -5.47
C LEU C 33 31.06 -12.33 -5.67
N VAL C 34 30.83 -11.02 -5.64
CA VAL C 34 31.92 -10.04 -5.77
C VAL C 34 32.83 -10.05 -4.54
N TYR C 35 32.26 -10.21 -3.35
CA TYR C 35 33.06 -10.25 -2.13
C TYR C 35 33.93 -11.51 -2.08
N ASP C 36 33.39 -12.67 -2.53
CA ASP C 36 34.08 -13.97 -2.50
C ASP C 36 35.04 -14.27 -3.66
N LEU C 37 34.94 -13.53 -4.77
CA LEU C 37 35.81 -13.76 -5.92
C LEU C 37 36.98 -12.77 -6.01
N ASP C 38 36.84 -11.58 -5.39
CA ASP C 38 37.85 -10.52 -5.47
C ASP C 38 39.08 -10.76 -4.61
N PHE C 39 39.86 -11.79 -4.97
CA PHE C 39 41.12 -12.15 -4.34
C PHE C 39 42.15 -12.41 -5.45
N PRO C 40 43.42 -12.01 -5.24
CA PRO C 40 44.41 -12.14 -6.32
C PRO C 40 44.62 -13.53 -6.88
N ALA C 41 44.55 -14.56 -6.01
CA ALA C 41 44.72 -15.94 -6.45
C ALA C 41 43.56 -16.37 -7.35
N LEU C 42 42.34 -15.94 -7.03
CA LEU C 42 41.15 -16.26 -7.81
C LEU C 42 41.07 -15.45 -9.11
N ARG C 43 41.57 -14.20 -9.07
CA ARG C 43 41.62 -13.31 -10.23
C ARG C 43 42.52 -13.86 -11.36
N LYS C 44 43.32 -14.91 -11.09
CA LYS C 44 44.17 -15.54 -12.11
C LYS C 44 43.30 -16.32 -13.14
N ASN C 45 42.12 -16.82 -12.71
CA ASN C 45 41.13 -17.48 -13.55
C ASN C 45 40.53 -16.37 -14.41
N LYS C 46 40.58 -16.51 -15.73
CA LYS C 46 40.07 -15.49 -16.65
C LYS C 46 38.59 -15.23 -16.47
N ASN C 47 37.81 -16.29 -16.23
CA ASN C 47 36.36 -16.16 -16.03
C ASN C 47 36.06 -15.30 -14.82
N ILE C 48 36.82 -15.46 -13.75
CA ILE C 48 36.65 -14.69 -12.52
C ILE C 48 37.11 -13.26 -12.69
N ASP C 49 38.34 -13.04 -13.21
CA ASP C 49 38.89 -11.70 -13.41
C ASP C 49 38.06 -10.86 -14.37
N ASN C 50 37.53 -11.47 -15.43
CA ASN C 50 36.73 -10.75 -16.40
C ASN C 50 35.35 -10.40 -15.83
N PHE C 51 34.73 -11.34 -15.09
CA PHE C 51 33.43 -11.12 -14.44
C PHE C 51 33.49 -9.97 -13.44
N LEU C 52 34.56 -9.92 -12.64
CA LEU C 52 34.72 -8.89 -11.64
C LEU C 52 34.95 -7.53 -12.27
N SER C 53 35.66 -7.46 -13.40
CA SER C 53 35.88 -6.19 -14.09
C SER C 53 34.53 -5.64 -14.63
N ARG C 54 33.69 -6.53 -15.13
CA ARG C 54 32.38 -6.25 -15.69
C ARG C 54 31.36 -5.80 -14.63
N TYR C 55 31.50 -6.29 -13.38
CA TYR C 55 30.54 -5.97 -12.33
C TYR C 55 31.06 -5.16 -11.16
N LYS C 56 32.37 -4.81 -11.11
CA LYS C 56 32.90 -4.05 -9.97
C LYS C 56 32.47 -2.60 -9.94
N ASP C 57 32.12 -2.04 -11.09
CA ASP C 57 31.61 -0.67 -11.16
C ASP C 57 30.17 -0.63 -10.63
N THR C 58 29.32 -1.54 -11.12
CA THR C 58 27.91 -1.64 -10.74
C THR C 58 27.71 -2.12 -9.30
N ILE C 59 28.53 -3.07 -8.82
CA ILE C 59 28.41 -3.59 -7.46
C ILE C 59 28.81 -2.54 -6.43
N ASN C 60 29.80 -1.68 -6.74
CA ASN C 60 30.20 -0.61 -5.84
C ASN C 60 29.13 0.48 -5.79
N LYS C 61 28.43 0.70 -6.92
CA LYS C 61 27.34 1.66 -7.05
C LYS C 61 26.16 1.19 -6.18
N ILE C 62 25.79 -0.10 -6.30
CA ILE C 62 24.71 -0.72 -5.53
C ILE C 62 25.01 -0.73 -4.03
N ARG C 63 26.26 -0.99 -3.64
CA ARG C 63 26.65 -0.97 -2.22
C ARG C 63 26.49 0.39 -1.58
N ASP C 64 26.51 1.46 -2.38
CA ASP C 64 26.29 2.80 -1.88
C ASP C 64 24.79 3.13 -1.80
N LEU C 65 24.02 2.72 -2.82
CA LEU C 65 22.57 2.96 -2.86
C LEU C 65 21.83 2.17 -1.79
N ARG C 66 22.21 0.90 -1.59
CA ARG C 66 21.59 0.03 -0.58
C ARG C 66 21.90 0.51 0.83
N MET C 67 21.11 0.06 1.81
CA MET C 67 21.32 0.43 3.20
C MET C 67 22.65 -0.12 3.68
N LYS C 68 23.41 0.70 4.40
CA LYS C 68 24.72 0.34 4.92
C LYS C 68 24.93 0.94 6.30
N ALA C 69 25.86 0.37 7.09
CA ALA C 69 26.13 0.81 8.45
C ALA C 69 26.39 2.31 8.56
N GLU C 70 27.05 2.90 7.55
CA GLU C 70 27.37 4.33 7.51
C GLU C 70 26.14 5.23 7.49
N ASP C 71 24.95 4.67 7.16
CA ASP C 71 23.70 5.43 7.20
C ASP C 71 23.25 5.68 8.64
N TYR C 72 23.80 4.95 9.63
CA TYR C 72 23.39 5.04 11.01
C TYR C 72 24.51 5.57 11.88
N GLU C 73 24.15 6.49 12.76
CA GLU C 73 25.03 7.13 13.70
C GLU C 73 24.90 6.35 15.00
N VAL C 74 25.98 5.72 15.47
CA VAL C 74 25.95 4.97 16.72
C VAL C 74 25.86 5.94 17.90
N VAL C 75 24.92 5.69 18.83
CA VAL C 75 24.69 6.54 19.99
C VAL C 75 25.22 5.92 21.29
N LYS C 76 25.17 4.61 21.38
CA LYS C 76 25.69 3.89 22.55
C LYS C 76 25.57 2.39 22.30
N VAL C 77 26.30 1.57 23.05
CA VAL C 77 26.18 0.12 22.93
C VAL C 77 25.32 -0.32 24.13
N ILE C 78 24.09 -0.76 23.86
CA ILE C 78 23.16 -1.10 24.93
C ILE C 78 23.06 -2.62 25.24
N GLY C 79 23.90 -3.42 24.62
CA GLY C 79 23.89 -4.86 24.83
C GLY C 79 25.03 -5.56 24.13
N ARG C 80 25.39 -6.76 24.59
CA ARG C 80 26.47 -7.52 23.98
C ARG C 80 26.22 -9.02 24.07
N GLY C 81 26.73 -9.74 23.09
CA GLY C 81 26.59 -11.18 22.99
C GLY C 81 27.87 -11.85 22.53
N ALA C 82 27.81 -13.17 22.33
CA ALA C 82 28.96 -13.96 21.89
C ALA C 82 29.39 -13.58 20.48
N PHE C 83 28.41 -13.38 19.59
CA PHE C 83 28.69 -13.09 18.19
C PHE C 83 28.53 -11.63 17.78
N GLY C 84 28.40 -10.71 18.74
CA GLY C 84 28.27 -9.30 18.39
C GLY C 84 27.76 -8.40 19.50
N GLU C 85 27.08 -7.30 19.11
CA GLU C 85 26.56 -6.34 20.06
C GLU C 85 25.23 -5.68 19.59
N VAL C 86 24.55 -4.95 20.49
CA VAL C 86 23.32 -4.23 20.18
C VAL C 86 23.64 -2.78 20.41
N GLN C 87 23.43 -1.93 19.39
CA GLN C 87 23.71 -0.52 19.52
C GLN C 87 22.48 0.32 19.37
N LEU C 88 22.35 1.36 20.18
CA LEU C 88 21.27 2.32 20.02
C LEU C 88 21.80 3.21 18.89
N VAL C 89 21.11 3.24 17.75
CA VAL C 89 21.56 4.00 16.58
C VAL C 89 20.51 5.01 16.12
N ARG C 90 20.94 6.01 15.33
CA ARG C 90 20.03 7.01 14.81
C ARG C 90 20.29 7.08 13.31
N HIS C 91 19.26 6.91 12.46
CA HIS C 91 19.45 6.98 11.02
C HIS C 91 19.83 8.42 10.65
N LYS C 92 20.99 8.63 9.97
CA LYS C 92 21.48 9.96 9.62
C LYS C 92 20.45 10.78 8.86
N SER C 93 19.86 10.20 7.83
CA SER C 93 18.87 10.86 6.99
C SER C 93 17.54 11.11 7.71
N THR C 94 16.88 10.05 8.24
CA THR C 94 15.55 10.15 8.85
C THR C 94 15.55 10.65 10.31
N ARG C 95 16.70 10.60 10.99
CA ARG C 95 16.87 11.02 12.38
C ARG C 95 16.10 10.16 13.41
N LYS C 96 15.45 9.07 12.96
CA LYS C 96 14.69 8.15 13.80
C LYS C 96 15.66 7.22 14.53
N VAL C 97 15.42 6.96 15.84
CA VAL C 97 16.32 6.07 16.59
C VAL C 97 15.79 4.61 16.55
N TYR C 98 16.72 3.64 16.54
CA TYR C 98 16.44 2.23 16.50
C TYR C 98 17.44 1.46 17.37
N ALA C 99 17.26 0.14 17.47
CA ALA C 99 18.22 -0.71 18.15
C ALA C 99 18.76 -1.58 17.03
N MET C 100 20.08 -1.55 16.81
CA MET C 100 20.68 -2.35 15.76
C MET C 100 21.48 -3.50 16.32
N LYS C 101 21.16 -4.75 15.95
CA LYS C 101 21.93 -5.91 16.40
C LYS C 101 22.94 -6.27 15.32
N LEU C 102 24.20 -6.44 15.70
CA LEU C 102 25.27 -6.76 14.77
C LEU C 102 25.75 -8.18 15.03
N LEU C 103 25.96 -8.97 13.98
CA LEU C 103 26.46 -10.33 14.11
C LEU C 103 27.72 -10.44 13.26
N SER C 104 28.87 -10.73 13.89
CA SER C 104 30.18 -10.85 13.25
C SER C 104 30.28 -12.08 12.36
N LYS C 105 30.42 -11.88 11.04
CA LYS C 105 30.59 -12.96 10.07
C LYS C 105 31.93 -13.66 10.31
N PHE C 106 32.99 -12.87 10.62
CA PHE C 106 34.36 -13.31 10.93
C PHE C 106 34.40 -14.28 12.13
N GLU C 107 33.42 -14.16 13.04
CA GLU C 107 33.33 -14.98 14.24
C GLU C 107 32.30 -16.10 14.10
N MET C 108 31.26 -15.93 13.26
CA MET C 108 30.27 -16.98 13.11
C MET C 108 30.78 -18.07 12.17
N ILE C 109 31.55 -17.68 11.11
CA ILE C 109 32.18 -18.66 10.20
C ILE C 109 33.27 -19.43 10.97
N LYS C 110 34.08 -18.69 11.77
CA LYS C 110 35.14 -19.24 12.63
C LYS C 110 34.61 -20.37 13.54
N ARG C 111 33.46 -20.16 14.19
CA ARG C 111 32.87 -21.18 15.06
C ARG C 111 31.93 -22.17 14.32
N SER C 112 31.89 -22.12 12.97
CA SER C 112 31.05 -22.93 12.09
C SER C 112 29.56 -22.93 12.52
N ASP C 113 29.09 -21.75 12.92
CA ASP C 113 27.72 -21.53 13.35
C ASP C 113 27.18 -20.33 12.56
N SER C 114 26.56 -20.58 11.38
CA SER C 114 26.06 -19.48 10.56
C SER C 114 24.66 -19.72 9.99
N ALA C 115 23.73 -20.20 10.82
CA ALA C 115 22.35 -20.44 10.38
C ALA C 115 21.28 -20.27 11.47
N PHE C 116 21.67 -19.77 12.65
CA PHE C 116 20.77 -19.60 13.79
C PHE C 116 19.85 -18.39 13.68
N PHE C 117 20.31 -17.36 12.97
CA PHE C 117 19.65 -16.06 12.81
C PHE C 117 18.45 -16.04 11.86
N TRP C 118 18.23 -17.10 11.09
CA TRP C 118 17.13 -17.12 10.12
C TRP C 118 15.75 -17.07 10.75
N GLU C 119 15.56 -17.79 11.87
CA GLU C 119 14.28 -17.80 12.56
C GLU C 119 14.03 -16.43 13.21
N GLU C 120 15.05 -15.83 13.86
CA GLU C 120 14.94 -14.52 14.49
C GLU C 120 14.56 -13.46 13.46
N ARG C 121 15.23 -13.49 12.30
CA ARG C 121 14.95 -12.56 11.20
C ARG C 121 13.49 -12.65 10.75
N ASP C 122 12.98 -13.88 10.50
CA ASP C 122 11.61 -14.11 10.05
C ASP C 122 10.54 -13.76 11.08
N ILE C 123 10.75 -14.10 12.36
CA ILE C 123 9.80 -13.79 13.41
C ILE C 123 9.64 -12.27 13.54
N MET C 124 10.76 -11.55 13.71
CA MET C 124 10.72 -10.11 13.87
C MET C 124 10.24 -9.37 12.62
N ALA C 125 10.52 -9.91 11.43
CA ALA C 125 10.11 -9.24 10.19
C ALA C 125 8.66 -9.47 9.84
N PHE C 126 8.13 -10.66 10.13
CA PHE C 126 6.78 -11.01 9.66
C PHE C 126 5.72 -11.22 10.73
N ALA C 127 6.07 -11.18 12.03
CA ALA C 127 5.08 -11.37 13.09
C ALA C 127 3.92 -10.40 13.01
N ASN C 128 4.19 -9.11 12.72
CA ASN C 128 3.18 -8.04 12.66
C ASN C 128 2.29 -8.06 13.91
N SER C 129 2.95 -8.14 15.08
CA SER C 129 2.28 -8.26 16.36
C SER C 129 2.80 -7.24 17.32
N PRO C 130 1.90 -6.64 18.13
CA PRO C 130 2.38 -5.71 19.17
C PRO C 130 3.23 -6.36 20.25
N TRP C 131 3.25 -7.69 20.31
CA TRP C 131 3.99 -8.47 21.32
C TRP C 131 5.35 -8.95 20.89
N VAL C 132 5.73 -8.71 19.63
CA VAL C 132 7.02 -9.15 19.12
C VAL C 132 7.75 -7.91 18.62
N VAL C 133 9.03 -7.75 19.01
CA VAL C 133 9.87 -6.61 18.59
C VAL C 133 9.98 -6.64 17.06
N GLN C 134 9.68 -5.54 16.39
CA GLN C 134 9.71 -5.51 14.94
C GLN C 134 11.10 -5.26 14.36
N LEU C 135 11.39 -5.90 13.22
CA LEU C 135 12.59 -5.75 12.43
C LEU C 135 12.14 -4.91 11.25
N PHE C 136 12.66 -3.68 11.16
CA PHE C 136 12.31 -2.78 10.08
C PHE C 136 13.18 -3.06 8.86
N TYR C 137 14.49 -3.20 9.07
CA TYR C 137 15.43 -3.46 8.00
C TYR C 137 16.47 -4.47 8.43
N ALA C 138 16.94 -5.25 7.48
CA ALA C 138 18.02 -6.20 7.72
C ALA C 138 18.99 -6.03 6.53
N PHE C 139 20.26 -5.79 6.81
CA PHE C 139 21.26 -5.64 5.76
C PHE C 139 22.58 -6.29 6.14
N GLN C 140 23.59 -6.17 5.29
CA GLN C 140 24.89 -6.79 5.54
C GLN C 140 25.98 -6.18 4.70
N ASP C 141 27.21 -6.36 5.18
CA ASP C 141 28.40 -6.02 4.44
C ASP C 141 29.31 -7.29 4.48
N ASP C 142 30.61 -7.14 4.23
CA ASP C 142 31.53 -8.29 4.23
C ASP C 142 31.83 -8.81 5.65
N ARG C 143 31.68 -7.94 6.67
CA ARG C 143 32.03 -8.27 8.06
C ARG C 143 30.86 -8.56 8.98
N TYR C 144 29.71 -7.86 8.82
CA TYR C 144 28.57 -8.03 9.73
C TYR C 144 27.21 -8.22 9.07
N LEU C 145 26.28 -8.82 9.82
CA LEU C 145 24.86 -8.91 9.54
C LEU C 145 24.27 -7.83 10.46
N TYR C 146 23.28 -7.09 9.95
CA TYR C 146 22.69 -6.01 10.73
C TYR C 146 21.20 -6.17 10.85
N MET C 147 20.67 -5.96 12.06
CA MET C 147 19.24 -6.05 12.29
C MET C 147 18.73 -4.77 12.88
N VAL C 148 17.98 -3.97 12.13
CA VAL C 148 17.42 -2.71 12.59
C VAL C 148 16.04 -2.98 13.16
N MET C 149 15.92 -2.87 14.48
CA MET C 149 14.70 -3.16 15.20
C MET C 149 14.19 -1.96 15.99
N GLU C 150 12.96 -2.06 16.56
CA GLU C 150 12.46 -0.96 17.39
C GLU C 150 13.23 -0.89 18.67
N TYR C 151 13.50 0.33 19.13
CA TYR C 151 14.23 0.53 20.36
C TYR C 151 13.21 0.36 21.52
N MET C 152 13.55 -0.42 22.54
CA MET C 152 12.72 -0.70 23.70
C MET C 152 13.34 0.02 24.90
N PRO C 153 13.02 1.31 25.06
CA PRO C 153 13.65 2.10 26.13
C PRO C 153 13.38 1.68 27.55
N GLY C 154 12.29 0.93 27.73
CA GLY C 154 11.81 0.42 29.01
C GLY C 154 12.74 -0.56 29.71
N GLY C 155 13.66 -1.15 28.95
CA GLY C 155 14.60 -2.10 29.52
C GLY C 155 14.05 -3.52 29.49
N ASP C 156 14.77 -4.46 30.14
CA ASP C 156 14.31 -5.84 30.18
C ASP C 156 13.70 -6.18 31.56
N LEU C 157 13.13 -7.40 31.71
CA LEU C 157 12.51 -7.77 32.98
C LEU C 157 13.50 -8.19 34.04
N VAL C 158 14.75 -8.50 33.68
CA VAL C 158 15.80 -8.78 34.68
C VAL C 158 16.04 -7.46 35.47
N ASN C 159 16.15 -6.36 34.74
CA ASN C 159 16.37 -5.03 35.26
C ASN C 159 15.15 -4.63 36.10
N LEU C 160 13.93 -4.79 35.56
CA LEU C 160 12.73 -4.47 36.33
C LEU C 160 12.65 -5.20 37.66
N MET C 161 12.94 -6.52 37.65
CA MET C 161 12.91 -7.33 38.85
C MET C 161 13.97 -6.92 39.87
N SER C 162 15.12 -6.37 39.40
CA SER C 162 16.17 -5.93 40.32
C SER C 162 15.77 -4.62 41.01
N ASN C 163 15.24 -3.66 40.25
CA ASN C 163 14.86 -2.36 40.78
C ASN C 163 13.57 -2.32 41.58
N TYR C 164 12.74 -3.38 41.55
CA TYR C 164 11.44 -3.34 42.21
C TYR C 164 11.08 -4.58 42.97
N ASP C 165 10.22 -4.41 43.98
CA ASP C 165 9.62 -5.51 44.74
C ASP C 165 8.36 -5.76 43.93
N VAL C 166 8.32 -6.82 43.13
CA VAL C 166 7.17 -7.07 42.27
C VAL C 166 5.96 -7.60 43.01
N PRO C 167 4.91 -6.77 43.13
CA PRO C 167 3.65 -7.27 43.73
C PRO C 167 2.92 -8.20 42.75
N GLU C 168 1.90 -8.92 43.22
CA GLU C 168 1.14 -9.84 42.37
C GLU C 168 0.41 -9.13 41.25
N LYS C 169 -0.04 -7.89 41.50
CA LYS C 169 -0.75 -7.07 40.52
C LYS C 169 0.12 -6.85 39.29
N TRP C 170 1.42 -6.64 39.49
CA TRP C 170 2.42 -6.44 38.44
C TRP C 170 2.75 -7.73 37.76
N ALA C 171 3.03 -8.79 38.54
CA ALA C 171 3.37 -10.13 38.06
C ALA C 171 2.28 -10.67 37.16
N ARG C 172 1.02 -10.43 37.50
CA ARG C 172 -0.10 -10.84 36.67
C ARG C 172 -0.08 -10.14 35.31
N PHE C 173 0.24 -8.84 35.27
CA PHE C 173 0.29 -8.05 34.03
C PHE C 173 1.39 -8.55 33.14
N TYR C 174 2.61 -8.72 33.69
CA TYR C 174 3.74 -9.20 32.90
C TYR C 174 3.54 -10.61 32.46
N THR C 175 3.02 -11.48 33.33
CA THR C 175 2.76 -12.88 32.93
C THR C 175 1.75 -12.94 31.78
N ALA C 176 0.62 -12.18 31.87
CA ALA C 176 -0.37 -12.17 30.80
C ALA C 176 0.23 -11.68 29.51
N GLU C 177 1.06 -10.64 29.54
CA GLU C 177 1.66 -10.12 28.30
C GLU C 177 2.60 -11.11 27.67
N VAL C 178 3.31 -11.92 28.48
CA VAL C 178 4.17 -13.00 27.99
C VAL C 178 3.30 -14.10 27.40
N VAL C 179 2.14 -14.41 28.02
CA VAL C 179 1.22 -15.40 27.48
C VAL C 179 0.71 -14.97 26.10
N LEU C 180 0.30 -13.69 25.94
CA LEU C 180 -0.14 -13.18 24.63
C LEU C 180 0.99 -13.14 23.61
N ALA C 181 2.21 -12.79 24.05
CA ALA C 181 3.39 -12.74 23.18
C ALA C 181 3.76 -14.15 22.67
N LEU C 182 3.77 -15.17 23.58
CA LEU C 182 4.08 -16.55 23.19
C LEU C 182 3.04 -17.14 22.30
N ASP C 183 1.78 -16.78 22.48
CA ASP C 183 0.71 -17.27 21.61
C ASP C 183 0.86 -16.71 20.20
N ALA C 184 1.31 -15.47 20.05
CA ALA C 184 1.51 -14.87 18.73
C ALA C 184 2.62 -15.62 18.00
N ILE C 185 3.69 -16.02 18.72
CA ILE C 185 4.82 -16.76 18.16
C ILE C 185 4.40 -18.17 17.81
N HIS C 186 3.63 -18.82 18.70
CA HIS C 186 3.14 -20.17 18.46
C HIS C 186 2.20 -20.20 17.24
N SER C 187 1.38 -19.14 17.08
CA SER C 187 0.46 -19.04 15.96
C SER C 187 1.19 -18.94 14.61
N MET C 188 2.38 -18.36 14.59
CA MET C 188 3.19 -18.28 13.39
C MET C 188 3.84 -19.62 13.01
N GLY C 189 3.87 -20.57 13.93
CA GLY C 189 4.48 -21.87 13.70
C GLY C 189 5.84 -22.04 14.36
N PHE C 190 6.18 -21.17 15.34
CA PHE C 190 7.46 -21.23 16.01
C PHE C 190 7.35 -21.58 17.50
N ILE C 191 8.46 -22.04 18.09
CA ILE C 191 8.63 -22.33 19.51
C ILE C 191 9.87 -21.55 19.93
N HIS C 192 9.76 -20.71 20.96
CA HIS C 192 10.87 -19.89 21.45
C HIS C 192 12.04 -20.72 22.00
N ARG C 193 11.73 -21.85 22.67
CA ARG C 193 12.68 -22.81 23.26
C ARG C 193 13.41 -22.30 24.53
N ASP C 194 13.65 -20.98 24.59
CA ASP C 194 14.40 -20.32 25.67
C ASP C 194 13.75 -18.98 26.11
N VAL C 195 12.61 -19.05 26.78
CA VAL C 195 11.91 -17.87 27.23
C VAL C 195 12.48 -17.50 28.59
N LYS C 196 13.07 -16.32 28.72
CA LYS C 196 13.63 -15.86 30.00
C LYS C 196 13.48 -14.34 30.11
N PRO C 197 13.62 -13.76 31.32
CA PRO C 197 13.41 -12.31 31.49
C PRO C 197 14.25 -11.40 30.60
N ASP C 198 15.42 -11.87 30.18
CA ASP C 198 16.30 -11.15 29.27
C ASP C 198 15.61 -10.94 27.93
N ASN C 199 14.77 -11.89 27.48
CA ASN C 199 14.01 -11.83 26.20
C ASN C 199 12.77 -10.98 26.28
N MET C 200 12.39 -10.52 27.45
CA MET C 200 11.21 -9.71 27.64
C MET C 200 11.64 -8.27 27.82
N LEU C 201 11.33 -7.45 26.81
CA LEU C 201 11.68 -6.05 26.74
C LEU C 201 10.45 -5.17 26.86
N LEU C 202 10.64 -3.97 27.40
CA LEU C 202 9.56 -3.04 27.66
C LEU C 202 9.63 -1.80 26.79
N ASP C 203 8.59 -1.52 26.02
CA ASP C 203 8.57 -0.42 25.06
C ASP C 203 8.43 0.96 25.76
N LYS C 204 8.23 2.04 24.97
CA LYS C 204 8.09 3.40 25.50
C LYS C 204 7.01 3.50 26.58
N SER C 205 5.86 2.80 26.38
CA SER C 205 4.70 2.85 27.28
C SER C 205 4.71 1.82 28.46
N GLY C 206 5.78 1.04 28.57
CA GLY C 206 5.95 0.06 29.62
C GLY C 206 5.39 -1.32 29.30
N HIS C 207 4.93 -1.54 28.07
CA HIS C 207 4.37 -2.83 27.68
C HIS C 207 5.45 -3.73 27.13
N LEU C 208 5.27 -5.05 27.38
CA LEU C 208 6.20 -6.13 27.01
C LEU C 208 6.10 -6.58 25.58
N LYS C 209 7.25 -6.99 25.07
CA LYS C 209 7.45 -7.55 23.75
C LYS C 209 8.59 -8.59 23.88
N LEU C 210 8.50 -9.66 23.09
CA LEU C 210 9.55 -10.66 23.07
C LEU C 210 10.56 -10.34 22.00
N ALA C 211 11.81 -10.70 22.27
CA ALA C 211 12.96 -10.51 21.40
C ALA C 211 13.91 -11.75 21.52
N ASP C 212 15.05 -11.77 20.78
CA ASP C 212 16.10 -12.80 20.83
C ASP C 212 15.51 -14.19 20.59
N PHE C 213 15.38 -14.56 19.32
CA PHE C 213 14.80 -15.85 18.96
C PHE C 213 15.82 -16.93 18.58
N GLY C 214 15.49 -18.18 18.95
CA GLY C 214 16.31 -19.37 18.73
C GLY C 214 16.73 -19.65 17.30
N THR C 233 19.32 -20.08 29.52
CA THR C 233 19.92 -20.53 30.79
C THR C 233 19.28 -21.84 31.25
N PRO C 234 20.07 -22.73 31.92
CA PRO C 234 19.52 -24.02 32.39
C PRO C 234 18.34 -23.93 33.36
N ASP C 235 18.23 -22.84 34.14
CA ASP C 235 17.17 -22.64 35.14
C ASP C 235 15.78 -22.58 34.55
N TYR C 236 15.66 -22.04 33.33
CA TYR C 236 14.39 -21.85 32.65
C TYR C 236 13.98 -22.99 31.73
N ILE C 237 14.84 -24.01 31.55
CA ILE C 237 14.57 -25.12 30.65
C ILE C 237 13.67 -26.19 31.25
N SER C 238 12.75 -26.69 30.43
CA SER C 238 11.77 -27.72 30.81
C SER C 238 12.39 -29.12 30.87
N PRO C 239 11.76 -30.08 31.59
CA PRO C 239 12.30 -31.43 31.66
C PRO C 239 12.44 -32.09 30.29
N GLU C 240 11.45 -31.92 29.39
CA GLU C 240 11.55 -32.48 28.04
C GLU C 240 12.70 -31.90 27.20
N VAL C 241 12.94 -30.58 27.25
CA VAL C 241 14.05 -30.01 26.48
C VAL C 241 15.40 -30.53 27.00
N LEU C 242 15.48 -30.87 28.31
CA LEU C 242 16.68 -31.45 28.91
C LEU C 242 16.81 -32.87 28.40
N LYS C 243 15.75 -33.71 28.54
CA LYS C 243 15.76 -35.09 28.03
C LYS C 243 16.14 -35.15 26.52
N SER C 244 15.44 -34.37 25.69
CA SER C 244 15.66 -34.29 24.25
C SER C 244 17.09 -33.89 23.90
N GLN C 245 17.78 -33.15 24.78
CA GLN C 245 19.16 -32.74 24.49
C GLN C 245 20.12 -33.91 24.30
N GLY C 246 19.73 -35.08 24.80
CA GLY C 246 20.48 -36.31 24.65
C GLY C 246 19.88 -37.13 23.52
N GLY C 247 18.82 -37.85 23.84
CA GLY C 247 18.17 -38.70 22.86
C GLY C 247 16.66 -38.83 22.91
N ASP C 248 15.99 -38.21 23.93
CA ASP C 248 14.52 -38.26 24.00
C ASP C 248 13.80 -37.42 22.86
N GLY C 249 14.62 -36.91 21.92
CA GLY C 249 14.25 -36.21 20.70
C GLY C 249 13.28 -35.05 20.62
N TYR C 250 11.98 -35.31 20.86
CA TYR C 250 10.96 -34.32 20.62
C TYR C 250 10.36 -33.61 21.82
N TYR C 251 10.03 -32.33 21.60
CA TYR C 251 9.33 -31.41 22.51
C TYR C 251 8.40 -30.47 21.71
N GLY C 252 7.36 -29.98 22.37
CA GLY C 252 6.35 -29.12 21.77
C GLY C 252 6.34 -27.71 22.30
N ARG C 253 5.28 -26.96 21.99
CA ARG C 253 5.16 -25.56 22.42
C ARG C 253 4.97 -25.40 23.93
N GLU C 254 4.52 -26.47 24.65
CA GLU C 254 4.38 -26.49 26.11
C GLU C 254 5.75 -26.35 26.83
N CYS C 255 6.87 -26.43 26.09
CA CYS C 255 8.17 -26.18 26.69
C CYS C 255 8.31 -24.68 26.99
N ASP C 256 7.62 -23.80 26.23
CA ASP C 256 7.59 -22.37 26.49
C ASP C 256 6.71 -22.08 27.71
N TRP C 257 5.63 -22.84 27.91
CA TRP C 257 4.76 -22.64 29.08
C TRP C 257 5.42 -23.03 30.36
N TRP C 258 6.36 -23.98 30.33
CA TRP C 258 7.13 -24.35 31.52
C TRP C 258 7.96 -23.09 31.97
N SER C 259 8.63 -22.43 30.99
CA SER C 259 9.45 -21.23 31.21
C SER C 259 8.63 -20.09 31.82
N VAL C 260 7.34 -19.96 31.42
CA VAL C 260 6.46 -18.93 31.97
C VAL C 260 6.25 -19.17 33.47
N GLY C 261 6.12 -20.44 33.87
CA GLY C 261 5.95 -20.81 35.27
C GLY C 261 7.20 -20.47 36.05
N VAL C 262 8.40 -20.68 35.45
CA VAL C 262 9.66 -20.35 36.10
C VAL C 262 9.76 -18.84 36.29
N PHE C 263 9.36 -18.07 35.26
CA PHE C 263 9.33 -16.60 35.29
C PHE C 263 8.37 -16.08 36.37
N LEU C 264 7.15 -16.63 36.48
CA LEU C 264 6.19 -16.21 37.50
C LEU C 264 6.71 -16.50 38.91
N TYR C 265 7.35 -17.67 39.10
CA TYR C 265 7.95 -18.05 40.38
C TYR C 265 9.08 -17.06 40.70
N GLU C 266 10.03 -16.84 39.78
CA GLU C 266 11.12 -15.87 40.04
C GLU C 266 10.59 -14.48 40.40
N MET C 267 9.55 -14.00 39.71
CA MET C 267 9.00 -12.68 40.00
C MET C 267 8.42 -12.56 41.40
N LEU C 268 7.61 -13.54 41.82
CA LEU C 268 6.98 -13.49 43.15
C LEU C 268 7.87 -13.92 44.28
N VAL C 269 8.88 -14.73 44.01
CA VAL C 269 9.73 -15.30 45.06
C VAL C 269 11.08 -14.62 45.18
N GLY C 270 11.67 -14.24 44.06
CA GLY C 270 12.97 -13.60 44.05
C GLY C 270 14.07 -14.52 43.58
N ASP C 271 13.81 -15.85 43.55
CA ASP C 271 14.77 -16.85 43.11
C ASP C 271 14.12 -17.79 42.10
N THR C 272 14.93 -18.45 41.24
CA THR C 272 14.41 -19.45 40.32
C THR C 272 14.02 -20.70 41.12
N PRO C 273 12.93 -21.40 40.72
CA PRO C 273 12.45 -22.53 41.54
C PRO C 273 13.38 -23.71 41.67
N PHE C 274 14.32 -23.85 40.72
CA PHE C 274 15.23 -24.99 40.71
C PHE C 274 16.69 -24.56 40.75
N TYR C 275 16.97 -23.47 41.49
CA TYR C 275 18.32 -22.94 41.65
C TYR C 275 19.22 -23.95 42.38
N ALA C 276 20.48 -24.06 41.95
CA ALA C 276 21.50 -24.88 42.57
C ALA C 276 22.90 -24.36 42.22
N ASP C 277 23.88 -24.67 43.07
CA ASP C 277 25.28 -24.24 42.88
C ASP C 277 25.88 -24.85 41.60
N SER C 278 25.49 -26.09 41.28
CA SER C 278 25.99 -26.78 40.09
C SER C 278 24.94 -26.88 38.99
N LEU C 279 25.37 -27.02 37.71
CA LEU C 279 24.41 -27.23 36.62
C LEU C 279 23.71 -28.56 36.82
N VAL C 280 24.45 -29.61 37.23
CA VAL C 280 23.92 -30.93 37.49
C VAL C 280 22.84 -30.90 38.57
N GLY C 281 23.04 -30.06 39.59
CA GLY C 281 22.06 -29.92 40.66
C GLY C 281 20.77 -29.30 40.19
N THR C 282 20.87 -28.35 39.24
CA THR C 282 19.73 -27.69 38.65
C THR C 282 18.99 -28.70 37.74
N TYR C 283 19.72 -29.40 36.83
CA TYR C 283 19.11 -30.44 35.96
C TYR C 283 18.39 -31.49 36.76
N SER C 284 18.99 -31.89 37.87
CA SER C 284 18.41 -32.89 38.73
C SER C 284 17.15 -32.37 39.41
N LYS C 285 17.17 -31.13 39.89
CA LYS C 285 16.03 -30.46 40.52
C LYS C 285 14.87 -30.31 39.53
N ILE C 286 15.18 -30.03 38.25
CA ILE C 286 14.17 -29.89 37.23
C ILE C 286 13.49 -31.23 36.98
N MET C 287 14.26 -32.32 36.83
CA MET C 287 13.68 -33.65 36.62
C MET C 287 12.87 -34.08 37.85
N ASN C 288 13.34 -33.73 39.04
CA ASN C 288 12.64 -34.05 40.28
C ASN C 288 11.65 -32.93 40.67
N HIS C 289 11.05 -32.25 39.68
CA HIS C 289 10.16 -31.13 39.95
C HIS C 289 9.04 -31.44 40.94
N LYS C 290 8.51 -32.70 40.94
CA LYS C 290 7.44 -33.07 41.87
C LYS C 290 7.84 -33.00 43.34
N ASN C 291 9.16 -32.98 43.63
CA ASN C 291 9.65 -32.97 45.00
C ASN C 291 10.47 -31.73 45.31
N SER C 292 11.24 -31.24 44.34
CA SER C 292 12.06 -30.05 44.51
C SER C 292 11.29 -28.72 44.48
N LEU C 293 10.15 -28.65 43.78
CA LEU C 293 9.38 -27.41 43.71
C LEU C 293 8.72 -27.10 45.04
N THR C 294 9.25 -26.09 45.71
CA THR C 294 8.73 -25.69 47.01
C THR C 294 8.65 -24.16 47.11
N PHE C 295 7.65 -23.65 47.83
CA PHE C 295 7.49 -22.22 48.06
C PHE C 295 7.99 -21.92 49.46
N PRO C 296 8.83 -20.88 49.62
CA PRO C 296 9.39 -20.59 50.96
C PRO C 296 8.36 -20.42 52.06
N ASP C 297 8.69 -20.93 53.26
CA ASP C 297 7.84 -20.91 54.45
C ASP C 297 7.24 -19.52 54.73
N ASP C 298 8.07 -18.48 54.58
CA ASP C 298 7.68 -17.09 54.80
C ASP C 298 7.11 -16.46 53.52
N ASN C 299 6.09 -17.10 52.90
CA ASN C 299 5.53 -16.57 51.65
C ASN C 299 4.15 -15.95 51.80
N ASP C 300 3.98 -14.78 51.20
CA ASP C 300 2.66 -14.14 51.17
C ASP C 300 1.92 -14.41 49.82
N ILE C 301 2.48 -15.28 48.95
CA ILE C 301 1.97 -15.67 47.63
C ILE C 301 0.55 -16.22 47.76
N SER C 302 -0.34 -15.79 46.88
CA SER C 302 -1.71 -16.22 46.87
C SER C 302 -1.85 -17.66 46.43
N LYS C 303 -2.98 -18.28 46.76
CA LYS C 303 -3.23 -19.65 46.36
C LYS C 303 -3.38 -19.75 44.85
N GLU C 304 -3.93 -18.73 44.20
CA GLU C 304 -4.08 -18.75 42.75
C GLU C 304 -2.75 -18.62 42.02
N ALA C 305 -1.81 -17.88 42.61
CA ALA C 305 -0.49 -17.70 42.03
C ALA C 305 0.29 -19.01 42.12
N LYS C 306 0.21 -19.68 43.29
CA LYS C 306 0.84 -20.98 43.50
C LYS C 306 0.22 -22.02 42.60
N ASN C 307 -1.12 -22.03 42.47
CA ASN C 307 -1.85 -22.94 41.56
C ASN C 307 -1.32 -22.84 40.13
N LEU C 308 -1.19 -21.59 39.59
CA LEU C 308 -0.69 -21.34 38.23
C LEU C 308 0.74 -21.79 38.05
N ILE C 309 1.61 -21.53 39.02
CA ILE C 309 3.01 -21.95 38.95
C ILE C 309 3.09 -23.44 38.90
N CYS C 310 2.34 -24.12 39.75
CA CYS C 310 2.33 -25.59 39.79
C CYS C 310 1.70 -26.19 38.54
N ALA C 311 0.71 -25.51 37.95
CA ALA C 311 0.06 -25.96 36.71
C ALA C 311 1.01 -25.90 35.51
N PHE C 312 2.02 -25.00 35.55
CA PHE C 312 3.01 -24.88 34.47
C PHE C 312 4.21 -25.78 34.78
N LEU C 313 4.65 -25.78 36.04
CA LEU C 313 5.80 -26.58 36.48
C LEU C 313 5.39 -28.01 36.85
N THR C 314 5.02 -28.76 35.81
CA THR C 314 4.57 -30.15 35.89
C THR C 314 4.94 -30.87 34.57
N ASP C 315 4.68 -32.17 34.43
CA ASP C 315 5.05 -32.92 33.21
C ASP C 315 4.26 -32.46 32.00
N ARG C 316 4.87 -32.45 30.80
CA ARG C 316 4.18 -31.94 29.61
C ARG C 316 2.82 -32.55 29.37
N GLU C 317 2.68 -33.83 29.72
CA GLU C 317 1.47 -34.62 29.53
C GLU C 317 0.27 -34.07 30.28
N VAL C 318 0.49 -33.36 31.39
CA VAL C 318 -0.57 -32.73 32.18
C VAL C 318 -0.36 -31.20 32.35
N ARG C 319 0.61 -30.60 31.64
CA ARG C 319 0.92 -29.19 31.77
C ARG C 319 -0.12 -28.27 31.22
N LEU C 320 -0.35 -27.13 31.88
CA LEU C 320 -1.27 -26.09 31.42
C LEU C 320 -0.67 -25.48 30.15
N GLY C 321 -1.46 -25.42 29.10
CA GLY C 321 -0.97 -24.99 27.79
C GLY C 321 -1.03 -26.09 26.74
N ARG C 322 -1.45 -27.34 27.19
CA ARG C 322 -1.68 -28.58 26.44
C ARG C 322 -2.85 -28.35 25.48
N ASN C 323 -3.95 -27.83 26.01
CA ASN C 323 -5.15 -27.57 25.23
C ASN C 323 -5.13 -26.15 24.68
N GLY C 324 -3.96 -25.61 24.32
CA GLY C 324 -3.87 -24.23 23.85
C GLY C 324 -3.81 -23.16 24.93
N VAL C 325 -3.83 -21.91 24.51
CA VAL C 325 -3.71 -20.76 25.37
C VAL C 325 -5.01 -20.44 26.17
N GLU C 326 -6.19 -20.82 25.66
CA GLU C 326 -7.45 -20.55 26.34
C GLU C 326 -7.49 -21.05 27.77
N GLU C 327 -6.98 -22.27 28.05
CA GLU C 327 -7.02 -22.75 29.43
C GLU C 327 -6.13 -21.94 30.34
N ILE C 328 -5.05 -21.33 29.78
CA ILE C 328 -4.13 -20.44 30.51
C ILE C 328 -4.87 -19.13 30.82
N LYS C 329 -5.48 -18.54 29.79
CA LYS C 329 -6.23 -17.32 29.96
C LYS C 329 -7.39 -17.44 30.93
N ARG C 330 -7.99 -18.65 31.10
CA ARG C 330 -9.12 -18.81 32.03
C ARG C 330 -8.69 -19.02 33.46
N HIS C 331 -7.37 -19.09 33.74
CA HIS C 331 -6.90 -19.32 35.11
C HIS C 331 -7.31 -18.21 36.05
N LEU C 332 -7.75 -18.56 37.25
CA LEU C 332 -8.19 -17.62 38.26
C LEU C 332 -7.14 -16.57 38.62
N PHE C 333 -5.84 -16.88 38.45
CA PHE C 333 -4.80 -15.90 38.75
C PHE C 333 -4.93 -14.68 37.86
N PHE C 334 -5.46 -14.83 36.64
CA PHE C 334 -5.63 -13.70 35.74
C PHE C 334 -6.89 -12.87 35.99
N LYS C 335 -7.79 -13.32 36.89
CA LYS C 335 -9.02 -12.60 37.23
C LYS C 335 -8.63 -11.37 38.01
N ASN C 336 -9.02 -10.22 37.46
CA ASN C 336 -8.74 -8.90 38.00
C ASN C 336 -9.75 -7.87 37.46
N ASP C 337 -9.78 -6.66 38.03
CA ASP C 337 -10.70 -5.60 37.58
C ASP C 337 -10.06 -4.48 36.79
N GLN C 338 -8.72 -4.52 36.59
CA GLN C 338 -8.04 -3.48 35.84
C GLN C 338 -8.05 -3.71 34.34
N TRP C 339 -7.91 -4.98 33.90
CA TRP C 339 -7.83 -5.28 32.48
C TRP C 339 -8.54 -6.56 32.04
N ALA C 340 -8.63 -6.71 30.70
CA ALA C 340 -9.21 -7.81 29.95
C ALA C 340 -8.19 -8.33 28.92
N TRP C 341 -8.21 -9.62 28.60
CA TRP C 341 -7.29 -10.20 27.64
C TRP C 341 -7.29 -9.51 26.29
N GLU C 342 -8.47 -9.14 25.78
CA GLU C 342 -8.57 -8.54 24.45
C GLU C 342 -8.19 -7.07 24.41
N THR C 343 -8.04 -6.38 25.56
CA THR C 343 -7.67 -4.95 25.58
C THR C 343 -6.44 -4.67 26.49
N LEU C 344 -5.73 -5.71 26.95
CA LEU C 344 -4.61 -5.60 27.89
C LEU C 344 -3.57 -4.62 27.45
N ARG C 345 -3.31 -4.53 26.15
CA ARG C 345 -2.32 -3.59 25.65
C ARG C 345 -2.77 -2.12 25.68
N ASP C 346 -4.04 -1.84 25.94
CA ASP C 346 -4.54 -0.47 26.10
C ASP C 346 -4.55 -0.04 27.59
N THR C 347 -4.18 -0.93 28.52
CA THR C 347 -4.11 -0.62 29.93
C THR C 347 -2.78 0.13 30.19
N VAL C 348 -2.72 0.87 31.29
CA VAL C 348 -1.52 1.54 31.69
C VAL C 348 -0.68 0.48 32.37
N ALA C 349 0.58 0.34 31.91
CA ALA C 349 1.48 -0.63 32.49
C ALA C 349 1.91 -0.23 33.91
N PRO C 350 2.35 -1.20 34.76
CA PRO C 350 2.77 -0.87 36.13
C PRO C 350 3.90 0.15 36.23
N VAL C 351 4.88 0.02 35.35
CA VAL C 351 6.02 0.92 35.31
C VAL C 351 6.01 1.61 33.95
N VAL C 352 5.58 2.90 33.86
CA VAL C 352 5.60 3.65 32.59
C VAL C 352 6.91 4.41 32.53
N PRO C 353 7.86 4.13 31.62
CA PRO C 353 9.20 4.73 31.72
C PRO C 353 9.27 6.27 31.65
N ASP C 354 10.12 6.81 32.55
CA ASP C 354 10.46 8.22 32.75
C ASP C 354 11.57 8.59 31.74
N LEU C 355 11.16 9.09 30.55
CA LEU C 355 12.11 9.33 29.48
C LEU C 355 12.28 10.79 29.06
N SER C 356 13.53 11.28 29.27
CA SER C 356 14.03 12.61 28.94
C SER C 356 14.12 12.85 27.43
N SER C 357 14.64 11.86 26.68
CA SER C 357 14.81 12.02 25.23
C SER C 357 14.61 10.70 24.47
N ASP C 358 14.53 10.78 23.11
CA ASP C 358 14.42 9.59 22.26
C ASP C 358 15.62 8.67 22.35
N ILE C 359 16.72 9.12 22.96
CA ILE C 359 17.90 8.28 23.12
C ILE C 359 18.23 8.05 24.58
N ASP C 360 17.22 8.12 25.47
CA ASP C 360 17.40 7.85 26.89
C ASP C 360 17.79 6.39 27.06
N THR C 361 18.86 6.14 27.84
CA THR C 361 19.42 4.82 28.11
C THR C 361 19.53 4.54 29.60
N SER C 362 18.62 5.13 30.42
CA SER C 362 18.62 4.96 31.87
C SER C 362 18.43 3.51 32.27
N ASN C 363 17.54 2.81 31.55
CA ASN C 363 17.21 1.42 31.82
C ASN C 363 18.24 0.41 31.37
N PHE C 364 19.34 0.88 30.80
CA PHE C 364 20.37 0.00 30.32
C PHE C 364 21.69 0.32 30.97
N ASP C 365 22.43 -0.74 31.27
CA ASP C 365 23.75 -0.64 31.86
C ASP C 365 24.69 -0.26 30.73
N ASP C 366 25.45 0.84 30.94
CA ASP C 366 26.38 1.40 29.95
C ASP C 366 27.49 0.45 29.51
N LEU C 367 27.96 0.65 28.27
CA LEU C 367 29.02 -0.16 27.67
C LEU C 367 29.84 0.70 26.69
N ALA C 382 41.91 -20.39 -3.01
CA ALA C 382 40.82 -21.12 -3.63
C ALA C 382 39.46 -20.51 -3.24
N PHE C 383 38.38 -20.82 -3.99
CA PHE C 383 37.05 -20.26 -3.67
C PHE C 383 36.56 -20.86 -2.36
N VAL C 384 36.33 -20.01 -1.35
CA VAL C 384 35.85 -20.47 -0.05
C VAL C 384 34.34 -20.27 0.07
N GLY C 385 33.86 -19.11 -0.38
CA GLY C 385 32.44 -18.80 -0.35
C GLY C 385 31.89 -18.43 1.01
N ASN C 386 32.68 -17.69 1.81
CA ASN C 386 32.29 -17.28 3.16
C ASN C 386 31.03 -16.41 3.23
N GLN C 387 30.69 -15.71 2.14
CA GLN C 387 29.50 -14.87 2.10
C GLN C 387 28.24 -15.65 1.67
N LEU C 388 28.37 -16.90 1.19
CA LEU C 388 27.26 -17.74 0.76
C LEU C 388 26.23 -18.06 1.85
N PRO C 389 26.60 -18.39 3.11
CA PRO C 389 25.56 -18.69 4.11
C PRO C 389 24.71 -17.50 4.53
N PHE C 390 25.01 -16.30 4.02
CA PHE C 390 24.32 -15.07 4.36
C PHE C 390 23.54 -14.46 3.17
N VAL C 391 23.40 -15.19 2.05
CA VAL C 391 22.65 -14.70 0.89
C VAL C 391 21.16 -14.84 1.21
N GLY C 392 20.43 -13.74 1.10
CA GLY C 392 19.01 -13.71 1.39
C GLY C 392 18.63 -13.10 2.72
N PHE C 393 19.63 -12.58 3.45
CA PHE C 393 19.40 -11.98 4.75
C PHE C 393 18.80 -10.58 4.63
N THR C 394 19.08 -9.86 3.54
CA THR C 394 18.57 -8.50 3.35
C THR C 394 17.04 -8.45 3.33
N TYR C 395 16.51 -7.49 4.09
CA TYR C 395 15.08 -7.27 4.22
C TYR C 395 14.82 -5.78 4.31
N TYR C 396 13.86 -5.29 3.52
CA TYR C 396 13.46 -3.90 3.57
C TYR C 396 11.94 -3.79 3.80
N SER C 397 11.56 -2.96 4.78
CA SER C 397 10.14 -2.70 5.04
C SER C 397 9.61 -1.65 4.05
N ASN C 398 10.45 -0.68 3.64
CA ASN C 398 10.05 0.39 2.72
C ASN C 398 9.69 -0.10 1.31
N SER D 2 16.57 11.96 1.31
CA SER D 2 17.64 11.20 0.68
C SER D 2 17.32 9.71 0.56
N PHE D 3 16.53 9.17 1.52
CA PHE D 3 16.19 7.75 1.52
C PHE D 3 15.29 7.33 0.34
N GLU D 4 14.24 8.13 0.01
CA GLU D 4 13.35 7.79 -1.11
C GLU D 4 14.03 7.96 -2.48
N THR D 5 15.04 8.84 -2.58
CA THR D 5 15.79 9.06 -3.82
C THR D 5 16.71 7.85 -4.07
N ARG D 6 17.37 7.36 -3.01
CA ARG D 6 18.22 6.18 -3.10
C ARG D 6 17.37 4.95 -3.41
N PHE D 7 16.20 4.83 -2.78
CA PHE D 7 15.27 3.72 -2.99
C PHE D 7 14.67 3.75 -4.40
N GLU D 8 14.40 4.95 -4.94
CA GLU D 8 13.83 5.05 -6.29
C GLU D 8 14.89 4.74 -7.34
N LYS D 9 16.13 5.23 -7.14
CA LYS D 9 17.25 4.95 -8.05
C LYS D 9 17.55 3.44 -8.12
N MET D 10 17.33 2.72 -7.02
CA MET D 10 17.53 1.28 -6.95
C MET D 10 16.48 0.55 -7.77
N ASP D 11 15.23 1.01 -7.74
CA ASP D 11 14.16 0.41 -8.52
C ASP D 11 14.37 0.65 -10.02
N ASN D 12 15.01 1.79 -10.39
CA ASN D 12 15.32 2.12 -11.78
C ASN D 12 16.26 1.06 -12.35
N LEU D 13 17.36 0.75 -11.62
CA LEU D 13 18.36 -0.25 -11.99
C LEU D 13 17.76 -1.65 -12.08
N LEU D 14 16.80 -1.95 -11.20
CA LEU D 14 16.13 -3.25 -11.14
C LEU D 14 15.11 -3.47 -12.25
N ARG D 15 14.62 -2.40 -12.88
CA ARG D 15 13.60 -2.54 -13.93
C ARG D 15 14.11 -2.21 -15.33
N ASP D 16 15.09 -1.31 -15.44
CA ASP D 16 15.69 -0.86 -16.69
C ASP D 16 16.25 -2.02 -17.51
N PRO D 17 15.68 -2.28 -18.71
CA PRO D 17 16.19 -3.39 -19.54
C PRO D 17 17.65 -3.23 -19.98
N LYS D 18 18.14 -1.99 -20.08
CA LYS D 18 19.54 -1.73 -20.45
C LYS D 18 20.48 -1.74 -19.23
N SER D 19 20.01 -2.15 -18.05
CA SER D 19 20.82 -2.17 -16.83
C SER D 19 21.51 -3.51 -16.63
N GLU D 20 22.71 -3.46 -16.05
CA GLU D 20 23.55 -4.62 -15.75
C GLU D 20 22.99 -5.49 -14.61
N VAL D 21 22.17 -4.89 -13.72
CA VAL D 21 21.60 -5.57 -12.55
C VAL D 21 20.07 -5.63 -12.56
N ASN D 22 19.46 -5.70 -13.76
CA ASN D 22 18.00 -5.82 -13.85
C ASN D 22 17.52 -7.17 -13.26
N SER D 23 16.20 -7.34 -13.11
CA SER D 23 15.65 -8.57 -12.53
C SER D 23 16.07 -9.86 -13.24
N ASP D 24 16.25 -9.81 -14.57
CA ASP D 24 16.67 -10.98 -15.33
C ASP D 24 18.17 -11.23 -15.16
N CYS D 25 18.98 -10.15 -15.11
CA CYS D 25 20.43 -10.26 -14.90
C CYS D 25 20.77 -10.78 -13.51
N LEU D 26 19.95 -10.43 -12.50
CA LEU D 26 20.18 -10.90 -11.14
C LEU D 26 19.86 -12.38 -11.00
N LEU D 27 18.80 -12.84 -11.68
CA LEU D 27 18.42 -14.25 -11.67
C LEU D 27 19.46 -15.13 -12.37
N ASP D 28 20.17 -14.57 -13.37
CA ASP D 28 21.22 -15.27 -14.10
C ASP D 28 22.37 -15.60 -13.17
N GLY D 29 22.72 -14.67 -12.29
CA GLY D 29 23.81 -14.84 -11.33
C GLY D 29 23.57 -15.99 -10.37
N LEU D 30 22.35 -16.09 -9.86
CA LEU D 30 21.99 -17.18 -8.95
C LEU D 30 21.96 -18.52 -9.69
N ASP D 31 21.48 -18.52 -10.94
CA ASP D 31 21.37 -19.69 -11.81
C ASP D 31 22.75 -20.26 -12.11
N ALA D 32 23.70 -19.37 -12.45
CA ALA D 32 25.09 -19.70 -12.76
C ALA D 32 25.81 -20.20 -11.52
N LEU D 33 25.54 -19.59 -10.35
CA LEU D 33 26.15 -20.00 -9.10
C LEU D 33 25.76 -21.43 -8.74
N VAL D 34 24.50 -21.82 -8.95
CA VAL D 34 24.08 -23.21 -8.67
C VAL D 34 24.71 -24.20 -9.67
N TYR D 35 24.94 -23.75 -10.92
CA TYR D 35 25.59 -24.56 -11.96
C TYR D 35 27.06 -24.81 -11.67
N ASP D 36 27.83 -23.75 -11.35
CA ASP D 36 29.27 -23.84 -11.09
C ASP D 36 29.66 -24.35 -9.70
N LEU D 37 28.69 -24.71 -8.85
CA LEU D 37 29.03 -25.16 -7.49
C LEU D 37 28.52 -26.56 -7.17
N ASP D 38 27.48 -27.02 -7.87
CA ASP D 38 26.91 -28.35 -7.61
C ASP D 38 27.74 -29.52 -8.15
N PHE D 39 28.92 -29.74 -7.54
CA PHE D 39 29.85 -30.81 -7.85
C PHE D 39 30.31 -31.42 -6.53
N PRO D 40 30.49 -32.75 -6.47
CA PRO D 40 30.85 -33.41 -5.21
C PRO D 40 32.13 -32.91 -4.53
N ALA D 41 33.14 -32.53 -5.31
CA ALA D 41 34.39 -32.00 -4.75
C ALA D 41 34.16 -30.65 -4.09
N LEU D 42 33.31 -29.80 -4.69
CA LEU D 42 33.00 -28.49 -4.15
C LEU D 42 32.06 -28.57 -2.92
N ARG D 43 31.20 -29.60 -2.88
CA ARG D 43 30.29 -29.85 -1.76
C ARG D 43 31.02 -30.16 -0.43
N LYS D 44 32.33 -30.46 -0.48
CA LYS D 44 33.17 -30.70 0.71
C LYS D 44 33.25 -29.40 1.56
N ASN D 45 33.20 -28.23 0.90
CA ASN D 45 33.20 -26.92 1.55
C ASN D 45 31.82 -26.75 2.17
N LYS D 46 31.76 -26.49 3.49
CA LYS D 46 30.47 -26.35 4.18
C LYS D 46 29.65 -25.19 3.64
N ASN D 47 30.30 -24.06 3.30
CA ASN D 47 29.63 -22.89 2.76
C ASN D 47 28.92 -23.21 1.46
N ILE D 48 29.57 -24.01 0.61
CA ILE D 48 29.02 -24.41 -0.67
C ILE D 48 27.90 -25.43 -0.50
N ASP D 49 28.14 -26.50 0.26
CA ASP D 49 27.14 -27.56 0.49
C ASP D 49 25.88 -27.04 1.16
N ASN D 50 26.03 -26.12 2.11
CA ASN D 50 24.86 -25.56 2.82
C ASN D 50 24.08 -24.62 1.92
N PHE D 51 24.78 -23.77 1.13
CA PHE D 51 24.15 -22.83 0.20
C PHE D 51 23.33 -23.56 -0.86
N LEU D 52 23.88 -24.66 -1.38
CA LEU D 52 23.23 -25.46 -2.41
C LEU D 52 22.00 -26.16 -1.90
N SER D 53 22.00 -26.59 -0.64
CA SER D 53 20.85 -27.25 -0.02
C SER D 53 19.70 -26.23 0.13
N ARG D 54 20.05 -25.00 0.52
CA ARG D 54 19.14 -23.89 0.76
C ARG D 54 18.50 -23.34 -0.54
N TYR D 55 19.21 -23.44 -1.67
CA TYR D 55 18.69 -22.87 -2.92
C TYR D 55 18.34 -23.89 -4.02
N LYS D 56 18.49 -25.19 -3.70
CA LYS D 56 18.23 -26.34 -4.55
C LYS D 56 16.77 -26.35 -5.03
N ASP D 57 15.85 -26.10 -4.09
CA ASP D 57 14.42 -26.14 -4.33
C ASP D 57 13.96 -25.01 -5.22
N THR D 58 14.36 -23.76 -4.89
CA THR D 58 13.91 -22.60 -5.62
C THR D 58 14.59 -22.47 -6.98
N ILE D 59 15.87 -22.87 -7.10
CA ILE D 59 16.57 -22.75 -8.38
C ILE D 59 15.99 -23.73 -9.41
N ASN D 60 15.55 -24.92 -8.96
CA ASN D 60 14.93 -25.90 -9.85
C ASN D 60 13.52 -25.41 -10.29
N LYS D 61 12.83 -24.71 -9.38
CA LYS D 61 11.52 -24.13 -9.60
C LYS D 61 11.63 -23.01 -10.64
N ILE D 62 12.62 -22.10 -10.47
CA ILE D 62 12.88 -20.98 -11.38
C ILE D 62 13.27 -21.44 -12.78
N ARG D 63 14.12 -22.48 -12.89
CA ARG D 63 14.50 -22.97 -14.22
C ARG D 63 13.30 -23.49 -15.02
N ASP D 64 12.25 -23.97 -14.32
CA ASP D 64 11.04 -24.44 -14.98
C ASP D 64 10.16 -23.26 -15.40
N LEU D 65 10.00 -22.27 -14.52
CA LEU D 65 9.17 -21.08 -14.79
C LEU D 65 9.74 -20.22 -15.90
N ARG D 66 11.07 -20.02 -15.89
CA ARG D 66 11.74 -19.21 -16.89
C ARG D 66 11.68 -19.86 -18.27
N MET D 67 11.89 -19.03 -19.32
CA MET D 67 11.88 -19.50 -20.69
C MET D 67 13.02 -20.48 -20.91
N LYS D 68 12.75 -21.58 -21.58
CA LYS D 68 13.73 -22.63 -21.87
C LYS D 68 13.61 -23.12 -23.32
N ALA D 69 14.57 -23.92 -23.80
CA ALA D 69 14.54 -24.44 -25.16
C ALA D 69 13.34 -25.35 -25.41
N GLU D 70 12.93 -26.14 -24.39
CA GLU D 70 11.79 -27.05 -24.47
C GLU D 70 10.45 -26.34 -24.73
N ASP D 71 10.38 -25.01 -24.52
CA ASP D 71 9.17 -24.24 -24.84
C ASP D 71 9.01 -24.09 -26.37
N TYR D 72 10.06 -24.40 -27.16
CA TYR D 72 10.04 -24.26 -28.60
C TYR D 72 10.14 -25.61 -29.30
N GLU D 73 9.42 -25.72 -30.41
CA GLU D 73 9.41 -26.88 -31.26
C GLU D 73 10.28 -26.55 -32.47
N VAL D 74 11.41 -27.25 -32.63
CA VAL D 74 12.31 -27.00 -33.77
C VAL D 74 11.64 -27.47 -35.06
N VAL D 75 11.67 -26.62 -36.09
CA VAL D 75 11.03 -26.92 -37.38
C VAL D 75 12.04 -27.24 -38.50
N LYS D 76 13.11 -26.43 -38.62
CA LYS D 76 14.10 -26.62 -39.69
C LYS D 76 15.37 -25.83 -39.38
N VAL D 77 16.57 -26.44 -39.46
CA VAL D 77 17.81 -25.71 -39.23
C VAL D 77 18.05 -24.86 -40.47
N ILE D 78 17.88 -23.54 -40.35
CA ILE D 78 17.99 -22.63 -41.49
C ILE D 78 19.35 -21.90 -41.60
N GLY D 79 20.34 -22.33 -40.83
CA GLY D 79 21.66 -21.73 -40.87
C GLY D 79 22.62 -22.37 -39.90
N ARG D 80 23.92 -22.22 -40.15
CA ARG D 80 24.94 -22.77 -39.26
C ARG D 80 26.20 -21.91 -39.29
N GLY D 81 26.90 -21.90 -38.17
CA GLY D 81 28.13 -21.15 -38.01
C GLY D 81 29.17 -21.89 -37.20
N ALA D 82 30.30 -21.23 -36.96
CA ALA D 82 31.39 -21.81 -36.18
C ALA D 82 30.99 -22.00 -34.72
N PHE D 83 30.23 -21.06 -34.17
CA PHE D 83 29.85 -21.06 -32.77
C PHE D 83 28.47 -21.69 -32.47
N GLY D 84 27.68 -22.02 -33.49
CA GLY D 84 26.35 -22.60 -33.30
C GLY D 84 25.52 -22.73 -34.56
N GLU D 85 24.21 -22.52 -34.44
CA GLU D 85 23.29 -22.65 -35.57
C GLU D 85 22.01 -21.81 -35.40
N VAL D 86 21.27 -21.58 -36.48
CA VAL D 86 20.02 -20.83 -36.45
C VAL D 86 18.87 -21.78 -36.83
N GLN D 87 17.86 -21.93 -35.98
CA GLN D 87 16.75 -22.84 -36.26
C GLN D 87 15.41 -22.09 -36.36
N LEU D 88 14.57 -22.47 -37.33
CA LEU D 88 13.23 -21.91 -37.43
C LEU D 88 12.44 -22.68 -36.38
N VAL D 89 11.98 -22.00 -35.34
CA VAL D 89 11.26 -22.65 -34.25
C VAL D 89 9.82 -22.14 -34.11
N ARG D 90 8.98 -22.89 -33.42
CA ARG D 90 7.61 -22.50 -33.16
C ARG D 90 7.34 -22.64 -31.68
N HIS D 91 6.79 -21.61 -31.03
CA HIS D 91 6.49 -21.67 -29.61
C HIS D 91 5.33 -22.64 -29.36
N LYS D 92 5.47 -23.51 -28.36
CA LYS D 92 4.41 -24.45 -28.02
C LYS D 92 3.22 -23.78 -27.29
N SER D 93 3.42 -22.55 -26.77
CA SER D 93 2.39 -21.77 -26.09
C SER D 93 1.79 -20.67 -26.98
N THR D 94 2.64 -19.75 -27.51
CA THR D 94 2.18 -18.63 -28.32
C THR D 94 1.89 -19.03 -29.80
N ARG D 95 2.32 -20.24 -30.22
CA ARG D 95 2.12 -20.80 -31.57
C ARG D 95 2.47 -19.82 -32.68
N LYS D 96 3.69 -19.30 -32.67
CA LYS D 96 4.14 -18.34 -33.67
C LYS D 96 5.50 -18.78 -34.27
N VAL D 97 5.89 -18.20 -35.42
CA VAL D 97 7.16 -18.53 -36.05
C VAL D 97 8.28 -17.53 -35.73
N TYR D 98 9.35 -18.02 -35.09
CA TYR D 98 10.49 -17.19 -34.72
C TYR D 98 11.79 -17.83 -35.20
N ALA D 99 12.83 -17.03 -35.42
CA ALA D 99 14.14 -17.54 -35.82
C ALA D 99 15.01 -17.53 -34.57
N MET D 100 15.52 -18.69 -34.18
CA MET D 100 16.32 -18.79 -32.95
C MET D 100 17.79 -19.07 -33.20
N LYS D 101 18.69 -18.20 -32.71
CA LYS D 101 20.12 -18.39 -32.85
C LYS D 101 20.69 -19.03 -31.59
N LEU D 102 21.45 -20.11 -31.74
CA LEU D 102 22.04 -20.83 -30.62
C LEU D 102 23.55 -20.65 -30.61
N LEU D 103 24.14 -20.40 -29.43
CA LEU D 103 25.58 -20.24 -29.30
C LEU D 103 26.07 -21.24 -28.24
N SER D 104 26.95 -22.16 -28.63
CA SER D 104 27.49 -23.19 -27.75
C SER D 104 28.45 -22.63 -26.70
N LYS D 105 28.09 -22.73 -25.41
CA LYS D 105 28.94 -22.29 -24.30
C LYS D 105 30.21 -23.15 -24.23
N PHE D 106 30.05 -24.48 -24.48
CA PHE D 106 31.08 -25.51 -24.50
C PHE D 106 32.20 -25.12 -25.46
N GLU D 107 31.87 -24.66 -26.67
CA GLU D 107 32.87 -24.27 -27.65
C GLU D 107 33.39 -22.84 -27.42
N MET D 108 32.53 -21.90 -26.97
CA MET D 108 32.93 -20.53 -26.65
C MET D 108 34.00 -20.51 -25.56
N ILE D 109 33.82 -21.30 -24.49
CA ILE D 109 34.81 -21.35 -23.40
C ILE D 109 36.09 -22.02 -23.88
N LYS D 110 35.96 -23.18 -24.58
CA LYS D 110 37.06 -23.95 -25.13
C LYS D 110 37.97 -23.09 -26.03
N ARG D 111 37.37 -22.29 -26.92
CA ARG D 111 38.14 -21.40 -27.81
C ARG D 111 38.47 -20.03 -27.21
N SER D 112 38.20 -19.84 -25.89
CA SER D 112 38.42 -18.60 -25.13
C SER D 112 37.83 -17.37 -25.81
N ASP D 113 36.62 -17.54 -26.36
CA ASP D 113 35.90 -16.49 -27.06
C ASP D 113 34.48 -16.47 -26.52
N SER D 114 34.22 -15.70 -25.45
CA SER D 114 32.89 -15.65 -24.85
C SER D 114 32.42 -14.23 -24.48
N ALA D 115 32.62 -13.26 -25.40
CA ALA D 115 32.19 -11.88 -25.15
C ALA D 115 31.80 -11.11 -26.43
N PHE D 116 31.74 -11.78 -27.58
CA PHE D 116 31.41 -11.16 -28.87
C PHE D 116 29.93 -10.85 -29.06
N PHE D 117 29.07 -11.63 -28.39
CA PHE D 117 27.61 -11.59 -28.50
C PHE D 117 26.93 -10.42 -27.79
N TRP D 118 27.65 -9.69 -26.93
CA TRP D 118 27.05 -8.59 -26.18
C TRP D 118 26.65 -7.43 -27.09
N GLU D 119 27.47 -7.16 -28.12
CA GLU D 119 27.26 -6.13 -29.13
C GLU D 119 26.07 -6.46 -30.03
N GLU D 120 25.86 -7.76 -30.30
CA GLU D 120 24.76 -8.24 -31.13
C GLU D 120 23.43 -8.11 -30.37
N ARG D 121 23.45 -8.37 -29.06
CA ARG D 121 22.26 -8.30 -28.20
C ARG D 121 21.76 -6.87 -28.01
N ASP D 122 22.67 -5.93 -27.70
CA ASP D 122 22.32 -4.51 -27.50
C ASP D 122 21.78 -3.83 -28.76
N ILE D 123 22.13 -4.34 -29.95
CA ILE D 123 21.63 -3.78 -31.19
C ILE D 123 20.24 -4.33 -31.51
N MET D 124 20.10 -5.65 -31.59
CA MET D 124 18.83 -6.27 -31.96
C MET D 124 17.67 -6.03 -31.02
N ALA D 125 17.93 -5.87 -29.72
CA ALA D 125 16.84 -5.69 -28.77
C ALA D 125 16.51 -4.22 -28.52
N PHE D 126 17.50 -3.31 -28.64
CA PHE D 126 17.24 -1.90 -28.37
C PHE D 126 17.16 -0.99 -29.60
N ALA D 127 17.50 -1.47 -30.80
CA ALA D 127 17.45 -0.63 -32.01
C ALA D 127 16.09 -0.02 -32.26
N ASN D 128 15.00 -0.81 -32.08
CA ASN D 128 13.61 -0.41 -32.31
C ASN D 128 13.46 0.26 -33.68
N SER D 129 14.02 -0.38 -34.71
CA SER D 129 14.06 0.16 -36.06
C SER D 129 13.51 -0.85 -37.06
N PRO D 130 12.80 -0.38 -38.08
CA PRO D 130 12.33 -1.31 -39.13
C PRO D 130 13.47 -1.90 -39.97
N TRP D 131 14.69 -1.34 -39.86
CA TRP D 131 15.87 -1.76 -40.60
C TRP D 131 16.77 -2.74 -39.85
N VAL D 132 16.43 -3.09 -38.61
CA VAL D 132 17.23 -3.98 -37.78
C VAL D 132 16.33 -5.10 -37.27
N VAL D 133 16.76 -6.37 -37.41
CA VAL D 133 16.00 -7.54 -36.94
C VAL D 133 15.82 -7.44 -35.43
N GLN D 134 14.58 -7.58 -34.95
CA GLN D 134 14.30 -7.43 -33.53
C GLN D 134 14.51 -8.70 -32.71
N LEU D 135 15.00 -8.53 -31.46
CA LEU D 135 15.27 -9.59 -30.50
C LEU D 135 14.14 -9.61 -29.49
N PHE D 136 13.23 -10.58 -29.59
CA PHE D 136 12.10 -10.67 -28.66
C PHE D 136 12.53 -11.20 -27.29
N TYR D 137 13.20 -12.36 -27.25
CA TYR D 137 13.65 -12.98 -26.00
C TYR D 137 15.07 -13.50 -26.12
N ALA D 138 15.79 -13.48 -25.03
CA ALA D 138 17.14 -14.02 -24.95
C ALA D 138 17.21 -14.82 -23.67
N PHE D 139 17.59 -16.09 -23.76
CA PHE D 139 17.67 -16.94 -22.57
C PHE D 139 18.89 -17.86 -22.66
N GLN D 140 19.07 -18.73 -21.66
CA GLN D 140 20.21 -19.63 -21.63
C GLN D 140 19.99 -20.80 -20.70
N ASP D 141 20.75 -21.85 -20.93
CA ASP D 141 20.82 -23.00 -20.05
C ASP D 141 22.33 -23.23 -19.74
N ASP D 142 22.71 -24.44 -19.30
CA ASP D 142 24.11 -24.73 -19.01
C ASP D 142 24.97 -24.90 -20.27
N ARG D 143 24.34 -25.26 -21.40
CA ARG D 143 25.05 -25.54 -22.65
C ARG D 143 24.98 -24.46 -23.73
N TYR D 144 23.85 -23.75 -23.87
CA TYR D 144 23.72 -22.77 -24.96
C TYR D 144 23.10 -21.42 -24.56
N LEU D 145 23.40 -20.39 -25.38
CA LEU D 145 22.80 -19.07 -25.34
C LEU D 145 21.72 -19.10 -26.43
N TYR D 146 20.56 -18.50 -26.19
CA TYR D 146 19.48 -18.53 -27.16
C TYR D 146 19.02 -17.13 -27.51
N MET D 147 18.82 -16.87 -28.80
CA MET D 147 18.35 -15.57 -29.25
C MET D 147 17.10 -15.74 -30.09
N VAL D 148 15.93 -15.38 -29.56
CA VAL D 148 14.66 -15.48 -30.28
C VAL D 148 14.42 -14.17 -31.03
N MET D 149 14.53 -14.21 -32.34
CA MET D 149 14.36 -13.01 -33.17
C MET D 149 13.22 -13.18 -34.19
N GLU D 150 12.82 -12.08 -34.88
CA GLU D 150 11.76 -12.19 -35.88
C GLU D 150 12.21 -13.04 -37.07
N TYR D 151 11.28 -13.80 -37.62
CA TYR D 151 11.52 -14.70 -38.74
C TYR D 151 11.44 -13.95 -40.08
N MET D 152 12.54 -13.94 -40.83
CA MET D 152 12.63 -13.26 -42.13
C MET D 152 12.76 -14.31 -43.21
N PRO D 153 11.64 -14.70 -43.85
CA PRO D 153 11.72 -15.75 -44.87
C PRO D 153 12.18 -15.32 -46.27
N GLY D 154 12.35 -14.01 -46.48
CA GLY D 154 12.80 -13.48 -47.76
C GLY D 154 14.23 -13.82 -48.14
N GLY D 155 15.01 -14.30 -47.18
CA GLY D 155 16.38 -14.70 -47.41
C GLY D 155 17.36 -13.55 -47.55
N ASP D 156 18.66 -13.85 -47.59
CA ASP D 156 19.68 -12.82 -47.73
C ASP D 156 19.78 -12.26 -49.16
N LEU D 157 20.56 -11.19 -49.37
CA LEU D 157 20.73 -10.60 -50.69
C LEU D 157 21.59 -11.44 -51.65
N VAL D 158 22.33 -12.43 -51.12
CA VAL D 158 23.16 -13.34 -51.91
C VAL D 158 22.23 -14.19 -52.79
N ASN D 159 21.14 -14.70 -52.18
CA ASN D 159 20.10 -15.52 -52.80
C ASN D 159 19.33 -14.74 -53.87
N LEU D 160 19.09 -13.44 -53.63
CA LEU D 160 18.42 -12.58 -54.60
C LEU D 160 19.32 -12.30 -55.80
N MET D 161 20.60 -12.00 -55.56
CA MET D 161 21.53 -11.71 -56.64
C MET D 161 21.82 -12.90 -57.53
N SER D 162 21.74 -14.12 -56.99
CA SER D 162 21.95 -15.32 -57.78
C SER D 162 20.75 -15.57 -58.71
N ASN D 163 19.53 -15.45 -58.18
CA ASN D 163 18.31 -15.72 -58.95
C ASN D 163 17.90 -14.64 -59.93
N TYR D 164 18.50 -13.43 -59.87
CA TYR D 164 18.07 -12.34 -60.73
C TYR D 164 19.18 -11.52 -61.35
N ASP D 165 18.88 -10.91 -62.51
CA ASP D 165 19.74 -9.95 -63.17
C ASP D 165 19.23 -8.66 -62.58
N VAL D 166 19.99 -8.05 -61.67
CA VAL D 166 19.54 -6.86 -60.97
C VAL D 166 19.60 -5.61 -61.82
N PRO D 167 18.43 -5.06 -62.22
CA PRO D 167 18.45 -3.79 -62.95
C PRO D 167 18.76 -2.61 -62.02
N GLU D 168 19.05 -1.44 -62.59
CA GLU D 168 19.37 -0.24 -61.80
C GLU D 168 18.26 0.21 -60.87
N LYS D 169 17.00 0.06 -61.28
CA LYS D 169 15.86 0.45 -60.44
C LYS D 169 15.83 -0.37 -59.15
N TRP D 170 16.19 -1.65 -59.23
CA TRP D 170 16.24 -2.54 -58.08
C TRP D 170 17.45 -2.20 -57.22
N ALA D 171 18.62 -2.05 -57.84
CA ALA D 171 19.88 -1.72 -57.16
C ALA D 171 19.76 -0.43 -56.36
N ARG D 172 19.04 0.57 -56.90
CA ARG D 172 18.82 1.85 -56.23
C ARG D 172 17.92 1.72 -55.00
N PHE D 173 17.01 0.73 -54.98
CA PHE D 173 16.13 0.44 -53.86
C PHE D 173 16.90 -0.29 -52.76
N TYR D 174 17.64 -1.35 -53.12
CA TYR D 174 18.42 -2.11 -52.14
C TYR D 174 19.54 -1.30 -51.57
N THR D 175 20.23 -0.48 -52.38
CA THR D 175 21.31 0.37 -51.86
C THR D 175 20.76 1.37 -50.85
N ALA D 176 19.65 2.04 -51.20
CA ALA D 176 19.00 3.02 -50.29
C ALA D 176 18.55 2.39 -48.97
N GLU D 177 18.04 1.15 -49.01
CA GLU D 177 17.62 0.48 -47.77
C GLU D 177 18.80 0.08 -46.90
N VAL D 178 19.94 -0.27 -47.52
CA VAL D 178 21.17 -0.58 -46.79
C VAL D 178 21.74 0.71 -46.16
N VAL D 179 21.61 1.85 -46.87
CA VAL D 179 22.04 3.15 -46.36
C VAL D 179 21.15 3.53 -45.14
N LEU D 180 19.83 3.31 -45.24
CA LEU D 180 18.84 3.57 -44.18
C LEU D 180 19.02 2.63 -42.96
N ALA D 181 19.51 1.42 -43.19
CA ALA D 181 19.77 0.44 -42.14
C ALA D 181 21.08 0.76 -41.42
N LEU D 182 22.15 1.09 -42.17
CA LEU D 182 23.45 1.44 -41.59
C LEU D 182 23.39 2.73 -40.79
N ASP D 183 22.56 3.68 -41.23
CA ASP D 183 22.40 4.95 -40.50
C ASP D 183 21.71 4.71 -39.16
N ALA D 184 20.76 3.76 -39.09
CA ALA D 184 20.09 3.46 -37.82
C ALA D 184 21.09 2.87 -36.82
N ILE D 185 22.00 2.02 -37.30
CA ILE D 185 23.05 1.40 -36.51
C ILE D 185 24.10 2.44 -36.08
N HIS D 186 24.50 3.32 -37.02
CA HIS D 186 25.45 4.40 -36.77
C HIS D 186 24.89 5.43 -35.77
N SER D 187 23.56 5.63 -35.77
CA SER D 187 22.87 6.53 -34.84
C SER D 187 22.90 5.99 -33.42
N MET D 188 22.89 4.66 -33.25
CA MET D 188 22.98 4.02 -31.94
C MET D 188 24.40 4.09 -31.35
N GLY D 189 25.41 4.37 -32.18
CA GLY D 189 26.81 4.48 -31.80
C GLY D 189 27.74 3.47 -32.44
N PHE D 190 27.18 2.31 -32.84
CA PHE D 190 27.91 1.19 -33.41
C PHE D 190 28.35 1.32 -34.87
N ILE D 191 29.46 0.66 -35.21
CA ILE D 191 30.03 0.61 -36.55
C ILE D 191 30.24 -0.86 -36.94
N HIS D 192 29.53 -1.34 -37.97
CA HIS D 192 29.66 -2.73 -38.39
C HIS D 192 30.68 -2.89 -39.51
N ARG D 193 31.87 -3.40 -39.18
CA ARG D 193 32.96 -3.58 -40.15
C ARG D 193 32.88 -4.85 -40.99
N ASP D 194 31.67 -5.40 -41.19
CA ASP D 194 31.50 -6.63 -41.98
C ASP D 194 30.19 -6.60 -42.78
N VAL D 195 30.05 -5.61 -43.67
CA VAL D 195 28.86 -5.47 -44.49
C VAL D 195 28.90 -6.36 -45.74
N LYS D 196 28.13 -7.45 -45.72
CA LYS D 196 28.04 -8.41 -46.83
C LYS D 196 26.56 -8.67 -47.16
N PRO D 197 26.23 -9.02 -48.42
CA PRO D 197 24.83 -9.36 -48.75
C PRO D 197 24.19 -10.42 -47.87
N ASP D 198 25.01 -11.24 -47.18
CA ASP D 198 24.52 -12.26 -46.25
C ASP D 198 23.79 -11.61 -45.07
N ASN D 199 24.25 -10.44 -44.64
CA ASN D 199 23.67 -9.66 -43.54
C ASN D 199 22.31 -9.06 -43.94
N MET D 200 22.13 -8.72 -45.22
CA MET D 200 20.92 -8.11 -45.77
C MET D 200 19.74 -9.09 -45.86
N LEU D 201 18.98 -9.25 -44.77
CA LEU D 201 17.80 -10.13 -44.77
C LEU D 201 16.56 -9.43 -45.36
N LEU D 202 15.59 -10.21 -45.83
CA LEU D 202 14.36 -9.66 -46.39
C LEU D 202 13.15 -10.22 -45.66
N ASP D 203 12.19 -9.36 -45.32
CA ASP D 203 11.00 -9.79 -44.60
C ASP D 203 9.91 -10.35 -45.54
N LYS D 204 8.69 -10.59 -45.03
CA LYS D 204 7.60 -11.11 -45.86
C LYS D 204 7.07 -10.09 -46.89
N SER D 205 7.52 -8.81 -46.83
CA SER D 205 7.11 -7.81 -47.82
C SER D 205 8.22 -7.46 -48.84
N GLY D 206 9.41 -8.05 -48.71
CA GLY D 206 10.49 -7.79 -49.63
C GLY D 206 11.37 -6.61 -49.28
N HIS D 207 11.27 -6.10 -48.05
CA HIS D 207 12.10 -4.99 -47.60
C HIS D 207 13.28 -5.47 -46.75
N LEU D 208 14.37 -4.70 -46.76
CA LEU D 208 15.62 -4.99 -46.05
C LEU D 208 15.53 -4.82 -44.54
N LYS D 209 16.14 -5.77 -43.81
CA LYS D 209 16.24 -5.78 -42.35
C LYS D 209 17.60 -6.36 -42.00
N LEU D 210 18.60 -5.52 -41.70
CA LEU D 210 19.94 -5.98 -41.36
C LEU D 210 20.03 -6.86 -40.11
N ALA D 211 20.80 -7.96 -40.18
CA ALA D 211 20.99 -8.91 -39.09
C ALA D 211 22.51 -9.29 -38.95
N ASP D 212 22.89 -10.00 -37.84
CA ASP D 212 24.27 -10.41 -37.52
C ASP D 212 25.18 -9.22 -37.26
N PHE D 213 25.47 -8.97 -35.98
CA PHE D 213 26.29 -7.84 -35.57
C PHE D 213 27.43 -8.34 -34.69
N GLY D 214 28.10 -9.40 -35.13
CA GLY D 214 29.20 -10.02 -34.42
C GLY D 214 30.40 -9.14 -34.13
N THR D 215 30.88 -8.42 -35.16
CA THR D 215 32.06 -7.56 -34.99
C THR D 215 31.68 -6.08 -35.10
N CYS D 216 31.18 -5.49 -34.01
CA CYS D 216 30.79 -4.08 -34.00
C CYS D 216 31.46 -3.33 -32.83
N MET D 217 31.84 -2.07 -33.04
CA MET D 217 32.49 -1.28 -31.98
C MET D 217 32.08 0.19 -32.05
N ARG D 253 34.05 5.77 -40.20
CA ARG D 253 32.84 5.28 -40.86
C ARG D 253 33.05 4.99 -42.35
N GLU D 254 34.13 5.52 -42.96
CA GLU D 254 34.42 5.33 -44.38
C GLU D 254 34.88 3.90 -44.72
N CYS D 255 35.31 3.10 -43.72
CA CYS D 255 35.62 1.69 -43.97
C CYS D 255 34.29 0.90 -44.05
N ASP D 256 33.30 1.28 -43.20
CA ASP D 256 31.97 0.72 -43.11
C ASP D 256 31.17 1.09 -44.37
N TRP D 257 31.34 2.33 -44.88
CA TRP D 257 30.63 2.74 -46.08
C TRP D 257 31.24 2.18 -47.37
N TRP D 258 32.50 1.72 -47.32
CA TRP D 258 33.12 1.08 -48.48
C TRP D 258 32.55 -0.33 -48.73
N SER D 259 31.86 -0.93 -47.73
CA SER D 259 31.19 -2.23 -47.86
C SER D 259 29.97 -2.10 -48.80
N VAL D 260 29.31 -0.91 -48.84
CA VAL D 260 28.20 -0.59 -49.74
C VAL D 260 28.73 -0.53 -51.22
N GLY D 261 29.97 -0.10 -51.40
CA GLY D 261 30.65 -0.07 -52.69
C GLY D 261 30.96 -1.47 -53.18
N VAL D 262 31.31 -2.39 -52.25
CA VAL D 262 31.56 -3.79 -52.59
C VAL D 262 30.24 -4.43 -53.04
N PHE D 263 29.14 -4.11 -52.34
CA PHE D 263 27.79 -4.58 -52.67
C PHE D 263 27.33 -4.08 -54.05
N LEU D 264 27.55 -2.80 -54.35
CA LEU D 264 27.20 -2.21 -55.64
C LEU D 264 28.02 -2.85 -56.79
N TYR D 265 29.33 -3.11 -56.56
CA TYR D 265 30.20 -3.78 -57.53
C TYR D 265 29.67 -5.18 -57.78
N GLU D 266 29.40 -5.97 -56.71
CA GLU D 266 28.87 -7.32 -56.89
C GLU D 266 27.60 -7.37 -57.74
N MET D 267 26.75 -6.33 -57.66
CA MET D 267 25.56 -6.25 -58.50
C MET D 267 25.97 -5.90 -59.93
N VAL D 269 9.68 -8.51 -53.18
CA VAL D 269 8.24 -8.73 -53.10
C VAL D 269 7.91 -10.21 -53.33
N PRO D 353 7.98 -11.05 -52.28
CA PRO D 353 7.76 -12.49 -52.48
C PRO D 353 6.38 -13.04 -52.12
N ASP D 354 6.07 -14.23 -52.65
CA ASP D 354 4.81 -14.93 -52.39
C ASP D 354 5.13 -16.14 -51.50
N LEU D 355 4.36 -16.31 -50.44
CA LEU D 355 4.57 -17.43 -49.52
C LEU D 355 3.23 -17.94 -49.00
N SER D 356 2.67 -18.97 -49.65
CA SER D 356 1.37 -19.54 -49.27
C SER D 356 1.37 -20.27 -47.91
N SER D 357 2.55 -20.57 -47.37
CA SER D 357 2.71 -21.20 -46.06
C SER D 357 3.90 -20.54 -45.32
N ASP D 358 3.97 -20.70 -43.98
CA ASP D 358 5.08 -20.09 -43.22
C ASP D 358 6.43 -20.76 -43.47
N ILE D 359 6.48 -22.09 -43.58
CA ILE D 359 7.74 -22.79 -43.83
C ILE D 359 8.02 -22.90 -45.35
N ASP D 360 8.99 -22.12 -45.83
CA ASP D 360 9.42 -22.11 -47.22
C ASP D 360 10.94 -22.16 -47.23
N THR D 361 11.54 -23.36 -47.33
CA THR D 361 13.00 -23.51 -47.33
C THR D 361 13.61 -22.98 -48.63
N SER D 362 13.86 -21.67 -48.67
CA SER D 362 14.44 -21.00 -49.83
C SER D 362 15.93 -20.66 -49.64
N ASN D 363 16.56 -21.11 -48.54
CA ASN D 363 17.97 -20.83 -48.25
C ASN D 363 18.72 -22.09 -47.83
N PHE D 383 36.48 -24.55 -8.09
CA PHE D 383 35.51 -23.68 -8.74
C PHE D 383 36.11 -23.12 -10.02
N VAL D 384 35.47 -23.37 -11.16
CA VAL D 384 35.97 -22.89 -12.46
C VAL D 384 35.26 -21.60 -12.89
N GLY D 385 33.94 -21.58 -12.70
CA GLY D 385 33.14 -20.40 -13.05
C GLY D 385 32.89 -20.23 -14.53
N ASN D 386 32.59 -21.33 -15.22
CA ASN D 386 32.34 -21.28 -16.67
C ASN D 386 31.06 -20.54 -17.07
N GLN D 387 30.07 -20.44 -16.18
CA GLN D 387 28.83 -19.74 -16.49
C GLN D 387 28.89 -18.24 -16.22
N LEU D 388 29.94 -17.75 -15.53
CA LEU D 388 30.15 -16.33 -15.20
C LEU D 388 30.18 -15.40 -16.42
N PRO D 389 30.84 -15.74 -17.56
CA PRO D 389 30.83 -14.80 -18.70
C PRO D 389 29.47 -14.66 -19.40
N PHE D 390 28.44 -15.40 -18.94
CA PHE D 390 27.11 -15.35 -19.54
C PHE D 390 26.03 -14.74 -18.62
N VAL D 391 26.41 -14.27 -17.43
CA VAL D 391 25.48 -13.67 -16.49
C VAL D 391 25.04 -12.32 -17.06
N GLY D 392 23.74 -12.14 -17.20
CA GLY D 392 23.17 -10.91 -17.73
C GLY D 392 22.71 -10.99 -19.18
N PHE D 393 22.77 -12.18 -19.78
CA PHE D 393 22.38 -12.37 -21.16
C PHE D 393 20.84 -12.43 -21.31
N THR D 394 20.13 -12.89 -20.27
CA THR D 394 18.67 -13.03 -20.34
C THR D 394 17.96 -11.69 -20.57
N TYR D 395 16.89 -11.72 -21.38
CA TYR D 395 16.04 -10.59 -21.73
C TYR D 395 14.61 -10.88 -21.31
#